data_6UD5
#
_entry.id   6UD5
#
_cell.length_a   144.725
_cell.length_b   154.493
_cell.length_c   88.306
_cell.angle_alpha   90.000
_cell.angle_beta   90.000
_cell.angle_gamma   90.000
#
_symmetry.space_group_name_H-M   'P 21 21 2'
#
loop_
_entity.id
_entity.type
_entity.pdbx_description
1 polymer 'Tryptophan 2,3-dioxygenase'
2 non-polymer 'PROTOPORPHYRIN IX CONTAINING FE'
3 non-polymer 'CARBON MONOXIDE'
4 non-polymer TRYPTOPHAN
5 water water
#
_entity_poly.entity_id   1
_entity_poly.type   'polypeptide(L)'
_entity_poly.pdbx_seq_one_letter_code
;MLPVEGSEEDKSQTGVNRASKGGLIYGNYLHLEKVLNAQELQSETKGNKIHDEHLFIITHQAYELWFKQILWELDSVREI
FQNGHVRDERNMLKVVSRMHRVSVILKLLVQQFSILETMTALDFNDFREYLSPASGFQSLQFRLLENKIGVLQNMRVPYN
RRHYRDNFKGEENELLLKSEQEKTLLELVEAWLERTPGLEPHGFNFWGKLEKNITRGLEEEFIRIQAKEESEEKEEQVAE
FQKQKEVLLSLFDEKRHEHLLSKGERRLSYRALQGALMIYFYREEPRFQVPFQLLTSLMDIDSLMTKWRYNHVCMVHRML
GSKAGTGGSSGYHYLRSTVSDRYKVFVDLFNLSTYLIPRHWIPKMNPTIHKFLEHHHHHH
;
_entity_poly.pdbx_strand_id   A,B,C,D
#
loop_
_chem_comp.id
_chem_comp.type
_chem_comp.name
_chem_comp.formula
CMO non-polymer 'CARBON MONOXIDE' 'C O'
HEM non-polymer 'PROTOPORPHYRIN IX CONTAINING FE' 'C34 H32 Fe N4 O4'
#
# COMPACT_ATOMS: atom_id res chain seq x y z
N GLY A 23 35.02 -1.48 17.93
CA GLY A 23 34.23 -0.76 16.90
C GLY A 23 32.73 -1.02 17.08
N LEU A 24 31.89 -0.11 16.58
CA LEU A 24 30.41 -0.23 16.68
C LEU A 24 29.95 -1.45 15.88
N ILE A 25 29.06 -2.25 16.47
CA ILE A 25 28.43 -3.45 15.85
C ILE A 25 26.92 -3.22 15.73
N TYR A 26 26.35 -3.58 14.57
CA TYR A 26 24.92 -3.42 14.17
C TYR A 26 23.98 -3.73 15.33
N GLY A 27 24.08 -4.95 15.88
CA GLY A 27 23.19 -5.45 16.94
C GLY A 27 23.33 -4.66 18.23
N ASN A 28 24.54 -4.17 18.52
CA ASN A 28 24.81 -3.34 19.72
C ASN A 28 24.20 -1.96 19.49
N TYR A 29 24.47 -1.35 18.34
CA TYR A 29 23.98 0.00 17.94
C TYR A 29 22.47 0.08 18.18
N LEU A 30 21.72 -0.96 17.74
CA LEU A 30 20.23 -1.03 17.74
C LEU A 30 19.70 -1.65 19.03
N HIS A 31 20.58 -2.02 19.97
CA HIS A 31 20.23 -2.68 21.26
C HIS A 31 19.27 -3.83 21.00
N LEU A 32 19.59 -4.68 20.03
CA LEU A 32 18.79 -5.90 19.72
C LEU A 32 18.83 -6.87 20.91
N GLU A 33 19.82 -6.75 21.82
CA GLU A 33 19.88 -7.56 23.06
C GLU A 33 18.65 -7.25 23.93
N LYS A 34 18.00 -6.10 23.70
CA LYS A 34 16.73 -5.73 24.36
C LYS A 34 15.54 -6.06 23.44
N VAL A 35 15.57 -5.56 22.20
CA VAL A 35 14.43 -5.60 21.24
C VAL A 35 14.06 -7.06 20.97
N LEU A 36 15.07 -7.93 20.75
CA LEU A 36 14.87 -9.35 20.31
C LEU A 36 14.94 -10.31 21.51
N ASN A 37 14.94 -9.81 22.75
CA ASN A 37 14.77 -10.63 23.98
C ASN A 37 13.58 -10.08 24.78
N ALA A 38 12.55 -9.56 24.10
CA ALA A 38 11.36 -8.93 24.73
C ALA A 38 10.08 -9.71 24.40
N GLN A 39 10.22 -10.94 23.88
CA GLN A 39 9.09 -11.79 23.42
C GLN A 39 8.89 -12.96 24.39
N GLU A 40 7.87 -12.87 25.23
CA GLU A 40 7.49 -13.89 26.23
C GLU A 40 6.02 -14.25 26.01
N LEU A 41 5.73 -15.45 25.51
CA LEU A 41 4.34 -15.92 25.26
C LEU A 41 3.72 -16.34 26.61
N GLN A 42 2.66 -15.65 27.04
CA GLN A 42 1.95 -15.95 28.31
C GLN A 42 1.34 -17.36 28.21
N SER A 43 0.88 -17.75 27.02
CA SER A 43 0.40 -19.12 26.73
C SER A 43 1.48 -20.14 27.14
N GLU A 44 2.73 -19.92 26.72
CA GLU A 44 3.89 -20.79 27.03
C GLU A 44 4.21 -20.74 28.54
N THR A 45 4.12 -19.56 29.14
CA THR A 45 4.45 -19.34 30.58
C THR A 45 3.50 -20.17 31.45
N LYS A 46 2.26 -20.38 31.00
CA LYS A 46 1.24 -21.26 31.64
C LYS A 46 1.26 -22.66 31.00
N GLY A 47 2.38 -23.06 30.40
CA GLY A 47 2.63 -24.40 29.81
C GLY A 47 1.61 -24.84 28.77
N ASN A 48 1.06 -23.91 27.98
CA ASN A 48 0.13 -24.21 26.86
C ASN A 48 0.44 -23.30 25.67
N LYS A 49 1.67 -23.37 25.14
CA LYS A 49 2.20 -22.47 24.08
C LYS A 49 1.27 -22.48 22.87
N ILE A 50 0.78 -21.30 22.45
CA ILE A 50 -0.05 -21.11 21.24
C ILE A 50 0.78 -20.31 20.22
N HIS A 51 1.01 -20.90 19.04
CA HIS A 51 1.93 -20.40 18.00
C HIS A 51 1.64 -18.92 17.68
N ASP A 52 0.37 -18.56 17.51
CA ASP A 52 -0.01 -17.23 16.98
C ASP A 52 0.17 -16.13 18.03
N GLU A 53 0.41 -16.46 19.30
CA GLU A 53 0.61 -15.43 20.35
C GLU A 53 1.88 -14.64 20.01
N HIS A 54 2.89 -15.29 19.42
CA HIS A 54 4.15 -14.65 18.99
C HIS A 54 3.86 -13.49 18.02
N LEU A 55 3.01 -13.73 17.02
CA LEU A 55 2.62 -12.69 16.01
C LEU A 55 1.93 -11.53 16.73
N PHE A 56 1.03 -11.86 17.66
CA PHE A 56 0.26 -10.91 18.50
C PHE A 56 1.23 -9.94 19.20
N ILE A 57 2.24 -10.51 19.85
CA ILE A 57 3.23 -9.72 20.65
C ILE A 57 4.04 -8.83 19.69
N ILE A 58 4.63 -9.41 18.64
CA ILE A 58 5.50 -8.67 17.68
C ILE A 58 4.71 -7.50 17.09
N THR A 59 3.44 -7.71 16.72
CA THR A 59 2.58 -6.70 16.05
C THR A 59 2.43 -5.48 16.96
N HIS A 60 2.09 -5.71 18.23
CA HIS A 60 1.92 -4.62 19.24
C HIS A 60 3.28 -3.94 19.47
N GLN A 61 4.36 -4.71 19.59
CA GLN A 61 5.72 -4.16 19.83
C GLN A 61 6.09 -3.23 18.67
N ALA A 62 5.79 -3.63 17.43
CA ALA A 62 6.09 -2.83 16.22
C ALA A 62 5.25 -1.54 16.26
N TYR A 63 3.95 -1.63 16.58
CA TYR A 63 3.10 -0.42 16.73
C TYR A 63 3.71 0.55 17.75
N GLU A 64 4.26 0.03 18.86
CA GLU A 64 4.73 0.85 20.01
C GLU A 64 6.06 1.54 19.63
N LEU A 65 6.95 0.86 18.91
CA LEU A 65 8.17 1.48 18.32
C LEU A 65 7.74 2.69 17.48
N TRP A 66 6.70 2.55 16.66
CA TRP A 66 6.26 3.61 15.70
C TRP A 66 5.55 4.74 16.46
N PHE A 67 4.74 4.43 17.47
CA PHE A 67 4.14 5.43 18.39
C PHE A 67 5.28 6.27 18.99
N LYS A 68 6.36 5.62 19.42
CA LYS A 68 7.52 6.30 20.04
C LYS A 68 8.16 7.25 19.02
N GLN A 69 8.27 6.83 17.75
CA GLN A 69 8.82 7.69 16.66
C GLN A 69 7.90 8.88 16.42
N ILE A 70 6.58 8.66 16.36
CA ILE A 70 5.57 9.74 16.15
C ILE A 70 5.70 10.75 17.30
N LEU A 71 5.79 10.27 18.55
CA LEU A 71 5.96 11.14 19.74
C LEU A 71 7.23 11.99 19.59
N TRP A 72 8.34 11.37 19.16
CA TRP A 72 9.65 12.04 18.90
C TRP A 72 9.48 13.15 17.86
N GLU A 73 8.78 12.88 16.76
CA GLU A 73 8.57 13.89 15.69
C GLU A 73 7.69 15.00 16.26
N LEU A 74 6.59 14.61 16.89
CA LEU A 74 5.52 15.51 17.39
C LEU A 74 6.08 16.43 18.48
N ASP A 75 6.85 15.91 19.44
CA ASP A 75 7.46 16.72 20.54
C ASP A 75 8.46 17.71 19.94
N SER A 76 9.26 17.30 18.95
CA SER A 76 10.25 18.20 18.30
C SER A 76 9.53 19.37 17.61
N VAL A 77 8.34 19.14 17.05
CA VAL A 77 7.56 20.19 16.34
C VAL A 77 6.87 21.08 17.37
N ARG A 78 6.30 20.50 18.44
CA ARG A 78 5.76 21.26 19.59
C ARG A 78 6.85 22.22 20.09
N GLU A 79 8.06 21.72 20.36
CA GLU A 79 9.22 22.53 20.85
C GLU A 79 9.51 23.68 19.88
N ILE A 80 9.56 23.44 18.56
CA ILE A 80 9.86 24.49 17.54
C ILE A 80 8.82 25.61 17.64
N PHE A 81 7.55 25.28 17.93
CA PHE A 81 6.46 26.27 18.13
C PHE A 81 6.64 26.96 19.49
N GLN A 82 6.83 26.19 20.56
CA GLN A 82 6.89 26.64 21.97
C GLN A 82 8.04 27.62 22.21
N ASN A 83 9.23 27.31 21.67
CA ASN A 83 10.48 28.08 21.92
C ASN A 83 10.59 29.25 20.93
N GLY A 84 9.64 29.39 20.01
CA GLY A 84 9.54 30.54 19.09
C GLY A 84 10.38 30.40 17.83
N HIS A 85 11.11 29.29 17.65
CA HIS A 85 11.93 29.03 16.44
C HIS A 85 11.05 29.03 15.19
N VAL A 86 9.77 28.69 15.32
CA VAL A 86 8.76 28.68 14.21
C VAL A 86 8.64 30.09 13.61
N ARG A 87 9.00 31.13 14.36
CA ARG A 87 8.91 32.54 13.88
C ARG A 87 9.88 32.73 12.71
N ASP A 88 11.05 32.08 12.77
CA ASP A 88 12.03 32.10 11.66
C ASP A 88 11.58 31.09 10.60
N GLU A 89 11.22 31.57 9.41
CA GLU A 89 10.50 30.77 8.39
C GLU A 89 11.47 29.81 7.68
N ARG A 90 12.78 29.93 7.93
CA ARG A 90 13.79 28.90 7.58
C ARG A 90 13.36 27.53 8.13
N ASN A 91 12.64 27.50 9.26
CA ASN A 91 12.33 26.25 10.00
C ASN A 91 11.08 25.57 9.44
N MET A 92 10.39 26.15 8.45
CA MET A 92 9.09 25.62 7.96
C MET A 92 9.29 24.33 7.14
N LEU A 93 10.41 24.15 6.44
CA LEU A 93 10.68 22.89 5.70
C LEU A 93 10.77 21.74 6.71
N LYS A 94 11.52 21.95 7.80
CA LYS A 94 11.68 20.99 8.91
C LYS A 94 10.33 20.64 9.53
N VAL A 95 9.51 21.65 9.85
CA VAL A 95 8.17 21.46 10.47
C VAL A 95 7.32 20.58 9.54
N VAL A 96 7.20 20.94 8.26
CA VAL A 96 6.29 20.24 7.31
C VAL A 96 6.82 18.84 7.01
N SER A 97 8.14 18.67 6.87
CA SER A 97 8.79 17.35 6.66
C SER A 97 8.43 16.41 7.81
N ARG A 98 8.56 16.87 9.06
CA ARG A 98 8.34 16.00 10.25
C ARG A 98 6.85 15.67 10.41
N MET A 99 5.96 16.62 10.12
CA MET A 99 4.49 16.36 10.23
C MET A 99 4.07 15.43 9.08
N HIS A 100 4.61 15.63 7.88
CA HIS A 100 4.41 14.68 6.74
C HIS A 100 4.96 13.29 7.11
N ARG A 101 6.12 13.22 7.77
CA ARG A 101 6.71 11.93 8.24
C ARG A 101 5.73 11.23 9.17
N VAL A 102 5.05 11.98 10.05
CA VAL A 102 4.06 11.38 10.99
C VAL A 102 2.94 10.73 10.17
N SER A 103 2.45 11.39 9.12
CA SER A 103 1.35 10.84 8.28
C SER A 103 1.84 9.60 7.52
N VAL A 104 3.08 9.58 7.05
CA VAL A 104 3.66 8.40 6.33
C VAL A 104 3.75 7.22 7.33
N ILE A 105 4.20 7.47 8.57
CA ILE A 105 4.26 6.40 9.61
C ILE A 105 2.82 5.90 9.85
N LEU A 106 1.85 6.80 10.03
CA LEU A 106 0.45 6.42 10.33
C LEU A 106 -0.12 5.61 9.15
N LYS A 107 0.24 5.94 7.90
CA LYS A 107 -0.18 5.12 6.73
C LYS A 107 0.31 3.69 6.91
N LEU A 108 1.57 3.48 7.28
CA LEU A 108 2.11 2.11 7.50
C LEU A 108 1.32 1.43 8.63
N LEU A 109 1.04 2.15 9.71
CA LEU A 109 0.35 1.56 10.89
C LEU A 109 -1.08 1.15 10.53
N VAL A 110 -1.76 1.89 9.65
CA VAL A 110 -3.11 1.50 9.14
C VAL A 110 -2.97 0.17 8.37
N GLN A 111 -1.97 0.06 7.50
CA GLN A 111 -1.70 -1.13 6.65
C GLN A 111 -1.26 -2.31 7.52
N GLN A 112 -0.57 -2.03 8.63
CA GLN A 112 0.06 -3.07 9.49
C GLN A 112 -1.00 -4.03 10.06
N PHE A 113 -2.28 -3.63 10.10
CA PHE A 113 -3.40 -4.45 10.63
C PHE A 113 -3.60 -5.70 9.75
N SER A 114 -3.26 -5.60 8.45
CA SER A 114 -3.37 -6.71 7.48
C SER A 114 -2.54 -7.90 7.97
N ILE A 115 -1.42 -7.64 8.66
CA ILE A 115 -0.55 -8.72 9.22
C ILE A 115 -1.33 -9.47 10.31
N LEU A 116 -1.87 -8.77 11.30
CA LEU A 116 -2.56 -9.41 12.44
C LEU A 116 -3.87 -10.05 11.99
N GLU A 117 -4.43 -9.60 10.86
CA GLU A 117 -5.66 -10.20 10.28
C GLU A 117 -5.37 -11.59 9.69
N THR A 118 -4.10 -11.96 9.51
CA THR A 118 -3.71 -13.34 9.12
C THR A 118 -3.90 -14.29 10.30
N MET A 119 -4.22 -13.78 11.49
CA MET A 119 -4.60 -14.60 12.67
C MET A 119 -6.12 -14.81 12.65
N THR A 120 -6.59 -16.06 12.64
CA THR A 120 -8.03 -16.39 12.69
C THR A 120 -8.54 -16.12 14.11
N ALA A 121 -9.82 -15.77 14.25
CA ALA A 121 -10.53 -15.62 15.55
C ALA A 121 -10.39 -16.89 16.40
N LEU A 122 -10.35 -18.06 15.75
CA LEU A 122 -10.30 -19.39 16.41
C LEU A 122 -8.94 -19.57 17.09
N ASP A 123 -7.86 -19.20 16.41
CA ASP A 123 -6.47 -19.34 16.92
C ASP A 123 -6.25 -18.29 18.02
N PHE A 124 -6.80 -17.08 17.84
CA PHE A 124 -6.76 -15.99 18.86
C PHE A 124 -7.43 -16.48 20.15
N ASN A 125 -8.58 -17.13 20.01
CA ASN A 125 -9.41 -17.69 21.11
C ASN A 125 -8.62 -18.70 21.95
N ASP A 126 -7.56 -19.29 21.40
CA ASP A 126 -6.75 -20.33 22.09
C ASP A 126 -5.76 -19.69 23.06
N PHE A 127 -5.49 -18.38 22.97
CA PHE A 127 -4.55 -17.71 23.91
C PHE A 127 -5.17 -16.46 24.57
N ARG A 128 -6.37 -16.04 24.15
CA ARG A 128 -7.04 -14.83 24.70
C ARG A 128 -7.13 -14.90 26.24
N GLU A 129 -7.45 -16.06 26.81
CA GLU A 129 -7.68 -16.25 28.28
C GLU A 129 -6.45 -15.76 29.07
N TYR A 130 -5.25 -15.89 28.52
CA TYR A 130 -3.97 -15.55 29.21
C TYR A 130 -3.69 -14.04 29.21
N LEU A 131 -4.56 -13.23 28.58
CA LEU A 131 -4.33 -11.77 28.38
C LEU A 131 -4.99 -10.96 29.51
N SER A 132 -6.17 -11.38 29.97
CA SER A 132 -6.98 -10.67 30.99
C SER A 132 -6.13 -10.39 32.24
N PRO A 133 -6.25 -9.20 32.88
CA PRO A 133 -7.11 -8.12 32.40
C PRO A 133 -6.39 -7.03 31.59
N ALA A 134 -5.25 -7.34 30.97
CA ALA A 134 -4.43 -6.38 30.17
C ALA A 134 -5.22 -5.98 28.91
N SER A 135 -4.98 -4.76 28.41
CA SER A 135 -5.69 -4.21 27.22
C SER A 135 -4.96 -2.99 26.64
N GLY A 136 -5.44 -2.53 25.48
CA GLY A 136 -4.96 -1.35 24.75
C GLY A 136 -5.21 -0.05 25.51
N PHE A 137 -6.12 -0.06 26.49
CA PHE A 137 -6.36 1.08 27.42
C PHE A 137 -5.10 1.38 28.23
N GLN A 138 -4.23 0.38 28.40
CA GLN A 138 -2.99 0.54 29.20
C GLN A 138 -1.82 0.93 28.30
N SER A 139 -2.07 1.22 27.01
CA SER A 139 -1.05 1.81 26.09
C SER A 139 -0.80 3.26 26.50
N LEU A 140 0.28 3.52 27.25
CA LEU A 140 0.68 4.88 27.66
C LEU A 140 0.88 5.75 26.41
N GLN A 141 1.67 5.26 25.45
CA GLN A 141 2.12 6.06 24.28
C GLN A 141 0.93 6.51 23.43
N PHE A 142 -0.09 5.67 23.29
CA PHE A 142 -1.29 6.02 22.50
C PHE A 142 -2.01 7.21 23.15
N ARG A 143 -2.10 7.23 24.48
CA ARG A 143 -2.72 8.33 25.24
C ARG A 143 -1.84 9.59 25.13
N LEU A 144 -0.52 9.45 25.27
CA LEU A 144 0.43 10.59 25.11
C LEU A 144 0.23 11.21 23.72
N LEU A 145 0.05 10.37 22.69
CA LEU A 145 -0.12 10.82 21.27
C LEU A 145 -1.43 11.60 21.15
N GLU A 146 -2.54 11.01 21.60
CA GLU A 146 -3.88 11.67 21.62
C GLU A 146 -3.77 13.04 22.29
N ASN A 147 -3.22 13.10 23.49
CA ASN A 147 -3.16 14.33 24.32
C ASN A 147 -2.30 15.38 23.62
N LYS A 148 -1.14 14.98 23.11
CA LYS A 148 -0.10 15.92 22.59
C LYS A 148 -0.57 16.55 21.27
N ILE A 149 -1.40 15.85 20.48
CA ILE A 149 -2.03 16.42 19.27
C ILE A 149 -3.09 17.42 19.76
N GLY A 150 -3.91 17.03 20.75
CA GLY A 150 -4.80 17.95 21.47
C GLY A 150 -6.21 17.42 21.68
N VAL A 151 -6.39 16.10 21.86
CA VAL A 151 -7.67 15.52 22.33
C VAL A 151 -7.88 16.01 23.77
N LEU A 152 -9.03 16.66 24.05
CA LEU A 152 -9.40 17.18 25.40
C LEU A 152 -10.23 16.12 26.14
N GLN A 153 -10.19 16.12 27.47
CA GLN A 153 -10.99 15.20 28.33
C GLN A 153 -12.46 15.26 27.91
N ASN A 154 -12.98 16.47 27.66
CA ASN A 154 -14.38 16.71 27.20
C ASN A 154 -14.69 15.94 25.92
N MET A 155 -13.75 15.91 24.96
CA MET A 155 -13.91 15.29 23.61
C MET A 155 -14.09 13.76 23.71
N ARG A 156 -13.48 13.12 24.72
CA ARG A 156 -13.48 11.64 24.89
C ARG A 156 -14.90 11.15 25.20
N VAL A 157 -15.32 10.02 24.62
CA VAL A 157 -16.68 9.42 24.83
C VAL A 157 -16.83 9.07 26.32
N PRO A 158 -18.05 9.19 26.89
CA PRO A 158 -18.25 9.06 28.34
C PRO A 158 -17.41 7.95 29.01
N TYR A 159 -17.45 6.72 28.49
CA TYR A 159 -16.69 5.57 29.04
C TYR A 159 -15.21 5.95 29.16
N ASN A 160 -14.61 6.32 28.02
CA ASN A 160 -13.17 6.64 27.85
C ASN A 160 -12.76 7.76 28.82
N ARG A 161 -13.59 8.81 28.93
CA ARG A 161 -13.23 10.13 29.53
C ARG A 161 -12.36 9.96 30.79
N ARG A 162 -12.87 9.28 31.82
CA ARG A 162 -12.22 9.15 33.15
C ARG A 162 -11.53 7.79 33.28
N HIS A 163 -12.11 6.73 32.68
CA HIS A 163 -11.56 5.34 32.69
C HIS A 163 -10.16 5.30 32.08
N TYR A 164 -9.76 6.32 31.30
CA TYR A 164 -8.49 6.34 30.54
C TYR A 164 -7.32 6.56 31.51
N ARG A 165 -7.39 7.58 32.36
CA ARG A 165 -6.30 7.94 33.31
C ARG A 165 -6.14 6.85 34.39
N ASP A 166 -7.22 6.14 34.71
CA ASP A 166 -7.31 5.19 35.86
C ASP A 166 -6.58 3.88 35.55
N ASN A 167 -5.90 3.77 34.41
CA ASN A 167 -5.13 2.57 33.99
C ASN A 167 -3.64 2.73 34.32
N PHE A 168 -3.24 3.88 34.87
CA PHE A 168 -1.82 4.29 35.01
C PHE A 168 -1.54 4.82 36.42
N LYS A 169 -0.36 4.49 36.96
CA LYS A 169 0.11 4.89 38.31
C LYS A 169 1.54 5.44 38.23
N GLY A 170 2.03 6.03 39.31
CA GLY A 170 3.42 6.52 39.45
C GLY A 170 3.82 7.40 38.29
N GLU A 171 5.03 7.19 37.76
CA GLU A 171 5.69 8.06 36.73
C GLU A 171 4.86 8.08 35.44
N GLU A 172 4.22 6.96 35.07
CA GLU A 172 3.36 6.85 33.87
C GLU A 172 2.19 7.83 33.99
N ASN A 173 1.57 7.89 35.17
CA ASN A 173 0.46 8.86 35.46
C ASN A 173 1.03 10.29 35.39
N GLU A 174 2.25 10.49 35.90
CA GLU A 174 2.98 11.80 35.86
C GLU A 174 3.15 12.24 34.40
N LEU A 175 3.56 11.33 33.51
CA LEU A 175 3.78 11.62 32.07
C LEU A 175 2.45 12.00 31.40
N LEU A 176 1.34 11.35 31.79
CA LEU A 176 0.00 11.63 31.21
C LEU A 176 -0.48 13.01 31.66
N LEU A 177 -0.36 13.33 32.94
CA LEU A 177 -0.67 14.68 33.49
C LEU A 177 0.07 15.73 32.65
N LYS A 178 1.39 15.56 32.48
CA LYS A 178 2.23 16.49 31.67
C LYS A 178 1.65 16.62 30.26
N SER A 179 1.27 15.50 29.62
CA SER A 179 0.77 15.46 28.22
C SER A 179 -0.52 16.28 28.10
N GLU A 180 -1.30 16.36 29.18
CA GLU A 180 -2.57 17.14 29.23
C GLU A 180 -2.29 18.59 29.64
N GLN A 181 -1.31 18.81 30.52
CA GLN A 181 -1.00 20.13 31.13
C GLN A 181 -0.16 20.96 30.15
N GLU A 182 0.75 20.34 29.42
CA GLU A 182 1.67 21.03 28.47
C GLU A 182 0.89 21.47 27.22
N LYS A 183 1.43 22.47 26.51
CA LYS A 183 0.83 23.04 25.27
C LYS A 183 0.71 21.92 24.22
N THR A 184 -0.51 21.69 23.73
CA THR A 184 -0.84 20.70 22.68
C THR A 184 -0.48 21.29 21.31
N LEU A 185 -0.33 20.45 20.28
CA LEU A 185 -0.08 20.89 18.88
C LEU A 185 -1.22 21.83 18.46
N LEU A 186 -2.48 21.51 18.79
CA LEU A 186 -3.65 22.37 18.54
C LEU A 186 -3.41 23.78 19.09
N GLU A 187 -3.03 23.90 20.36
CA GLU A 187 -2.82 25.21 21.04
C GLU A 187 -1.70 25.98 20.36
N LEU A 188 -0.60 25.30 20.01
CA LEU A 188 0.61 25.93 19.44
C LEU A 188 0.33 26.36 18.00
N VAL A 189 -0.34 25.52 17.21
CA VAL A 189 -0.77 25.87 15.82
C VAL A 189 -1.74 27.05 15.90
N GLU A 190 -2.62 27.06 16.90
CA GLU A 190 -3.64 28.13 17.09
C GLU A 190 -2.94 29.49 17.27
N ALA A 191 -1.96 29.58 18.19
CA ALA A 191 -1.21 30.81 18.51
C ALA A 191 -0.47 31.30 17.25
N TRP A 192 0.10 30.38 16.48
CA TRP A 192 0.82 30.69 15.22
C TRP A 192 -0.16 31.19 14.15
N LEU A 193 -1.32 30.55 14.01
CA LEU A 193 -2.38 30.97 13.07
C LEU A 193 -2.88 32.39 13.40
N GLU A 194 -2.94 32.74 14.68
CA GLU A 194 -3.40 34.08 15.15
C GLU A 194 -2.44 35.16 14.63
N ARG A 195 -1.18 34.80 14.34
CA ARG A 195 -0.14 35.77 13.90
C ARG A 195 -0.01 35.78 12.37
N THR A 196 -0.87 35.06 11.63
CA THR A 196 -0.82 34.95 10.15
C THR A 196 -0.83 36.35 9.54
N PRO A 197 0.20 36.74 8.77
CA PRO A 197 0.22 38.05 8.12
C PRO A 197 -1.02 38.29 7.26
N GLY A 198 -1.54 39.51 7.26
CA GLY A 198 -2.73 39.91 6.48
C GLY A 198 -3.99 40.10 7.32
N LEU A 199 -4.04 39.54 8.53
CA LEU A 199 -5.22 39.69 9.44
C LEU A 199 -5.29 41.11 10.00
N GLU A 200 -4.14 41.79 10.11
CA GLU A 200 -4.00 43.12 10.79
C GLU A 200 -5.02 44.10 10.21
N PRO A 201 -6.00 44.57 11.01
CA PRO A 201 -6.96 45.57 10.55
C PRO A 201 -6.29 46.83 9.96
N HIS A 202 -5.15 47.26 10.50
CA HIS A 202 -4.41 48.45 10.00
C HIS A 202 -3.63 48.10 8.72
N GLY A 203 -3.32 46.82 8.50
CA GLY A 203 -2.60 46.33 7.30
C GLY A 203 -3.54 45.94 6.18
N PHE A 204 -3.43 44.71 5.67
CA PHE A 204 -4.23 44.17 4.54
C PHE A 204 -5.72 44.00 4.95
N ASN A 205 -5.99 43.80 6.24
CA ASN A 205 -7.36 43.78 6.81
C ASN A 205 -8.22 42.72 6.10
N PHE A 206 -7.73 41.47 6.08
CA PHE A 206 -8.34 40.32 5.37
C PHE A 206 -9.83 40.21 5.69
N TRP A 207 -10.17 40.14 6.99
CA TRP A 207 -11.54 39.77 7.45
C TRP A 207 -12.55 40.83 7.02
N GLY A 208 -12.18 42.10 7.12
CA GLY A 208 -13.02 43.25 6.70
C GLY A 208 -13.31 43.19 5.21
N LYS A 209 -12.26 43.00 4.40
CA LYS A 209 -12.36 42.90 2.92
C LYS A 209 -13.17 41.67 2.51
N LEU A 210 -13.03 40.55 3.23
CA LEU A 210 -13.75 39.28 2.92
C LEU A 210 -15.25 39.48 3.15
N GLU A 211 -15.63 40.08 4.29
CA GLU A 211 -17.05 40.35 4.63
C GLU A 211 -17.66 41.23 3.55
N LYS A 212 -16.93 42.26 3.13
CA LYS A 212 -17.36 43.23 2.10
C LYS A 212 -17.56 42.49 0.76
N ASN A 213 -16.55 41.72 0.33
CA ASN A 213 -16.58 41.00 -0.98
C ASN A 213 -17.69 39.93 -0.98
N ILE A 214 -17.88 39.19 0.12
CA ILE A 214 -18.93 38.14 0.21
C ILE A 214 -20.31 38.80 0.15
N THR A 215 -20.53 39.88 0.93
CA THR A 215 -21.79 40.67 0.91
C THR A 215 -22.08 41.11 -0.53
N ARG A 216 -21.11 41.77 -1.18
CA ARG A 216 -21.22 42.23 -2.58
C ARG A 216 -21.51 41.03 -3.50
N GLY A 217 -20.73 39.95 -3.37
CA GLY A 217 -20.89 38.72 -4.17
C GLY A 217 -22.28 38.14 -4.06
N LEU A 218 -22.84 38.10 -2.86
CA LEU A 218 -24.20 37.54 -2.62
C LEU A 218 -25.24 38.47 -3.25
N GLU A 219 -25.02 39.78 -3.19
CA GLU A 219 -25.95 40.79 -3.76
C GLU A 219 -26.03 40.57 -5.28
N GLU A 220 -24.89 40.39 -5.95
CA GLU A 220 -24.80 40.15 -7.41
C GLU A 220 -25.49 38.83 -7.78
N GLU A 221 -25.28 37.78 -6.97
CA GLU A 221 -25.87 36.45 -7.17
C GLU A 221 -27.40 36.54 -7.03
N PHE A 222 -27.89 37.26 -6.01
CA PHE A 222 -29.35 37.47 -5.77
C PHE A 222 -29.95 38.15 -7.01
N ILE A 223 -29.24 39.12 -7.59
CA ILE A 223 -29.70 39.87 -8.81
C ILE A 223 -29.74 38.91 -10.00
N ARG A 224 -28.68 38.12 -10.21
CA ARG A 224 -28.60 37.11 -11.31
C ARG A 224 -29.83 36.18 -11.24
N ILE A 225 -30.15 35.65 -10.06
CA ILE A 225 -31.26 34.67 -9.87
C ILE A 225 -32.60 35.38 -10.08
N GLN A 226 -32.76 36.57 -9.50
CA GLN A 226 -34.00 37.39 -9.58
C GLN A 226 -34.35 37.70 -11.04
N ALA A 227 -33.33 37.84 -11.90
CA ALA A 227 -33.47 38.18 -13.34
C ALA A 227 -34.14 37.03 -14.11
N LYS A 228 -33.83 35.79 -13.74
CA LYS A 228 -34.25 34.55 -14.48
C LYS A 228 -35.76 34.53 -14.68
N GLU A 229 -36.18 34.03 -15.85
CA GLU A 229 -37.60 33.72 -16.17
C GLU A 229 -38.18 32.87 -15.04
N GLU A 230 -39.39 33.19 -14.58
CA GLU A 230 -40.11 32.47 -13.50
C GLU A 230 -40.25 30.99 -13.87
N SER A 231 -40.07 30.09 -12.91
CA SER A 231 -40.16 28.61 -13.09
C SER A 231 -40.21 27.93 -11.72
N GLU A 232 -40.13 26.60 -11.70
CA GLU A 232 -39.90 25.79 -10.46
C GLU A 232 -38.42 25.89 -10.09
N GLU A 233 -37.54 25.77 -11.09
CA GLU A 233 -36.06 25.78 -10.95
C GLU A 233 -35.57 27.09 -10.32
N LYS A 234 -36.24 28.21 -10.61
CA LYS A 234 -35.92 29.53 -10.00
C LYS A 234 -36.23 29.47 -8.50
N GLU A 235 -37.45 29.05 -8.14
CA GLU A 235 -37.92 28.87 -6.74
C GLU A 235 -36.93 28.01 -5.95
N GLU A 236 -36.33 27.00 -6.60
CA GLU A 236 -35.30 26.11 -6.01
C GLU A 236 -34.02 26.90 -5.77
N GLN A 237 -33.50 27.59 -6.80
CA GLN A 237 -32.25 28.40 -6.72
C GLN A 237 -32.36 29.45 -5.62
N VAL A 238 -33.53 30.11 -5.50
CA VAL A 238 -33.80 31.15 -4.46
C VAL A 238 -33.54 30.56 -3.07
N ALA A 239 -34.18 29.42 -2.76
CA ALA A 239 -34.10 28.73 -1.45
C ALA A 239 -32.66 28.26 -1.19
N GLU A 240 -31.99 27.73 -2.22
CA GLU A 240 -30.56 27.31 -2.16
C GLU A 240 -29.67 28.53 -1.89
N PHE A 241 -29.86 29.63 -2.63
CA PHE A 241 -29.13 30.91 -2.44
C PHE A 241 -29.27 31.35 -0.99
N GLN A 242 -30.50 31.27 -0.46
CA GLN A 242 -30.86 31.76 0.90
C GLN A 242 -30.14 30.91 1.95
N LYS A 243 -29.97 29.62 1.68
CA LYS A 243 -29.19 28.69 2.55
C LYS A 243 -27.72 29.13 2.56
N GLN A 244 -27.13 29.31 1.37
CA GLN A 244 -25.69 29.66 1.20
C GLN A 244 -25.41 31.04 1.82
N LYS A 245 -26.32 32.00 1.63
CA LYS A 245 -26.20 33.36 2.22
C LYS A 245 -26.15 33.24 3.76
N GLU A 246 -27.09 32.49 4.34
CA GLU A 246 -27.19 32.27 5.80
C GLU A 246 -25.86 31.71 6.30
N VAL A 247 -25.35 30.65 5.68
CA VAL A 247 -24.10 29.97 6.12
C VAL A 247 -22.92 30.93 5.95
N LEU A 248 -22.76 31.56 4.79
CA LEU A 248 -21.57 32.40 4.49
C LEU A 248 -21.52 33.61 5.44
N LEU A 249 -22.65 34.27 5.70
CA LEU A 249 -22.69 35.47 6.56
C LEU A 249 -22.51 35.06 8.03
N SER A 250 -22.88 33.82 8.39
CA SER A 250 -22.70 33.23 9.75
C SER A 250 -21.21 33.18 10.12
N LEU A 251 -20.32 33.12 9.13
CA LEU A 251 -18.85 33.08 9.32
C LEU A 251 -18.40 34.32 10.12
N PHE A 252 -19.08 35.46 9.94
CA PHE A 252 -18.68 36.78 10.50
C PHE A 252 -19.33 37.00 11.87
N ASP A 253 -20.11 36.02 12.35
CA ASP A 253 -20.77 36.08 13.68
C ASP A 253 -19.86 35.44 14.73
N GLU A 254 -19.02 36.25 15.37
CA GLU A 254 -18.05 35.79 16.38
C GLU A 254 -18.76 35.22 17.61
N LYS A 255 -19.93 35.76 17.96
CA LYS A 255 -20.77 35.24 19.08
C LYS A 255 -21.15 33.79 18.78
N ARG A 256 -21.61 33.50 17.55
CA ARG A 256 -21.95 32.12 17.11
C ARG A 256 -20.70 31.23 17.20
N HIS A 257 -19.53 31.74 16.78
CA HIS A 257 -18.24 31.01 16.89
C HIS A 257 -18.03 30.58 18.36
N GLU A 258 -18.18 31.52 19.30
CA GLU A 258 -17.94 31.26 20.74
C GLU A 258 -18.95 30.26 21.28
N HIS A 259 -20.22 30.34 20.85
CA HIS A 259 -21.27 29.38 21.24
C HIS A 259 -20.84 27.96 20.83
N LEU A 260 -20.34 27.81 19.60
CA LEU A 260 -19.91 26.51 19.02
C LEU A 260 -18.61 26.03 19.71
N LEU A 261 -17.72 26.94 20.10
CA LEU A 261 -16.55 26.58 20.94
C LEU A 261 -17.03 25.85 22.21
N SER A 262 -17.99 26.43 22.93
CA SER A 262 -18.50 25.89 24.23
C SER A 262 -19.19 24.52 24.02
N LYS A 263 -19.88 24.32 22.89
CA LYS A 263 -20.54 23.03 22.55
C LYS A 263 -19.51 22.00 22.04
N GLY A 264 -18.23 22.37 21.95
CA GLY A 264 -17.14 21.50 21.45
C GLY A 264 -17.27 21.21 19.95
N GLU A 265 -18.09 21.98 19.22
CA GLU A 265 -18.33 21.79 17.76
C GLU A 265 -17.21 22.47 16.97
N ARG A 266 -16.60 23.52 17.54
CA ARG A 266 -15.38 24.18 17.03
C ARG A 266 -14.31 24.13 18.11
N ARG A 267 -13.04 24.21 17.73
CA ARG A 267 -11.89 24.09 18.67
C ARG A 267 -10.98 25.33 18.57
N LEU A 268 -10.77 25.87 17.36
CA LEU A 268 -9.82 26.99 17.13
C LEU A 268 -10.48 28.32 17.51
N SER A 269 -9.67 29.24 18.02
CA SER A 269 -10.05 30.66 18.25
C SER A 269 -10.56 31.25 16.93
N TYR A 270 -11.36 32.31 17.01
CA TYR A 270 -11.91 33.02 15.84
C TYR A 270 -10.78 33.54 14.96
N ARG A 271 -9.75 34.13 15.58
CA ARG A 271 -8.61 34.76 14.86
C ARG A 271 -7.74 33.69 14.17
N ALA A 272 -7.57 32.52 14.79
CA ALA A 272 -6.83 31.38 14.19
C ALA A 272 -7.58 30.87 12.96
N LEU A 273 -8.92 30.83 13.04
CA LEU A 273 -9.80 30.42 11.93
C LEU A 273 -9.57 31.36 10.74
N GLN A 274 -9.45 32.67 11.01
CA GLN A 274 -9.18 33.71 9.99
C GLN A 274 -7.80 33.49 9.36
N GLY A 275 -6.80 33.16 10.18
CA GLY A 275 -5.44 32.78 9.74
C GLY A 275 -5.47 31.59 8.78
N ALA A 276 -6.21 30.55 9.14
CA ALA A 276 -6.36 29.30 8.33
C ALA A 276 -6.95 29.65 6.96
N LEU A 277 -8.00 30.48 6.91
CA LEU A 277 -8.69 30.87 5.66
C LEU A 277 -7.75 31.74 4.80
N MET A 278 -7.01 32.65 5.43
CA MET A 278 -5.95 33.46 4.77
C MET A 278 -4.98 32.52 4.03
N ILE A 279 -4.43 31.52 4.73
CA ILE A 279 -3.44 30.57 4.13
C ILE A 279 -4.13 29.78 3.00
N TYR A 280 -5.36 29.32 3.19
CA TYR A 280 -6.13 28.59 2.14
C TYR A 280 -6.23 29.44 0.87
N PHE A 281 -6.77 30.66 0.97
CA PHE A 281 -7.10 31.53 -0.18
C PHE A 281 -5.82 32.01 -0.86
N TYR A 282 -4.78 32.32 -0.08
CA TYR A 282 -3.51 32.92 -0.60
C TYR A 282 -2.36 31.90 -0.61
N ARG A 283 -2.68 30.61 -0.66
CA ARG A 283 -1.70 29.49 -0.55
C ARG A 283 -0.56 29.60 -1.58
N GLU A 284 -0.82 30.13 -2.79
CA GLU A 284 0.23 30.21 -3.84
C GLU A 284 1.21 31.35 -3.54
N GLU A 285 0.86 32.30 -2.67
CA GLU A 285 1.81 33.37 -2.25
C GLU A 285 3.00 32.69 -1.58
N PRO A 286 4.24 32.93 -2.04
CA PRO A 286 5.41 32.18 -1.54
C PRO A 286 5.51 31.95 -0.02
N ARG A 287 5.13 32.94 0.80
CA ARG A 287 5.24 32.85 2.28
C ARG A 287 4.16 31.92 2.85
N PHE A 288 3.10 31.59 2.08
CA PHE A 288 1.99 30.72 2.54
C PHE A 288 2.03 29.33 1.90
N GLN A 289 2.99 29.06 1.01
CA GLN A 289 3.10 27.76 0.29
C GLN A 289 3.32 26.63 1.32
N VAL A 290 4.39 26.69 2.10
CA VAL A 290 4.72 25.62 3.09
C VAL A 290 3.70 25.64 4.22
N PRO A 291 3.28 26.81 4.75
CA PRO A 291 2.15 26.86 5.69
C PRO A 291 0.90 26.10 5.20
N PHE A 292 0.53 26.22 3.93
CA PHE A 292 -0.62 25.48 3.35
C PHE A 292 -0.34 23.97 3.40
N GLN A 293 0.90 23.56 3.10
CA GLN A 293 1.32 22.14 3.16
C GLN A 293 1.14 21.65 4.59
N LEU A 294 1.48 22.48 5.58
CA LEU A 294 1.37 22.10 7.01
C LEU A 294 -0.10 21.88 7.40
N LEU A 295 -1.03 22.75 6.98
CA LEU A 295 -2.46 22.61 7.36
C LEU A 295 -3.02 21.34 6.71
N THR A 296 -2.66 21.06 5.47
CA THR A 296 -2.99 19.81 4.74
C THR A 296 -2.50 18.62 5.57
N SER A 297 -1.26 18.65 6.05
CA SER A 297 -0.63 17.57 6.85
C SER A 297 -1.40 17.33 8.17
N LEU A 298 -1.90 18.39 8.81
CA LEU A 298 -2.64 18.30 10.10
C LEU A 298 -3.98 17.59 9.86
N MET A 299 -4.66 17.90 8.75
CA MET A 299 -5.91 17.20 8.33
C MET A 299 -5.57 15.76 7.98
N ASP A 300 -4.48 15.52 7.25
CA ASP A 300 -3.99 14.15 6.92
C ASP A 300 -3.85 13.32 8.20
N ILE A 301 -3.25 13.89 9.24
CA ILE A 301 -2.94 13.18 10.51
C ILE A 301 -4.24 12.82 11.23
N ASP A 302 -5.22 13.74 11.26
CA ASP A 302 -6.57 13.48 11.81
C ASP A 302 -7.23 12.34 11.01
N SER A 303 -7.18 12.39 9.68
CA SER A 303 -7.84 11.37 8.81
C SER A 303 -7.22 9.99 9.07
N LEU A 304 -5.90 9.94 9.20
CA LEU A 304 -5.15 8.67 9.38
C LEU A 304 -5.32 8.15 10.81
N MET A 305 -5.46 9.04 11.79
CA MET A 305 -5.72 8.63 13.19
C MET A 305 -7.07 7.92 13.23
N THR A 306 -8.10 8.47 12.56
CA THR A 306 -9.49 7.92 12.56
C THR A 306 -9.55 6.66 11.67
N LYS A 307 -8.75 6.57 10.61
CA LYS A 307 -8.66 5.35 9.77
C LYS A 307 -7.96 4.24 10.58
N TRP A 308 -6.95 4.59 11.38
CA TRP A 308 -6.31 3.63 12.31
C TRP A 308 -7.37 3.05 13.23
N ARG A 309 -8.20 3.93 13.82
CA ARG A 309 -9.27 3.56 14.79
C ARG A 309 -10.27 2.64 14.10
N TYR A 310 -10.64 2.94 12.85
CA TYR A 310 -11.68 2.18 12.11
C TYR A 310 -11.11 0.84 11.60
N ASN A 311 -9.84 0.80 11.20
CA ASN A 311 -9.18 -0.49 10.81
C ASN A 311 -9.14 -1.41 12.03
N HIS A 312 -8.88 -0.86 13.23
CA HIS A 312 -8.85 -1.59 14.53
C HIS A 312 -10.25 -2.16 14.80
N VAL A 313 -11.29 -1.34 14.65
CA VAL A 313 -12.73 -1.72 14.81
C VAL A 313 -13.06 -2.93 13.93
N CYS A 314 -12.74 -2.87 12.62
CA CYS A 314 -13.11 -3.90 11.61
C CYS A 314 -12.50 -5.26 11.97
N MET A 315 -11.24 -5.24 12.43
CA MET A 315 -10.49 -6.43 12.91
C MET A 315 -11.16 -6.96 14.18
N VAL A 316 -11.31 -6.13 15.21
CA VAL A 316 -11.84 -6.53 16.54
C VAL A 316 -13.22 -7.19 16.36
N HIS A 317 -14.03 -6.69 15.42
CA HIS A 317 -15.37 -7.26 15.13
C HIS A 317 -15.25 -8.75 14.77
N ARG A 318 -14.28 -9.10 13.92
CA ARG A 318 -14.03 -10.51 13.51
C ARG A 318 -13.41 -11.28 14.68
N MET A 319 -12.63 -10.64 15.55
CA MET A 319 -11.92 -11.32 16.66
C MET A 319 -12.87 -11.62 17.82
N LEU A 320 -13.80 -10.70 18.14
CA LEU A 320 -14.61 -10.75 19.39
C LEU A 320 -16.10 -10.96 19.10
N GLY A 321 -16.59 -10.55 17.94
CA GLY A 321 -18.04 -10.35 17.72
C GLY A 321 -18.57 -9.36 18.73
N SER A 322 -19.56 -9.76 19.54
CA SER A 322 -20.23 -8.93 20.58
C SER A 322 -19.55 -9.07 21.95
N LYS A 323 -18.50 -9.87 22.09
CA LYS A 323 -17.88 -10.11 23.42
C LYS A 323 -17.30 -8.80 23.96
N ALA A 324 -17.33 -8.65 25.29
CA ALA A 324 -16.74 -7.52 26.03
C ALA A 324 -15.21 -7.66 25.99
N GLY A 325 -14.51 -6.52 26.04
CA GLY A 325 -13.04 -6.50 25.99
C GLY A 325 -12.44 -6.96 27.30
N THR A 326 -11.20 -7.47 27.25
CA THR A 326 -10.35 -7.77 28.43
C THR A 326 -10.16 -6.49 29.26
N GLY A 327 -10.22 -5.32 28.61
CA GLY A 327 -9.98 -4.00 29.21
C GLY A 327 -11.16 -3.52 30.04
N GLY A 328 -12.35 -4.08 29.83
CA GLY A 328 -13.57 -3.77 30.61
C GLY A 328 -14.68 -3.15 29.76
N SER A 329 -14.39 -2.77 28.51
CA SER A 329 -15.34 -2.07 27.60
C SER A 329 -16.34 -3.06 27.00
N SER A 330 -17.34 -2.56 26.30
CA SER A 330 -18.32 -3.35 25.48
C SER A 330 -17.60 -4.05 24.31
N GLY A 331 -16.38 -3.60 23.99
CA GLY A 331 -15.55 -4.17 22.91
C GLY A 331 -15.79 -3.46 21.60
N TYR A 332 -16.34 -4.18 20.61
CA TYR A 332 -16.64 -3.69 19.25
C TYR A 332 -17.49 -2.41 19.31
N HIS A 333 -18.54 -2.43 20.15
CA HIS A 333 -19.51 -1.31 20.29
C HIS A 333 -18.79 -0.05 20.79
N TYR A 334 -17.99 -0.16 21.86
CA TYR A 334 -17.19 0.96 22.41
C TYR A 334 -16.30 1.55 21.29
N LEU A 335 -15.46 0.70 20.66
CA LEU A 335 -14.45 1.15 19.66
C LEU A 335 -15.14 1.90 18.51
N ARG A 336 -16.32 1.46 18.07
CA ARG A 336 -17.12 2.15 17.01
C ARG A 336 -17.41 3.60 17.44
N SER A 337 -17.62 3.86 18.74
CA SER A 337 -17.97 5.19 19.29
C SER A 337 -16.78 6.16 19.21
N THR A 338 -15.55 5.64 19.11
CA THR A 338 -14.29 6.44 19.04
C THR A 338 -14.01 6.85 17.59
N VAL A 339 -14.79 6.32 16.63
CA VAL A 339 -14.70 6.67 15.19
C VAL A 339 -15.66 7.84 14.97
N SER A 340 -15.32 8.99 15.56
CA SER A 340 -16.20 10.17 15.70
C SER A 340 -15.37 11.46 15.59
N ASP A 341 -16.00 12.53 15.11
CA ASP A 341 -15.35 13.86 14.94
C ASP A 341 -15.00 14.46 16.29
N ARG A 342 -15.61 13.98 17.37
CA ARG A 342 -15.23 14.43 18.74
C ARG A 342 -13.73 14.16 18.98
N TYR A 343 -13.13 13.20 18.27
CA TYR A 343 -11.67 12.88 18.35
C TYR A 343 -10.87 13.57 17.24
N LYS A 344 -11.54 14.29 16.35
CA LYS A 344 -10.88 15.02 15.21
C LYS A 344 -10.42 16.40 15.71
N VAL A 345 -9.16 16.49 16.13
CA VAL A 345 -8.57 17.70 16.79
C VAL A 345 -8.68 18.90 15.85
N PHE A 346 -8.37 18.74 14.56
CA PHE A 346 -8.34 19.86 13.58
C PHE A 346 -9.62 19.83 12.73
N VAL A 347 -10.75 19.48 13.34
CA VAL A 347 -12.09 19.43 12.70
C VAL A 347 -12.36 20.76 11.97
N ASP A 348 -11.92 21.89 12.53
CA ASP A 348 -12.18 23.24 11.95
C ASP A 348 -11.51 23.39 10.58
N LEU A 349 -10.33 22.79 10.37
CA LEU A 349 -9.60 22.86 9.08
C LEU A 349 -10.43 22.17 7.99
N PHE A 350 -11.08 21.07 8.32
CA PHE A 350 -12.02 20.36 7.42
C PHE A 350 -13.24 21.25 7.15
N ASN A 351 -13.82 21.78 8.23
CA ASN A 351 -15.15 22.43 8.18
C ASN A 351 -15.02 23.80 7.51
N LEU A 352 -13.82 24.37 7.40
CA LEU A 352 -13.60 25.65 6.66
C LEU A 352 -13.97 25.49 5.18
N SER A 353 -13.97 24.26 4.65
CA SER A 353 -14.42 23.98 3.26
C SER A 353 -15.90 24.38 3.07
N THR A 354 -16.67 24.51 4.16
CA THR A 354 -18.07 25.02 4.15
C THR A 354 -18.11 26.44 3.55
N TYR A 355 -17.04 27.22 3.72
CA TYR A 355 -17.02 28.69 3.46
C TYR A 355 -16.17 29.02 2.23
N LEU A 356 -15.93 28.05 1.35
CA LEU A 356 -15.19 28.31 0.08
C LEU A 356 -16.11 29.10 -0.86
N ILE A 357 -15.53 30.08 -1.53
CA ILE A 357 -16.25 31.08 -2.38
C ILE A 357 -15.62 31.09 -3.76
N PRO A 358 -16.32 31.64 -4.79
CA PRO A 358 -15.71 31.84 -6.10
C PRO A 358 -14.40 32.62 -5.99
N ARG A 359 -13.38 32.22 -6.77
CA ARG A 359 -12.04 32.89 -6.81
C ARG A 359 -12.21 34.42 -6.91
N HIS A 360 -13.13 34.91 -7.76
CA HIS A 360 -13.23 36.36 -8.10
C HIS A 360 -13.78 37.15 -6.90
N TRP A 361 -14.34 36.48 -5.89
CA TRP A 361 -14.80 37.11 -4.62
C TRP A 361 -13.63 37.34 -3.67
N ILE A 362 -12.52 36.58 -3.81
CA ILE A 362 -11.39 36.64 -2.84
C ILE A 362 -10.75 38.02 -2.95
N PRO A 363 -10.50 38.73 -1.83
CA PRO A 363 -9.86 40.05 -1.88
C PRO A 363 -8.54 40.05 -2.67
N LYS A 364 -8.42 40.95 -3.64
CA LYS A 364 -7.21 41.12 -4.48
C LYS A 364 -6.05 41.59 -3.61
N MET A 365 -4.83 41.16 -3.92
CA MET A 365 -3.58 41.71 -3.36
C MET A 365 -2.96 42.64 -4.41
N ASN A 366 -2.75 43.92 -4.04
CA ASN A 366 -2.04 44.94 -4.87
C ASN A 366 -0.54 44.66 -4.79
N PRO A 367 0.30 45.32 -5.62
CA PRO A 367 1.76 45.10 -5.57
C PRO A 367 2.41 45.18 -4.17
N THR A 368 1.91 46.06 -3.29
CA THR A 368 2.45 46.34 -1.94
C THR A 368 2.41 45.06 -1.06
N ILE A 369 1.26 44.37 -1.04
CA ILE A 369 0.99 43.20 -0.14
C ILE A 369 1.63 41.94 -0.72
N HIS A 370 1.68 41.79 -2.05
CA HIS A 370 2.39 40.70 -2.75
C HIS A 370 3.87 40.68 -2.32
N LYS A 371 4.53 41.85 -2.37
CA LYS A 371 5.98 42.03 -2.03
C LYS A 371 6.24 41.55 -0.60
N PHE A 372 5.33 41.86 0.33
CA PHE A 372 5.40 41.49 1.77
C PHE A 372 5.33 39.95 1.94
N LEU A 373 4.76 39.25 0.97
CA LEU A 373 4.58 37.77 0.97
C LEU A 373 5.48 37.12 -0.09
N GLY B 23 -3.64 -8.86 37.46
CA GLY B 23 -2.18 -9.19 37.39
C GLY B 23 -1.51 -8.63 36.15
N LEU B 24 -1.81 -9.19 34.97
CA LEU B 24 -1.09 -8.88 33.69
C LEU B 24 -1.41 -7.43 33.27
N ILE B 25 -0.36 -6.68 32.93
CA ILE B 25 -0.44 -5.27 32.43
C ILE B 25 0.18 -5.21 31.03
N TYR B 26 -0.49 -4.51 30.10
CA TYR B 26 -0.11 -4.30 28.68
C TYR B 26 1.41 -4.13 28.53
N GLY B 27 1.98 -3.07 29.11
CA GLY B 27 3.41 -2.72 29.00
C GLY B 27 4.31 -3.86 29.46
N ASN B 28 3.94 -4.55 30.55
CA ASN B 28 4.71 -5.70 31.10
C ASN B 28 4.61 -6.90 30.14
N TYR B 29 3.39 -7.20 29.67
CA TYR B 29 3.12 -8.32 28.71
C TYR B 29 4.05 -8.18 27.50
N LEU B 30 4.13 -6.98 26.92
CA LEU B 30 4.90 -6.67 25.68
C LEU B 30 6.36 -6.33 26.00
N HIS B 31 6.76 -6.42 27.27
CA HIS B 31 8.12 -6.08 27.78
C HIS B 31 8.58 -4.76 27.17
N LEU B 32 7.75 -3.72 27.25
CA LEU B 32 8.05 -2.38 26.70
C LEU B 32 9.20 -1.74 27.49
N GLU B 33 9.46 -2.20 28.73
CA GLU B 33 10.61 -1.72 29.54
C GLU B 33 11.90 -2.02 28.77
N LYS B 34 11.89 -3.02 27.90
CA LYS B 34 13.05 -3.35 27.01
C LYS B 34 12.89 -2.62 25.66
N VAL B 35 11.76 -2.86 24.99
CA VAL B 35 11.52 -2.39 23.59
C VAL B 35 11.68 -0.87 23.52
N LEU B 36 11.05 -0.14 24.43
CA LEU B 36 11.00 1.36 24.39
C LEU B 36 12.14 1.96 25.23
N ASN B 37 13.15 1.17 25.63
CA ASN B 37 14.41 1.67 26.23
C ASN B 37 15.61 1.09 25.48
N ALA B 38 15.56 1.07 24.14
CA ALA B 38 16.57 0.44 23.26
C ALA B 38 17.05 1.45 22.22
N GLN B 39 16.72 2.72 22.41
CA GLN B 39 16.99 3.80 21.43
C GLN B 39 18.11 4.67 22.00
N GLU B 40 19.33 4.49 21.51
CA GLU B 40 20.54 5.23 21.92
C GLU B 40 21.16 5.85 20.67
N LEU B 41 20.97 7.16 20.48
CA LEU B 41 21.53 7.92 19.33
C LEU B 41 23.04 8.04 19.56
N GLN B 42 23.85 7.46 18.67
CA GLN B 42 25.33 7.54 18.73
C GLN B 42 25.74 9.00 18.57
N SER B 43 25.02 9.76 17.74
CA SER B 43 25.22 11.22 17.57
C SER B 43 25.16 11.89 18.94
N GLU B 44 24.19 11.51 19.77
CA GLU B 44 23.97 12.08 21.13
C GLU B 44 25.09 11.60 22.06
N THR B 45 25.35 10.29 22.10
CA THR B 45 26.43 9.65 22.90
C THR B 45 27.74 10.41 22.67
N LYS B 46 28.02 10.86 21.44
CA LYS B 46 29.28 11.56 21.07
C LYS B 46 29.07 13.09 21.07
N GLY B 47 28.03 13.59 21.75
CA GLY B 47 27.81 15.00 22.08
C GLY B 47 27.35 15.87 20.91
N ASN B 48 26.61 15.32 19.94
CA ASN B 48 26.17 16.05 18.72
C ASN B 48 24.84 15.46 18.22
N LYS B 49 23.84 15.37 19.10
CA LYS B 49 22.52 14.76 18.82
C LYS B 49 21.98 15.23 17.48
N ILE B 50 21.68 14.31 16.55
CA ILE B 50 21.00 14.59 15.25
C ILE B 50 19.60 13.94 15.27
N HIS B 51 18.57 14.75 15.07
CA HIS B 51 17.14 14.37 15.20
C HIS B 51 16.82 13.08 14.43
N ASP B 52 17.22 12.98 13.16
CA ASP B 52 16.77 11.89 12.24
C ASP B 52 17.45 10.56 12.61
N GLU B 53 18.48 10.56 13.46
CA GLU B 53 19.11 9.27 13.88
C GLU B 53 18.05 8.42 14.59
N HIS B 54 17.10 9.03 15.30
CA HIS B 54 16.06 8.30 16.06
C HIS B 54 15.20 7.48 15.08
N LEU B 55 14.76 8.10 13.98
CA LEU B 55 13.95 7.41 12.93
C LEU B 55 14.77 6.24 12.38
N PHE B 56 16.05 6.47 12.15
CA PHE B 56 17.00 5.48 11.57
C PHE B 56 17.00 4.24 12.47
N ILE B 57 17.14 4.43 13.78
CA ILE B 57 17.19 3.32 14.79
C ILE B 57 15.86 2.58 14.79
N ILE B 58 14.75 3.32 14.97
CA ILE B 58 13.40 2.73 15.10
C ILE B 58 13.11 1.88 13.84
N THR B 59 13.40 2.40 12.64
CA THR B 59 13.13 1.72 11.35
C THR B 59 13.79 0.34 11.35
N HIS B 60 15.09 0.28 11.66
CA HIS B 60 15.87 -0.98 11.73
C HIS B 60 15.29 -1.92 12.80
N GLN B 61 14.88 -1.39 13.95
CA GLN B 61 14.36 -2.21 15.07
C GLN B 61 13.04 -2.86 14.64
N ALA B 62 12.18 -2.10 13.94
CA ALA B 62 10.91 -2.60 13.38
C ALA B 62 11.19 -3.70 12.37
N TYR B 63 12.16 -3.51 11.46
CA TYR B 63 12.55 -4.56 10.47
C TYR B 63 12.97 -5.83 11.21
N GLU B 64 13.79 -5.69 12.25
CA GLU B 64 14.36 -6.84 13.01
C GLU B 64 13.25 -7.57 13.79
N LEU B 65 12.27 -6.87 14.36
CA LEU B 65 11.08 -7.52 14.98
C LEU B 65 10.39 -8.40 13.92
N TRP B 66 10.17 -7.86 12.72
CA TRP B 66 9.43 -8.58 11.66
C TRP B 66 10.26 -9.75 11.11
N PHE B 67 11.58 -9.61 11.01
CA PHE B 67 12.50 -10.71 10.65
C PHE B 67 12.35 -11.83 11.67
N LYS B 68 12.24 -11.48 12.96
CA LYS B 68 12.08 -12.49 14.03
C LYS B 68 10.76 -13.25 13.83
N GLN B 69 9.69 -12.53 13.46
CA GLN B 69 8.36 -13.13 13.23
C GLN B 69 8.42 -14.05 12.01
N ILE B 70 9.09 -13.64 10.95
CA ILE B 70 9.21 -14.44 9.69
C ILE B 70 9.91 -15.76 10.05
N LEU B 71 11.02 -15.66 10.78
CA LEU B 71 11.82 -16.84 11.23
C LEU B 71 10.98 -17.77 12.11
N TRP B 72 10.15 -17.22 12.99
CA TRP B 72 9.20 -17.96 13.85
C TRP B 72 8.26 -18.78 12.97
N GLU B 73 7.63 -18.13 11.99
CA GLU B 73 6.67 -18.81 11.07
C GLU B 73 7.44 -19.86 10.26
N LEU B 74 8.57 -19.46 9.67
CA LEU B 74 9.38 -20.28 8.74
C LEU B 74 9.90 -21.54 9.46
N ASP B 75 10.51 -21.38 10.64
CA ASP B 75 10.98 -22.54 11.45
C ASP B 75 9.81 -23.48 11.74
N SER B 76 8.63 -22.95 12.06
CA SER B 76 7.43 -23.77 12.41
C SER B 76 6.97 -24.57 11.19
N VAL B 77 7.10 -24.01 9.99
CA VAL B 77 6.71 -24.71 8.72
C VAL B 77 7.77 -25.78 8.40
N ARG B 78 9.05 -25.43 8.48
CA ARG B 78 10.19 -26.36 8.28
C ARG B 78 9.99 -27.57 9.19
N GLU B 79 9.58 -27.35 10.45
CA GLU B 79 9.37 -28.43 11.46
C GLU B 79 8.21 -29.33 11.01
N ILE B 80 7.12 -28.76 10.51
CA ILE B 80 5.93 -29.54 10.04
C ILE B 80 6.34 -30.48 8.89
N PHE B 81 7.29 -30.06 8.05
CA PHE B 81 7.83 -30.90 6.94
C PHE B 81 8.75 -31.97 7.55
N GLN B 82 9.72 -31.56 8.36
CA GLN B 82 10.83 -32.43 8.87
C GLN B 82 10.28 -33.58 9.72
N ASN B 83 9.20 -33.36 10.47
CA ASN B 83 8.66 -34.36 11.44
C ASN B 83 7.58 -35.21 10.76
N GLY B 84 7.29 -34.96 9.46
CA GLY B 84 6.31 -35.73 8.68
C GLY B 84 4.87 -35.32 8.94
N HIS B 85 4.62 -34.29 9.75
CA HIS B 85 3.24 -33.79 10.00
C HIS B 85 2.60 -33.37 8.67
N VAL B 86 3.39 -32.87 7.71
CA VAL B 86 2.89 -32.41 6.39
C VAL B 86 2.24 -33.58 5.64
N ARG B 87 2.63 -34.83 5.95
CA ARG B 87 2.08 -36.05 5.31
C ARG B 87 0.58 -36.14 5.60
N ASP B 88 0.17 -35.75 6.81
CA ASP B 88 -1.25 -35.64 7.19
C ASP B 88 -1.77 -34.33 6.61
N GLU B 89 -2.70 -34.41 5.66
CA GLU B 89 -3.08 -33.26 4.80
C GLU B 89 -4.02 -32.31 5.55
N ARG B 90 -4.50 -32.70 6.74
CA ARG B 90 -5.17 -31.83 7.74
C ARG B 90 -4.31 -30.58 7.96
N ASN B 91 -2.99 -30.72 7.89
CA ASN B 91 -2.01 -29.69 8.32
C ASN B 91 -1.71 -28.68 7.20
N MET B 92 -2.31 -28.84 6.02
CA MET B 92 -1.97 -28.00 4.83
C MET B 92 -2.55 -26.58 4.98
N LEU B 93 -3.70 -26.39 5.66
CA LEU B 93 -4.27 -25.03 5.86
C LEU B 93 -3.30 -24.20 6.71
N LYS B 94 -2.78 -24.78 7.80
CA LYS B 94 -1.78 -24.18 8.70
C LYS B 94 -0.49 -23.83 7.93
N VAL B 95 0.03 -24.76 7.13
CA VAL B 95 1.27 -24.56 6.30
C VAL B 95 1.05 -23.38 5.34
N VAL B 96 -0.03 -23.38 4.57
CA VAL B 96 -0.28 -22.33 3.53
C VAL B 96 -0.61 -20.99 4.22
N SER B 97 -1.35 -21.00 5.34
CA SER B 97 -1.71 -19.78 6.13
C SER B 97 -0.43 -19.10 6.63
N ARG B 98 0.52 -19.87 7.14
CA ARG B 98 1.77 -19.33 7.74
C ARG B 98 2.71 -18.83 6.65
N MET B 99 2.78 -19.52 5.52
CA MET B 99 3.63 -19.09 4.38
C MET B 99 2.99 -17.84 3.74
N HIS B 100 1.67 -17.84 3.56
CA HIS B 100 0.94 -16.61 3.11
C HIS B 100 1.24 -15.47 4.09
N ARG B 101 1.24 -15.74 5.40
CA ARG B 101 1.49 -14.73 6.44
C ARG B 101 2.89 -14.12 6.27
N VAL B 102 3.90 -14.93 5.96
CA VAL B 102 5.29 -14.45 5.68
C VAL B 102 5.24 -13.45 4.52
N SER B 103 4.48 -13.74 3.45
CA SER B 103 4.38 -12.84 2.27
C SER B 103 3.66 -11.54 2.66
N VAL B 104 2.64 -11.61 3.52
CA VAL B 104 1.91 -10.40 4.02
C VAL B 104 2.90 -9.52 4.82
N ILE B 105 3.77 -10.11 5.64
CA ILE B 105 4.78 -9.38 6.44
C ILE B 105 5.79 -8.74 5.47
N LEU B 106 6.29 -9.50 4.50
CA LEU B 106 7.28 -9.00 3.50
C LEU B 106 6.66 -7.84 2.72
N LYS B 107 5.37 -7.87 2.39
CA LYS B 107 4.71 -6.73 1.67
C LYS B 107 4.85 -5.46 2.52
N LEU B 108 4.60 -5.57 3.84
CA LEU B 108 4.73 -4.42 4.77
C LEU B 108 6.20 -3.95 4.79
N LEU B 109 7.16 -4.89 4.84
CA LEU B 109 8.61 -4.53 4.95
C LEU B 109 9.05 -3.78 3.69
N VAL B 110 8.54 -4.17 2.52
CA VAL B 110 8.78 -3.46 1.24
C VAL B 110 8.23 -2.03 1.36
N GLN B 111 6.99 -1.88 1.80
CA GLN B 111 6.31 -0.57 1.92
C GLN B 111 6.99 0.29 3.01
N GLN B 112 7.59 -0.34 4.01
CA GLN B 112 8.19 0.33 5.21
C GLN B 112 9.38 1.21 4.81
N PHE B 113 10.02 0.97 3.66
CA PHE B 113 11.12 1.84 3.16
C PHE B 113 10.60 3.28 2.96
N SER B 114 9.33 3.45 2.63
CA SER B 114 8.69 4.78 2.40
C SER B 114 8.89 5.67 3.63
N ILE B 115 8.97 5.11 4.84
CA ILE B 115 9.15 5.87 6.10
C ILE B 115 10.58 6.43 6.14
N LEU B 116 11.58 5.60 5.90
CA LEU B 116 13.00 5.99 6.04
C LEU B 116 13.39 6.91 4.88
N GLU B 117 12.67 6.83 3.76
CA GLU B 117 12.86 7.77 2.62
C GLU B 117 12.37 9.18 2.95
N THR B 118 11.66 9.42 4.06
CA THR B 118 11.32 10.80 4.52
C THR B 118 12.55 11.45 5.19
N MET B 119 13.65 10.70 5.34
CA MET B 119 14.95 11.27 5.74
C MET B 119 15.73 11.68 4.48
N THR B 120 16.13 12.96 4.38
CA THR B 120 16.98 13.45 3.26
C THR B 120 18.38 12.86 3.43
N ALA B 121 19.10 12.68 2.33
CA ALA B 121 20.51 12.23 2.32
C ALA B 121 21.36 13.21 3.14
N LEU B 122 21.01 14.49 3.13
CA LEU B 122 21.79 15.57 3.79
C LEU B 122 21.68 15.44 5.31
N ASP B 123 20.50 15.07 5.82
CA ASP B 123 20.25 14.83 7.27
C ASP B 123 20.93 13.52 7.66
N PHE B 124 20.86 12.50 6.80
CA PHE B 124 21.57 11.21 7.00
C PHE B 124 23.06 11.50 7.18
N ASN B 125 23.63 12.28 6.27
CA ASN B 125 25.06 12.67 6.24
C ASN B 125 25.51 13.23 7.60
N ASP B 126 24.64 13.91 8.34
CA ASP B 126 25.00 14.55 9.64
C ASP B 126 25.28 13.52 10.74
N PHE B 127 24.77 12.28 10.66
CA PHE B 127 25.08 11.24 11.69
C PHE B 127 25.75 10.00 11.09
N ARG B 128 25.98 9.94 9.77
CA ARG B 128 26.56 8.74 9.11
C ARG B 128 27.90 8.38 9.77
N GLU B 129 28.74 9.38 10.07
CA GLU B 129 30.13 9.18 10.58
C GLU B 129 30.14 8.35 11.87
N TYR B 130 29.08 8.41 12.68
CA TYR B 130 28.98 7.69 13.98
C TYR B 130 28.61 6.21 13.79
N LEU B 131 28.34 5.76 12.55
CA LEU B 131 27.85 4.38 12.27
C LEU B 131 29.01 3.42 11.98
N SER B 132 30.08 3.90 11.35
CA SER B 132 31.25 3.09 10.95
C SER B 132 31.84 2.39 12.17
N PRO B 133 32.23 1.10 12.09
CA PRO B 133 32.11 0.28 10.89
C PRO B 133 30.94 -0.72 10.92
N ALA B 134 29.86 -0.41 11.67
CA ALA B 134 28.61 -1.21 11.72
C ALA B 134 27.95 -1.17 10.34
N SER B 135 27.23 -2.24 9.99
CA SER B 135 26.51 -2.37 8.69
C SER B 135 25.45 -3.47 8.74
N GLY B 136 24.61 -3.52 7.71
CA GLY B 136 23.56 -4.54 7.52
C GLY B 136 24.14 -5.93 7.28
N PHE B 137 25.42 -6.04 6.89
CA PHE B 137 26.14 -7.35 6.82
C PHE B 137 26.16 -8.01 8.21
N GLN B 138 25.87 -7.26 9.28
CA GLN B 138 25.93 -7.76 10.67
C GLN B 138 24.52 -8.09 11.17
N SER B 139 23.52 -8.05 10.27
CA SER B 139 22.15 -8.51 10.59
C SER B 139 22.15 -10.04 10.59
N LEU B 140 22.21 -10.64 11.78
CA LEU B 140 22.13 -12.11 11.95
C LEU B 140 20.86 -12.62 11.29
N GLN B 141 19.72 -12.01 11.62
CA GLN B 141 18.38 -12.53 11.25
C GLN B 141 18.21 -12.52 9.73
N PHE B 142 18.70 -11.48 9.04
CA PHE B 142 18.59 -11.41 7.56
C PHE B 142 19.33 -12.61 6.95
N ARG B 143 20.53 -12.94 7.43
CA ARG B 143 21.33 -14.10 6.95
C ARG B 143 20.63 -15.42 7.31
N LEU B 144 20.12 -15.56 8.53
CA LEU B 144 19.32 -16.74 8.96
C LEU B 144 18.14 -16.94 8.01
N LEU B 145 17.39 -15.86 7.75
CA LEU B 145 16.21 -15.86 6.84
C LEU B 145 16.63 -16.40 5.46
N GLU B 146 17.70 -15.84 4.89
CA GLU B 146 18.25 -16.24 3.56
C GLU B 146 18.62 -17.73 3.56
N ASN B 147 19.38 -18.17 4.57
CA ASN B 147 19.89 -19.57 4.65
C ASN B 147 18.70 -20.53 4.77
N LYS B 148 17.73 -20.23 5.61
CA LYS B 148 16.64 -21.16 5.99
C LYS B 148 15.64 -21.31 4.84
N ILE B 149 15.43 -20.27 4.03
CA ILE B 149 14.58 -20.37 2.81
C ILE B 149 15.31 -21.27 1.81
N GLY B 150 16.61 -21.04 1.62
CA GLY B 150 17.53 -21.93 0.88
C GLY B 150 18.37 -21.19 -0.14
N VAL B 151 18.90 -20.01 0.21
CA VAL B 151 19.84 -19.26 -0.68
C VAL B 151 21.10 -20.11 -0.83
N LEU B 152 21.45 -20.42 -2.09
CA LEU B 152 22.72 -21.10 -2.48
C LEU B 152 23.91 -20.41 -1.80
N GLN B 153 24.78 -21.18 -1.16
CA GLN B 153 25.93 -20.65 -0.37
C GLN B 153 27.07 -20.25 -1.31
N ASN B 154 27.26 -20.97 -2.42
CA ASN B 154 28.31 -20.68 -3.44
C ASN B 154 27.82 -19.58 -4.38
N MET B 155 26.51 -19.52 -4.67
CA MET B 155 25.90 -18.64 -5.70
C MET B 155 25.70 -17.22 -5.16
N ARG B 156 26.06 -16.95 -3.89
CA ARG B 156 26.11 -15.56 -3.35
C ARG B 156 27.12 -14.75 -4.19
N VAL B 157 26.83 -13.46 -4.40
CA VAL B 157 27.67 -12.53 -5.23
C VAL B 157 29.09 -12.55 -4.67
N PRO B 158 30.14 -12.64 -5.54
CA PRO B 158 31.51 -12.90 -5.12
C PRO B 158 31.99 -12.24 -3.82
N TYR B 159 31.54 -11.00 -3.55
CA TYR B 159 31.90 -10.22 -2.34
C TYR B 159 31.05 -10.69 -1.16
N TYR B 164 30.81 -13.70 3.83
CA TYR B 164 29.65 -13.05 4.50
C TYR B 164 29.65 -13.38 6.00
N ARG B 165 29.98 -14.62 6.37
CA ARG B 165 30.03 -15.10 7.78
C ARG B 165 31.24 -14.54 8.52
N ASP B 166 32.19 -13.91 7.81
CA ASP B 166 33.36 -13.20 8.38
C ASP B 166 32.89 -12.15 9.40
N ASN B 167 31.71 -11.53 9.16
CA ASN B 167 31.15 -10.44 9.98
C ASN B 167 30.57 -10.95 11.31
N PHE B 168 30.73 -12.25 11.63
CA PHE B 168 30.04 -12.89 12.78
C PHE B 168 31.02 -13.77 13.58
N LYS B 169 30.76 -13.89 14.89
CA LYS B 169 31.61 -14.57 15.90
C LYS B 169 30.72 -15.23 16.96
N GLY B 170 31.26 -16.22 17.69
CA GLY B 170 30.64 -16.78 18.91
C GLY B 170 29.40 -17.59 18.59
N GLU B 171 28.37 -17.50 19.44
CA GLU B 171 27.07 -18.20 19.27
C GLU B 171 26.40 -17.80 17.94
N GLU B 172 26.58 -16.54 17.50
CA GLU B 172 25.97 -16.02 16.25
C GLU B 172 26.54 -16.81 15.06
N ASN B 173 27.87 -16.96 14.99
CA ASN B 173 28.56 -17.83 14.00
C ASN B 173 27.98 -19.25 14.07
N GLU B 174 27.74 -19.77 15.28
CA GLU B 174 27.18 -21.14 15.50
C GLU B 174 25.78 -21.22 14.88
N LEU B 175 24.89 -20.28 15.21
CA LEU B 175 23.53 -20.21 14.65
C LEU B 175 23.59 -20.23 13.12
N LEU B 176 24.46 -19.41 12.52
CA LEU B 176 24.58 -19.28 11.05
C LEU B 176 25.01 -20.62 10.44
N LEU B 177 25.98 -21.31 11.05
CA LEU B 177 26.45 -22.63 10.58
C LEU B 177 25.27 -23.61 10.62
N LYS B 178 24.54 -23.67 11.75
CA LYS B 178 23.31 -24.49 11.88
C LYS B 178 22.36 -24.19 10.72
N SER B 179 22.13 -22.91 10.44
CA SER B 179 21.18 -22.44 9.38
C SER B 179 21.67 -22.91 8.00
N GLU B 180 22.98 -23.02 7.80
CA GLU B 180 23.59 -23.49 6.52
C GLU B 180 23.50 -25.01 6.41
N GLN B 181 23.56 -25.73 7.54
CA GLN B 181 23.72 -27.21 7.60
C GLN B 181 22.34 -27.87 7.72
N GLU B 182 21.45 -27.33 8.56
CA GLU B 182 20.07 -27.84 8.73
C GLU B 182 19.31 -27.72 7.41
N LYS B 183 18.23 -28.51 7.27
CA LYS B 183 17.46 -28.62 5.99
C LYS B 183 16.72 -27.30 5.74
N THR B 184 16.89 -26.77 4.54
CA THR B 184 16.26 -25.52 4.08
C THR B 184 14.81 -25.80 3.71
N LEU B 185 13.99 -24.75 3.61
CA LEU B 185 12.59 -24.87 3.13
C LEU B 185 12.61 -25.50 1.73
N LEU B 186 13.59 -25.12 0.91
CA LEU B 186 13.77 -25.65 -0.47
C LEU B 186 13.91 -27.19 -0.43
N GLU B 187 14.88 -27.68 0.35
CA GLU B 187 15.12 -29.14 0.50
C GLU B 187 13.84 -29.83 0.98
N LEU B 188 13.15 -29.23 1.95
CA LEU B 188 11.97 -29.88 2.59
C LEU B 188 10.82 -29.88 1.59
N VAL B 189 10.62 -28.79 0.86
CA VAL B 189 9.58 -28.71 -0.21
C VAL B 189 9.96 -29.72 -1.31
N GLU B 190 11.25 -29.81 -1.65
CA GLU B 190 11.76 -30.78 -2.66
C GLU B 190 11.30 -32.19 -2.30
N ALA B 191 11.63 -32.66 -1.08
CA ALA B 191 11.32 -34.02 -0.60
C ALA B 191 9.81 -34.26 -0.69
N TRP B 192 9.01 -33.27 -0.32
CA TRP B 192 7.53 -33.34 -0.35
C TRP B 192 7.04 -33.39 -1.81
N LEU B 193 7.61 -32.59 -2.71
CA LEU B 193 7.25 -32.62 -4.16
C LEU B 193 7.56 -34.00 -4.76
N GLU B 194 8.64 -34.65 -4.31
CA GLU B 194 9.07 -35.99 -4.80
C GLU B 194 8.04 -37.06 -4.44
N ARG B 195 7.17 -36.82 -3.45
CA ARG B 195 6.13 -37.78 -3.02
C ARG B 195 4.76 -37.43 -3.61
N THR B 196 4.68 -36.47 -4.54
CA THR B 196 3.37 -36.03 -5.11
C THR B 196 2.68 -37.22 -5.75
N PRO B 197 1.40 -37.50 -5.41
CA PRO B 197 0.67 -38.60 -6.05
C PRO B 197 0.47 -38.37 -7.55
N GLY B 198 0.63 -39.44 -8.34
CA GLY B 198 0.40 -39.46 -9.80
C GLY B 198 1.68 -39.63 -10.59
N LEU B 199 2.85 -39.53 -9.95
CA LEU B 199 4.17 -39.68 -10.62
C LEU B 199 4.48 -41.17 -10.85
N GLU B 200 3.82 -42.07 -10.12
CA GLU B 200 4.11 -43.54 -10.15
C GLU B 200 4.02 -44.06 -11.58
N PRO B 201 5.12 -44.60 -12.15
CA PRO B 201 5.06 -45.18 -13.50
C PRO B 201 4.02 -46.30 -13.67
N HIS B 202 3.72 -47.07 -12.61
CA HIS B 202 2.69 -48.14 -12.59
C HIS B 202 1.36 -47.60 -12.05
N GLY B 203 1.31 -46.33 -11.65
CA GLY B 203 0.06 -45.59 -11.31
C GLY B 203 -0.39 -44.73 -12.48
N PHE B 204 -0.66 -43.45 -12.23
CA PHE B 204 -1.14 -42.48 -13.25
C PHE B 204 -0.10 -42.31 -14.36
N ASN B 205 1.19 -42.44 -14.02
CA ASN B 205 2.33 -42.38 -14.98
C ASN B 205 2.33 -41.01 -15.68
N PHE B 206 2.24 -39.92 -14.91
CA PHE B 206 2.11 -38.53 -15.39
C PHE B 206 3.18 -38.25 -16.46
N TRP B 207 4.44 -38.54 -16.16
CA TRP B 207 5.61 -38.09 -16.95
C TRP B 207 5.64 -38.79 -18.31
N GLY B 208 5.43 -40.11 -18.32
CA GLY B 208 5.37 -40.93 -19.55
C GLY B 208 4.30 -40.42 -20.48
N LYS B 209 3.08 -40.24 -19.96
CA LYS B 209 1.90 -39.74 -20.72
C LYS B 209 2.15 -38.31 -21.23
N LEU B 210 2.77 -37.45 -20.41
CA LEU B 210 3.03 -36.03 -20.79
C LEU B 210 3.97 -36.00 -21.99
N GLU B 211 5.08 -36.75 -21.92
CA GLU B 211 6.07 -36.87 -23.03
C GLU B 211 5.37 -37.35 -24.29
N LYS B 212 4.52 -38.36 -24.16
CA LYS B 212 3.75 -38.95 -25.30
C LYS B 212 2.84 -37.87 -25.90
N ASN B 213 2.08 -37.17 -25.07
CA ASN B 213 1.10 -36.14 -25.52
C ASN B 213 1.82 -34.94 -26.17
N ILE B 214 2.94 -34.48 -25.59
CA ILE B 214 3.70 -33.32 -26.13
C ILE B 214 4.26 -33.71 -27.50
N THR B 215 4.92 -34.88 -27.59
CA THR B 215 5.45 -35.46 -28.84
C THR B 215 4.35 -35.48 -29.90
N ARG B 216 3.19 -36.07 -29.59
CA ARG B 216 2.05 -36.21 -30.55
C ARG B 216 1.51 -34.82 -30.92
N GLY B 217 1.31 -33.95 -29.93
CA GLY B 217 0.85 -32.56 -30.13
C GLY B 217 1.74 -31.80 -31.10
N LEU B 218 3.06 -31.94 -30.96
CA LEU B 218 4.07 -31.20 -31.76
C LEU B 218 4.06 -31.74 -33.20
N GLU B 219 3.96 -33.07 -33.36
CA GLU B 219 3.85 -33.74 -34.68
C GLU B 219 2.65 -33.18 -35.45
N GLU B 220 1.49 -33.07 -34.81
CA GLU B 220 0.23 -32.58 -35.41
C GLU B 220 0.36 -31.08 -35.75
N GLU B 221 0.98 -30.30 -34.86
CA GLU B 221 1.25 -28.86 -35.06
C GLU B 221 2.14 -28.69 -36.32
N PHE B 222 3.12 -29.56 -36.52
CA PHE B 222 4.07 -29.49 -37.67
C PHE B 222 3.32 -29.80 -38.96
N ILE B 223 2.55 -30.90 -38.95
CA ILE B 223 1.74 -31.39 -40.11
C ILE B 223 0.92 -30.23 -40.69
N ARG B 224 0.31 -29.39 -39.83
CA ARG B 224 -0.62 -28.32 -40.27
C ARG B 224 0.17 -27.04 -40.63
N ILE B 225 1.40 -26.88 -40.13
CA ILE B 225 2.32 -25.78 -40.58
C ILE B 225 2.82 -26.11 -41.99
N GLN B 226 3.14 -27.38 -42.24
CA GLN B 226 3.65 -27.87 -43.55
C GLN B 226 2.61 -27.64 -44.66
N ALA B 227 1.33 -27.88 -44.37
CA ALA B 227 0.20 -27.80 -45.34
C ALA B 227 0.20 -26.44 -46.05
N LYS B 228 0.57 -25.37 -45.34
CA LYS B 228 0.50 -23.97 -45.85
C LYS B 228 1.48 -23.75 -47.01
N GLU B 229 1.26 -22.71 -47.81
CA GLU B 229 2.01 -22.39 -49.06
C GLU B 229 3.33 -21.69 -48.71
N GLU B 230 4.44 -22.13 -49.31
CA GLU B 230 5.81 -21.59 -49.10
C GLU B 230 5.73 -20.06 -49.03
N SER B 231 6.39 -19.45 -48.03
CA SER B 231 6.23 -18.02 -47.65
C SER B 231 7.24 -17.60 -46.60
N GLU B 232 7.42 -16.29 -46.43
CA GLU B 232 8.21 -15.66 -45.34
C GLU B 232 7.49 -15.88 -44.00
N GLU B 233 6.15 -15.95 -44.01
CA GLU B 233 5.29 -16.18 -42.82
C GLU B 233 5.41 -17.65 -42.39
N LYS B 234 5.18 -18.58 -43.31
CA LYS B 234 5.32 -20.04 -43.07
C LYS B 234 6.69 -20.34 -42.47
N GLU B 235 7.73 -19.72 -43.02
CA GLU B 235 9.14 -19.92 -42.56
C GLU B 235 9.26 -19.43 -41.11
N GLU B 236 8.74 -18.23 -40.83
CA GLU B 236 8.67 -17.65 -39.46
C GLU B 236 7.98 -18.65 -38.53
N GLN B 237 6.90 -19.28 -39.00
CA GLN B 237 6.07 -20.26 -38.25
C GLN B 237 6.86 -21.57 -38.01
N VAL B 238 7.63 -22.01 -39.00
CA VAL B 238 8.52 -23.21 -38.89
C VAL B 238 9.65 -22.87 -37.90
N ALA B 239 10.27 -21.69 -38.04
CA ALA B 239 11.40 -21.20 -37.22
C ALA B 239 10.99 -21.20 -35.75
N GLU B 240 9.78 -20.71 -35.47
CA GLU B 240 9.26 -20.56 -34.08
C GLU B 240 8.92 -21.95 -33.54
N PHE B 241 8.24 -22.77 -34.34
CA PHE B 241 7.89 -24.18 -34.01
C PHE B 241 9.15 -24.95 -33.61
N GLN B 242 10.25 -24.80 -34.35
CA GLN B 242 11.51 -25.54 -34.10
C GLN B 242 12.08 -25.13 -32.73
N LYS B 243 12.06 -23.84 -32.39
CA LYS B 243 12.58 -23.33 -31.10
C LYS B 243 11.73 -23.88 -29.96
N GLN B 244 10.40 -23.80 -30.11
CA GLN B 244 9.40 -24.23 -29.09
C GLN B 244 9.50 -25.75 -28.90
N LYS B 245 9.60 -26.51 -29.98
CA LYS B 245 9.83 -27.98 -29.95
C LYS B 245 11.08 -28.28 -29.12
N GLU B 246 12.21 -27.61 -29.41
CA GLU B 246 13.51 -27.87 -28.72
C GLU B 246 13.34 -27.62 -27.22
N VAL B 247 12.74 -26.49 -26.83
CA VAL B 247 12.53 -26.09 -25.41
C VAL B 247 11.63 -27.13 -24.71
N LEU B 248 10.45 -27.42 -25.28
CA LEU B 248 9.44 -28.33 -24.67
C LEU B 248 10.03 -29.73 -24.48
N LEU B 249 10.72 -30.29 -25.48
CA LEU B 249 11.29 -31.66 -25.40
C LEU B 249 12.48 -31.67 -24.45
N SER B 250 13.17 -30.54 -24.27
CA SER B 250 14.30 -30.38 -23.31
C SER B 250 13.82 -30.68 -21.89
N LEU B 251 12.51 -30.54 -21.62
CA LEU B 251 11.91 -30.87 -20.30
C LEU B 251 12.20 -32.34 -19.95
N PHE B 252 12.33 -33.20 -20.96
CA PHE B 252 12.44 -34.67 -20.81
C PHE B 252 13.91 -35.10 -20.79
N ASP B 253 14.84 -34.14 -20.89
CA ASP B 253 16.30 -34.40 -20.89
C ASP B 253 16.80 -34.35 -19.44
N GLU B 254 16.83 -35.50 -18.77
CA GLU B 254 17.22 -35.57 -17.34
C GLU B 254 18.69 -35.17 -17.15
N LYS B 255 19.57 -35.60 -18.06
CA LYS B 255 21.03 -35.32 -17.97
C LYS B 255 21.27 -33.80 -18.07
N ARG B 256 20.55 -33.12 -18.97
CA ARG B 256 20.51 -31.63 -19.05
C ARG B 256 20.15 -31.05 -17.67
N HIS B 257 19.08 -31.55 -17.04
CA HIS B 257 18.63 -31.06 -15.70
C HIS B 257 19.76 -31.23 -14.68
N GLU B 258 20.39 -32.41 -14.63
CA GLU B 258 21.49 -32.74 -13.68
C GLU B 258 22.66 -31.77 -13.90
N HIS B 259 23.00 -31.52 -15.16
CA HIS B 259 24.07 -30.56 -15.55
C HIS B 259 23.75 -29.18 -14.97
N LEU B 260 22.53 -28.68 -15.19
CA LEU B 260 22.11 -27.32 -14.75
C LEU B 260 21.99 -27.27 -13.22
N LEU B 261 21.58 -28.38 -12.58
CA LEU B 261 21.60 -28.55 -11.10
C LEU B 261 23.01 -28.25 -10.57
N SER B 262 24.02 -28.95 -11.09
CA SER B 262 25.43 -28.86 -10.61
C SER B 262 25.99 -27.46 -10.88
N LYS B 263 25.48 -26.74 -11.88
CA LYS B 263 25.89 -25.34 -12.20
C LYS B 263 25.12 -24.35 -11.33
N GLY B 264 24.18 -24.81 -10.51
CA GLY B 264 23.34 -23.98 -9.63
C GLY B 264 22.38 -23.09 -10.39
N GLU B 265 22.11 -23.39 -11.68
CA GLU B 265 21.10 -22.68 -12.52
C GLU B 265 19.70 -23.24 -12.23
N ARG B 266 19.62 -24.48 -11.74
CA ARG B 266 18.39 -25.11 -11.20
C ARG B 266 18.68 -25.56 -9.76
N ARG B 267 17.63 -25.78 -8.97
CA ARG B 267 17.72 -26.09 -7.52
C ARG B 267 17.01 -27.42 -7.20
N LEU B 268 15.81 -27.64 -7.76
CA LEU B 268 14.96 -28.81 -7.44
C LEU B 268 15.45 -30.05 -8.18
N SER B 269 15.38 -31.21 -7.52
CA SER B 269 15.57 -32.54 -8.15
C SER B 269 14.62 -32.62 -9.35
N TYR B 270 14.96 -33.47 -10.32
CA TYR B 270 14.16 -33.70 -11.54
C TYR B 270 12.76 -34.19 -11.15
N ARG B 271 12.68 -35.10 -10.18
CA ARG B 271 11.39 -35.70 -9.74
C ARG B 271 10.53 -34.63 -9.05
N ALA B 272 11.13 -33.71 -8.28
CA ALA B 272 10.43 -32.60 -7.60
C ALA B 272 9.78 -31.68 -8.65
N LEU B 273 10.48 -31.42 -9.76
CA LEU B 273 9.96 -30.66 -10.94
C LEU B 273 8.68 -31.33 -11.45
N GLN B 274 8.71 -32.65 -11.61
CA GLN B 274 7.55 -33.44 -12.11
C GLN B 274 6.38 -33.26 -11.13
N GLY B 275 6.64 -33.36 -9.83
CA GLY B 275 5.63 -33.12 -8.77
C GLY B 275 5.00 -31.74 -8.89
N ALA B 276 5.81 -30.70 -9.02
CA ALA B 276 5.36 -29.29 -9.11
C ALA B 276 4.48 -29.10 -10.35
N LEU B 277 4.89 -29.69 -11.49
CA LEU B 277 4.14 -29.52 -12.76
C LEU B 277 2.84 -30.32 -12.67
N MET B 278 2.85 -31.47 -11.99
CA MET B 278 1.64 -32.27 -11.66
C MET B 278 0.65 -31.37 -10.92
N ILE B 279 1.12 -30.67 -9.88
CA ILE B 279 0.29 -29.78 -9.01
C ILE B 279 -0.26 -28.63 -9.86
N TYR B 280 0.55 -28.04 -10.73
CA TYR B 280 0.13 -26.92 -11.64
C TYR B 280 -1.01 -27.35 -12.57
N PHE B 281 -0.80 -28.44 -13.31
CA PHE B 281 -1.78 -28.94 -14.31
C PHE B 281 -3.09 -29.38 -13.62
N TYR B 282 -3.02 -30.09 -12.49
CA TYR B 282 -4.20 -30.74 -11.85
C TYR B 282 -4.61 -29.99 -10.57
N ARG B 283 -4.31 -28.68 -10.49
CA ARG B 283 -4.48 -27.81 -9.30
C ARG B 283 -5.93 -27.81 -8.80
N GLU B 284 -6.92 -27.98 -9.68
CA GLU B 284 -8.36 -27.91 -9.29
C GLU B 284 -8.77 -29.20 -8.57
N GLU B 285 -8.02 -30.30 -8.74
CA GLU B 285 -8.30 -31.57 -8.02
C GLU B 285 -8.20 -31.27 -6.53
N PRO B 286 -9.22 -31.63 -5.71
CA PRO B 286 -9.26 -31.24 -4.30
C PRO B 286 -7.95 -31.37 -3.51
N ARG B 287 -7.19 -32.45 -3.72
CA ARG B 287 -5.95 -32.73 -2.94
C ARG B 287 -4.82 -31.81 -3.39
N PHE B 288 -4.91 -31.18 -4.57
CA PHE B 288 -3.85 -30.30 -5.13
C PHE B 288 -4.19 -28.81 -4.95
N GLN B 289 -5.39 -28.48 -4.47
CA GLN B 289 -5.88 -27.07 -4.36
C GLN B 289 -4.96 -26.26 -3.43
N VAL B 290 -4.76 -26.72 -2.20
CA VAL B 290 -3.94 -26.00 -1.18
C VAL B 290 -2.47 -26.14 -1.52
N PRO B 291 -1.96 -27.33 -1.94
CA PRO B 291 -0.60 -27.41 -2.48
C PRO B 291 -0.32 -26.41 -3.62
N PHE B 292 -1.25 -26.19 -4.54
CA PHE B 292 -1.08 -25.13 -5.58
C PHE B 292 -0.93 -23.77 -4.88
N GLN B 293 -1.73 -23.49 -3.85
CA GLN B 293 -1.63 -22.22 -3.08
C GLN B 293 -0.24 -22.11 -2.46
N LEU B 294 0.32 -23.22 -1.96
CA LEU B 294 1.66 -23.21 -1.32
C LEU B 294 2.72 -22.83 -2.36
N LEU B 295 2.73 -23.48 -3.50
CA LEU B 295 3.73 -23.21 -4.57
C LEU B 295 3.62 -21.75 -5.00
N THR B 296 2.41 -21.24 -5.15
CA THR B 296 2.14 -19.80 -5.47
C THR B 296 2.82 -18.95 -4.39
N SER B 297 2.63 -19.30 -3.11
CA SER B 297 3.14 -18.54 -1.94
C SER B 297 4.67 -18.51 -1.94
N LEU B 298 5.33 -19.63 -2.27
CA LEU B 298 6.81 -19.73 -2.34
C LEU B 298 7.33 -18.75 -3.40
N MET B 299 6.69 -18.71 -4.57
CA MET B 299 7.08 -17.74 -5.64
C MET B 299 6.82 -16.31 -5.15
N ASP B 300 5.72 -16.07 -4.43
CA ASP B 300 5.41 -14.72 -3.84
C ASP B 300 6.56 -14.30 -2.93
N ILE B 301 7.07 -15.21 -2.09
CA ILE B 301 8.12 -14.94 -1.08
C ILE B 301 9.43 -14.58 -1.79
N ASP B 302 9.84 -15.33 -2.81
CA ASP B 302 11.01 -14.96 -3.66
C ASP B 302 10.80 -13.57 -4.29
N SER B 303 9.62 -13.32 -4.84
CA SER B 303 9.29 -12.05 -5.54
C SER B 303 9.38 -10.88 -4.54
N LEU B 304 8.86 -11.05 -3.32
CA LEU B 304 8.85 -9.97 -2.29
C LEU B 304 10.25 -9.76 -1.69
N MET B 305 11.06 -10.82 -1.56
CA MET B 305 12.46 -10.70 -1.07
C MET B 305 13.29 -9.92 -2.09
N THR B 306 13.18 -10.19 -3.39
CA THR B 306 13.94 -9.41 -4.41
C THR B 306 13.39 -7.96 -4.45
N LYS B 307 12.08 -7.77 -4.22
CA LYS B 307 11.48 -6.41 -4.14
C LYS B 307 11.99 -5.66 -2.90
N TRP B 308 12.15 -6.36 -1.77
CA TRP B 308 12.80 -5.80 -0.56
C TRP B 308 14.19 -5.31 -0.95
N ARG B 309 14.98 -6.16 -1.62
CA ARG B 309 16.37 -5.85 -2.05
C ARG B 309 16.38 -4.62 -2.97
N TYR B 310 15.50 -4.56 -3.98
CA TYR B 310 15.50 -3.45 -4.97
C TYR B 310 15.00 -2.14 -4.33
N ASN B 311 14.08 -2.21 -3.36
CA ASN B 311 13.60 -1.00 -2.64
C ASN B 311 14.75 -0.45 -1.78
N HIS B 312 15.48 -1.33 -1.09
CA HIS B 312 16.71 -1.01 -0.35
C HIS B 312 17.71 -0.34 -1.31
N VAL B 313 17.93 -0.94 -2.49
CA VAL B 313 18.84 -0.42 -3.56
C VAL B 313 18.47 1.03 -3.92
N CYS B 314 17.21 1.28 -4.29
CA CYS B 314 16.73 2.59 -4.80
C CYS B 314 16.94 3.68 -3.73
N MET B 315 16.68 3.35 -2.47
CA MET B 315 16.89 4.27 -1.31
C MET B 315 18.39 4.55 -1.15
N VAL B 316 19.22 3.50 -1.10
CA VAL B 316 20.70 3.62 -0.86
C VAL B 316 21.31 4.51 -1.93
N HIS B 317 20.85 4.42 -3.18
CA HIS B 317 21.36 5.29 -4.27
C HIS B 317 21.20 6.77 -3.87
N ARG B 318 20.03 7.15 -3.36
CA ARG B 318 19.77 8.55 -2.94
C ARG B 318 20.63 8.90 -1.72
N MET B 319 20.82 7.96 -0.79
CA MET B 319 21.54 8.23 0.48
C MET B 319 23.06 8.35 0.22
N LEU B 320 23.63 7.52 -0.66
CA LEU B 320 25.09 7.32 -0.78
C LEU B 320 25.64 7.79 -2.14
N GLY B 321 24.80 7.92 -3.17
CA GLY B 321 25.28 8.01 -4.56
C GLY B 321 26.19 6.82 -4.86
N SER B 322 27.47 7.07 -5.14
CA SER B 322 28.49 6.05 -5.47
C SER B 322 29.48 5.83 -4.31
N LYS B 323 29.22 6.39 -3.13
CA LYS B 323 30.13 6.22 -1.96
C LYS B 323 30.12 4.77 -1.50
N ALA B 324 31.27 4.30 -1.02
CA ALA B 324 31.45 2.96 -0.42
C ALA B 324 30.65 2.87 0.87
N GLY B 325 30.13 1.68 1.19
CA GLY B 325 29.32 1.44 2.40
C GLY B 325 30.20 1.29 3.63
N THR B 326 29.63 1.49 4.82
CA THR B 326 30.32 1.35 6.13
C THR B 326 30.70 -0.12 6.35
N GLY B 327 30.03 -1.06 5.68
CA GLY B 327 30.31 -2.51 5.79
C GLY B 327 31.47 -2.95 4.90
N GLY B 328 31.99 -2.06 4.06
CA GLY B 328 33.18 -2.30 3.23
C GLY B 328 32.85 -2.56 1.77
N SER B 329 31.56 -2.72 1.44
CA SER B 329 31.08 -2.96 0.05
C SER B 329 31.25 -1.67 -0.76
N SER B 330 31.12 -1.78 -2.09
CA SER B 330 31.02 -0.62 -3.02
C SER B 330 29.72 0.16 -2.79
N GLY B 331 28.80 -0.37 -1.97
CA GLY B 331 27.53 0.28 -1.63
C GLY B 331 26.47 -0.02 -2.68
N TYR B 332 26.00 1.02 -3.37
CA TYR B 332 24.93 0.98 -4.40
C TYR B 332 25.21 -0.14 -5.43
N HIS B 333 26.40 -0.13 -6.03
CA HIS B 333 26.80 -1.09 -7.10
C HIS B 333 26.70 -2.54 -6.58
N TYR B 334 27.21 -2.83 -5.37
CA TYR B 334 27.15 -4.18 -4.76
C TYR B 334 25.68 -4.59 -4.56
N LEU B 335 24.85 -3.69 -4.04
CA LEU B 335 23.45 -4.01 -3.70
C LEU B 335 22.67 -4.35 -4.98
N ARG B 336 22.92 -3.64 -6.09
CA ARG B 336 22.29 -3.92 -7.42
C ARG B 336 22.54 -5.39 -7.81
N SER B 337 23.74 -5.90 -7.55
CA SER B 337 24.17 -7.27 -7.96
C SER B 337 23.38 -8.33 -7.17
N THR B 338 22.83 -7.99 -6.00
CA THR B 338 22.00 -8.92 -5.16
C THR B 338 20.57 -9.04 -5.71
N VAL B 339 20.16 -8.12 -6.59
CA VAL B 339 18.85 -8.15 -7.31
C VAL B 339 19.06 -8.98 -8.58
N SER B 340 18.98 -10.30 -8.42
CA SER B 340 19.51 -11.32 -9.34
C SER B 340 18.86 -12.66 -9.00
N ASP B 341 18.66 -13.50 -10.01
CA ASP B 341 18.05 -14.84 -9.84
C ASP B 341 19.03 -15.77 -9.10
N ARG B 342 20.27 -15.34 -8.85
CA ARG B 342 21.22 -16.01 -7.94
C ARG B 342 20.55 -16.25 -6.57
N TYR B 343 19.68 -15.34 -6.15
CA TYR B 343 19.03 -15.31 -4.81
C TYR B 343 17.59 -15.82 -4.88
N LYS B 344 17.13 -16.20 -6.08
CA LYS B 344 15.75 -16.72 -6.30
C LYS B 344 15.78 -18.22 -6.04
N VAL B 345 15.43 -18.62 -4.81
CA VAL B 345 15.53 -20.02 -4.32
C VAL B 345 14.57 -20.91 -5.11
N PHE B 346 13.36 -20.43 -5.39
CA PHE B 346 12.29 -21.21 -6.09
C PHE B 346 12.23 -20.81 -7.57
N VAL B 347 13.38 -20.43 -8.14
CA VAL B 347 13.56 -20.11 -9.59
C VAL B 347 12.87 -21.20 -10.44
N ASP B 348 12.97 -22.47 -10.07
CA ASP B 348 12.38 -23.60 -10.86
C ASP B 348 10.86 -23.45 -10.97
N LEU B 349 10.18 -22.99 -9.92
CA LEU B 349 8.69 -22.83 -9.93
C LEU B 349 8.30 -21.76 -10.96
N PHE B 350 9.06 -20.68 -11.06
CA PHE B 350 8.88 -19.62 -12.09
C PHE B 350 9.13 -20.21 -13.47
N ASN B 351 10.23 -20.95 -13.62
CA ASN B 351 10.73 -21.37 -14.96
C ASN B 351 9.86 -22.51 -15.50
N LEU B 352 9.08 -23.19 -14.65
CA LEU B 352 8.14 -24.23 -15.10
C LEU B 352 7.10 -23.64 -16.06
N SER B 353 6.83 -22.32 -15.99
CA SER B 353 5.91 -21.62 -16.91
C SER B 353 6.44 -21.67 -18.35
N THR B 354 7.74 -21.91 -18.53
CA THR B 354 8.39 -22.16 -19.85
C THR B 354 7.70 -23.33 -20.58
N TYR B 355 7.11 -24.30 -19.87
CA TYR B 355 6.65 -25.58 -20.47
C TYR B 355 5.12 -25.71 -20.41
N LEU B 356 4.39 -24.61 -20.25
CA LEU B 356 2.90 -24.67 -20.31
C LEU B 356 2.50 -24.98 -21.75
N ILE B 357 1.45 -25.80 -21.91
CA ILE B 357 1.02 -26.41 -23.19
C ILE B 357 -0.48 -26.21 -23.34
N PRO B 358 -1.06 -26.34 -24.55
CA PRO B 358 -2.50 -26.27 -24.71
C PRO B 358 -3.16 -27.25 -23.72
N ARG B 359 -4.27 -26.84 -23.11
CA ARG B 359 -5.02 -27.63 -22.09
C ARG B 359 -5.22 -29.06 -22.60
N HIS B 360 -5.57 -29.23 -23.88
CA HIS B 360 -6.04 -30.53 -24.43
C HIS B 360 -4.86 -31.51 -24.61
N TRP B 361 -3.60 -31.05 -24.50
CA TRP B 361 -2.40 -31.93 -24.50
C TRP B 361 -2.18 -32.54 -23.11
N ILE B 362 -2.76 -31.97 -22.06
CA ILE B 362 -2.52 -32.44 -20.67
C ILE B 362 -3.15 -33.82 -20.53
N PRO B 363 -2.41 -34.83 -20.02
CA PRO B 363 -2.96 -36.17 -19.82
C PRO B 363 -4.30 -36.13 -19.05
N LYS B 364 -5.30 -36.85 -19.55
CA LYS B 364 -6.67 -36.93 -18.98
C LYS B 364 -6.63 -37.69 -17.66
N MET B 365 -7.54 -37.36 -16.75
CA MET B 365 -7.74 -38.11 -15.47
C MET B 365 -8.92 -39.09 -15.63
N ASN B 366 -8.63 -40.39 -15.50
CA ASN B 366 -9.65 -41.48 -15.39
C ASN B 366 -10.46 -41.26 -14.11
N PRO B 367 -11.76 -41.63 -14.06
CA PRO B 367 -12.55 -41.55 -12.83
C PRO B 367 -11.87 -42.14 -11.58
N THR B 368 -10.91 -43.05 -11.76
CA THR B 368 -10.12 -43.69 -10.66
C THR B 368 -9.03 -42.73 -10.16
N ILE B 369 -8.32 -42.06 -11.07
CA ILE B 369 -7.31 -41.00 -10.74
C ILE B 369 -8.00 -39.87 -9.96
N HIS B 370 -9.18 -39.44 -10.46
CA HIS B 370 -10.08 -38.43 -9.83
C HIS B 370 -10.44 -38.84 -8.38
N LYS B 371 -10.88 -40.09 -8.18
CA LYS B 371 -11.32 -40.64 -6.87
C LYS B 371 -10.16 -40.61 -5.88
N PHE B 372 -8.94 -40.89 -6.33
CA PHE B 372 -7.71 -40.94 -5.50
C PHE B 372 -7.30 -39.52 -5.06
N LEU B 373 -7.71 -38.49 -5.81
CA LEU B 373 -7.36 -37.06 -5.54
C LEU B 373 -8.61 -36.31 -5.06
N GLY C 23 -2.95 -8.24 -38.16
CA GLY C 23 -2.57 -8.71 -36.78
C GLY C 23 -3.14 -7.81 -35.70
N LEU C 24 -3.45 -8.39 -34.53
CA LEU C 24 -3.96 -7.65 -33.33
C LEU C 24 -2.95 -6.55 -32.97
N ILE C 25 -3.45 -5.36 -32.61
CA ILE C 25 -2.61 -4.23 -32.09
C ILE C 25 -3.11 -3.87 -30.68
N TYR C 26 -2.17 -3.65 -29.76
CA TYR C 26 -2.41 -3.28 -28.33
C TYR C 26 -3.60 -2.31 -28.18
N GLY C 27 -3.51 -1.13 -28.79
CA GLY C 27 -4.54 -0.07 -28.67
C GLY C 27 -5.91 -0.54 -29.15
N ASN C 28 -5.94 -1.28 -30.26
CA ASN C 28 -7.18 -1.88 -30.83
C ASN C 28 -7.69 -2.94 -29.86
N TYR C 29 -6.80 -3.83 -29.39
CA TYR C 29 -7.14 -4.94 -28.46
C TYR C 29 -7.90 -4.37 -27.25
N LEU C 30 -7.37 -3.30 -26.66
CA LEU C 30 -7.88 -2.67 -25.41
C LEU C 30 -8.94 -1.60 -25.73
N HIS C 31 -9.27 -1.38 -27.01
CA HIS C 31 -10.24 -0.34 -27.44
C HIS C 31 -9.91 1.00 -26.75
N LEU C 32 -8.66 1.45 -26.87
CA LEU C 32 -8.18 2.75 -26.33
C LEU C 32 -8.77 3.91 -27.17
N GLU C 33 -9.25 3.64 -28.39
CA GLU C 33 -9.99 4.65 -29.19
C GLU C 33 -11.24 5.09 -28.41
N LYS C 34 -11.75 4.25 -27.50
CA LYS C 34 -12.89 4.58 -26.62
C LYS C 34 -12.38 5.10 -25.26
N VAL C 35 -11.53 4.32 -24.60
CA VAL C 35 -11.12 4.53 -23.19
C VAL C 35 -10.40 5.88 -23.04
N LEU C 36 -9.56 6.23 -24.01
CA LEU C 36 -8.70 7.44 -23.98
C LEU C 36 -9.30 8.56 -24.83
N ASN C 37 -10.57 8.46 -25.23
CA ASN C 37 -11.36 9.56 -25.86
C ASN C 37 -12.70 9.71 -25.12
N ALA C 38 -12.67 9.59 -23.79
CA ALA C 38 -13.86 9.61 -22.91
C ALA C 38 -13.69 10.68 -21.84
N GLN C 39 -12.75 11.60 -22.01
CA GLN C 39 -12.41 12.66 -21.01
C GLN C 39 -12.86 14.02 -21.56
N GLU C 40 -14.02 14.51 -21.10
CA GLU C 40 -14.56 15.85 -21.46
C GLU C 40 -14.70 16.64 -20.16
N LEU C 41 -13.85 17.65 -19.96
CA LEU C 41 -13.93 18.55 -18.78
C LEU C 41 -15.13 19.46 -18.98
N GLN C 42 -16.14 19.36 -18.10
CA GLN C 42 -17.36 20.22 -18.13
C GLN C 42 -16.97 21.69 -17.94
N SER C 43 -15.93 21.96 -17.14
CA SER C 43 -15.38 23.33 -16.94
C SER C 43 -14.94 23.90 -18.30
N GLU C 44 -14.28 23.08 -19.12
CA GLU C 44 -13.75 23.45 -20.47
C GLU C 44 -14.92 23.58 -21.46
N THR C 45 -15.91 22.68 -21.39
CA THR C 45 -17.16 22.74 -22.20
C THR C 45 -17.87 24.08 -21.95
N LYS C 46 -17.86 24.57 -20.71
CA LYS C 46 -18.54 25.83 -20.29
C LYS C 46 -17.59 27.02 -20.34
N GLY C 47 -16.44 26.88 -21.00
CA GLY C 47 -15.53 28.00 -21.35
C GLY C 47 -14.62 28.42 -20.22
N ASN C 48 -14.39 27.57 -19.22
CA ASN C 48 -13.57 27.91 -18.02
C ASN C 48 -12.82 26.65 -17.53
N LYS C 49 -11.92 26.12 -18.36
CA LYS C 49 -11.16 24.86 -18.13
C LYS C 49 -10.41 24.89 -16.79
N ILE C 50 -10.74 23.98 -15.87
CA ILE C 50 -10.02 23.82 -14.58
C ILE C 50 -9.19 22.52 -14.64
N HIS C 51 -7.87 22.65 -14.48
CA HIS C 51 -6.85 21.57 -14.64
C HIS C 51 -7.23 20.32 -13.84
N ASP C 52 -7.61 20.46 -12.57
CA ASP C 52 -7.79 19.30 -11.64
C ASP C 52 -9.07 18.51 -11.99
N GLU C 53 -9.95 19.02 -12.85
CA GLU C 53 -11.17 18.27 -13.28
C GLU C 53 -10.74 17.02 -14.06
N HIS C 54 -9.61 17.07 -14.77
CA HIS C 54 -9.08 15.89 -15.50
C HIS C 54 -8.82 14.75 -14.50
N LEU C 55 -8.10 15.01 -13.41
CA LEU C 55 -7.85 14.02 -12.32
C LEU C 55 -9.20 13.45 -11.83
N PHE C 56 -10.17 14.34 -11.64
CA PHE C 56 -11.50 14.00 -11.07
C PHE C 56 -12.17 12.96 -11.97
N ILE C 57 -12.16 13.19 -13.28
CA ILE C 57 -12.79 12.30 -14.30
C ILE C 57 -12.04 10.95 -14.34
N ILE C 58 -10.71 10.97 -14.48
CA ILE C 58 -9.88 9.74 -14.60
C ILE C 58 -10.10 8.86 -13.36
N THR C 59 -10.03 9.44 -12.16
CA THR C 59 -10.20 8.70 -10.88
C THR C 59 -11.51 7.89 -10.94
N HIS C 60 -12.63 8.55 -11.26
CA HIS C 60 -13.98 7.92 -11.27
C HIS C 60 -14.03 6.83 -12.34
N GLN C 61 -13.46 7.09 -13.51
CA GLN C 61 -13.43 6.13 -14.65
C GLN C 61 -12.66 4.87 -14.22
N ALA C 62 -11.52 5.04 -13.55
CA ALA C 62 -10.70 3.93 -13.03
C ALA C 62 -11.51 3.14 -11.98
N TYR C 63 -12.17 3.82 -11.05
CA TYR C 63 -13.09 3.16 -10.09
C TYR C 63 -14.13 2.33 -10.88
N GLU C 64 -14.73 2.89 -11.93
CA GLU C 64 -15.86 2.22 -12.66
C GLU C 64 -15.34 0.98 -13.40
N LEU C 65 -14.17 1.05 -14.04
CA LEU C 65 -13.53 -0.12 -14.68
C LEU C 65 -13.39 -1.25 -13.65
N TRP C 66 -12.97 -0.94 -12.42
CA TRP C 66 -12.72 -1.95 -11.37
C TRP C 66 -14.05 -2.48 -10.82
N PHE C 67 -15.06 -1.61 -10.66
CA PHE C 67 -16.45 -2.02 -10.33
C PHE C 67 -16.91 -3.07 -11.36
N LYS C 68 -16.68 -2.80 -12.65
CA LYS C 68 -17.08 -3.73 -13.74
C LYS C 68 -16.37 -5.07 -13.55
N GLN C 69 -15.08 -5.06 -13.20
CA GLN C 69 -14.27 -6.29 -12.97
C GLN C 69 -14.82 -7.06 -11.77
N ILE C 70 -15.18 -6.37 -10.69
CA ILE C 70 -15.73 -7.00 -9.46
C ILE C 70 -17.06 -7.68 -9.81
N LEU C 71 -17.92 -7.02 -10.58
CA LEU C 71 -19.22 -7.57 -11.05
C LEU C 71 -18.97 -8.83 -11.90
N TRP C 72 -17.98 -8.79 -12.80
CA TRP C 72 -17.55 -9.92 -13.66
C TRP C 72 -17.18 -11.13 -12.79
N GLU C 73 -16.36 -10.91 -11.75
CA GLU C 73 -15.93 -11.99 -10.83
C GLU C 73 -17.14 -12.47 -10.02
N LEU C 74 -17.91 -11.53 -9.47
CA LEU C 74 -19.03 -11.81 -8.52
C LEU C 74 -20.16 -12.57 -9.25
N ASP C 75 -20.52 -12.16 -10.46
CA ASP C 75 -21.56 -12.85 -11.28
C ASP C 75 -21.07 -14.27 -11.62
N SER C 76 -19.81 -14.45 -12.02
CA SER C 76 -19.24 -15.77 -12.37
C SER C 76 -19.32 -16.69 -11.15
N VAL C 77 -19.11 -16.16 -9.95
CA VAL C 77 -19.17 -16.97 -8.69
C VAL C 77 -20.63 -17.25 -8.34
N ARG C 78 -21.52 -16.28 -8.51
CA ARG C 78 -22.99 -16.47 -8.30
C ARG C 78 -23.46 -17.63 -9.20
N GLU C 79 -23.03 -17.64 -10.46
CA GLU C 79 -23.46 -18.63 -11.48
C GLU C 79 -22.93 -20.03 -11.12
N ILE C 80 -21.70 -20.12 -10.60
CA ILE C 80 -21.11 -21.42 -10.15
C ILE C 80 -21.98 -22.01 -9.03
N PHE C 81 -22.43 -21.19 -8.08
CA PHE C 81 -23.32 -21.63 -6.97
C PHE C 81 -24.68 -22.04 -7.56
N GLN C 82 -25.26 -21.17 -8.38
CA GLN C 82 -26.67 -21.25 -8.85
C GLN C 82 -26.85 -22.42 -9.84
N ASN C 83 -25.83 -22.74 -10.63
CA ASN C 83 -25.91 -23.79 -11.69
C ASN C 83 -25.47 -25.16 -11.13
N GLY C 84 -25.15 -25.24 -9.83
CA GLY C 84 -24.84 -26.50 -9.13
C GLY C 84 -23.36 -26.86 -9.13
N HIS C 85 -22.53 -26.22 -9.95
CA HIS C 85 -21.08 -26.54 -10.11
C HIS C 85 -20.34 -26.46 -8.77
N VAL C 86 -20.80 -25.63 -7.82
CA VAL C 86 -20.17 -25.51 -6.47
C VAL C 86 -20.30 -26.85 -5.72
N ARG C 87 -21.27 -27.68 -6.09
CA ARG C 87 -21.50 -29.02 -5.47
C ARG C 87 -20.28 -29.89 -5.75
N ASP C 88 -19.68 -29.72 -6.94
CA ASP C 88 -18.38 -30.34 -7.33
C ASP C 88 -17.24 -29.58 -6.63
N GLU C 89 -16.64 -30.18 -5.61
CA GLU C 89 -15.68 -29.51 -4.68
C GLU C 89 -14.36 -29.25 -5.41
N ARG C 90 -14.21 -29.70 -6.66
CA ARG C 90 -13.01 -29.40 -7.49
C ARG C 90 -13.10 -27.93 -7.95
N ASN C 91 -14.27 -27.29 -7.83
CA ASN C 91 -14.49 -25.88 -8.24
C ASN C 91 -14.22 -24.89 -7.10
N MET C 92 -13.81 -25.35 -5.92
CA MET C 92 -13.64 -24.48 -4.72
C MET C 92 -12.40 -23.58 -4.90
N LEU C 93 -11.33 -24.06 -5.54
CA LEU C 93 -10.11 -23.24 -5.77
C LEU C 93 -10.46 -22.03 -6.63
N LYS C 94 -11.25 -22.25 -7.67
CA LYS C 94 -11.77 -21.20 -8.58
C LYS C 94 -12.61 -20.20 -7.78
N VAL C 95 -13.53 -20.69 -6.95
CA VAL C 95 -14.46 -19.84 -6.16
C VAL C 95 -13.65 -18.95 -5.21
N VAL C 96 -12.71 -19.53 -4.47
CA VAL C 96 -11.95 -18.77 -3.43
C VAL C 96 -10.96 -17.81 -4.12
N SER C 97 -10.35 -18.20 -5.24
CA SER C 97 -9.38 -17.35 -5.99
C SER C 97 -10.10 -16.09 -6.44
N ARG C 98 -11.30 -16.25 -6.99
CA ARG C 98 -12.10 -15.15 -7.59
C ARG C 98 -12.61 -14.23 -6.49
N MET C 99 -13.08 -14.78 -5.37
CA MET C 99 -13.56 -13.96 -4.22
C MET C 99 -12.36 -13.24 -3.61
N HIS C 100 -11.22 -13.93 -3.46
CA HIS C 100 -9.97 -13.30 -2.97
C HIS C 100 -9.55 -12.17 -3.94
N ARG C 101 -9.66 -12.41 -5.25
CA ARG C 101 -9.38 -11.39 -6.29
C ARG C 101 -10.24 -10.14 -6.02
N VAL C 102 -11.52 -10.30 -5.69
CA VAL C 102 -12.42 -9.14 -5.38
C VAL C 102 -11.78 -8.36 -4.23
N SER C 103 -11.33 -9.03 -3.18
CA SER C 103 -10.70 -8.43 -1.98
C SER C 103 -9.46 -7.62 -2.39
N VAL C 104 -8.64 -8.16 -3.28
CA VAL C 104 -7.38 -7.52 -3.73
C VAL C 104 -7.74 -6.26 -4.55
N ILE C 105 -8.77 -6.33 -5.38
CA ILE C 105 -9.26 -5.15 -6.18
C ILE C 105 -9.75 -4.08 -5.21
N LEU C 106 -10.61 -4.43 -4.25
CA LEU C 106 -11.15 -3.47 -3.23
C LEU C 106 -10.00 -2.83 -2.44
N LYS C 107 -8.97 -3.59 -2.06
CA LYS C 107 -7.79 -3.03 -1.35
C LYS C 107 -7.20 -1.89 -2.19
N LEU C 108 -6.98 -2.12 -3.48
CA LEU C 108 -6.47 -1.06 -4.39
C LEU C 108 -7.43 0.13 -4.40
N LEU C 109 -8.74 -0.14 -4.47
CA LEU C 109 -9.78 0.92 -4.58
C LEU C 109 -9.80 1.78 -3.30
N VAL C 110 -9.58 1.17 -2.13
CA VAL C 110 -9.40 1.90 -0.85
C VAL C 110 -8.17 2.82 -0.98
N GLN C 111 -7.03 2.28 -1.42
CA GLN C 111 -5.73 3.03 -1.59
C GLN C 111 -5.89 4.15 -2.63
N GLN C 112 -6.73 3.94 -3.64
CA GLN C 112 -6.85 4.82 -4.82
C GLN C 112 -7.37 6.21 -4.39
N PHE C 113 -8.02 6.34 -3.23
CA PHE C 113 -8.50 7.65 -2.71
C PHE C 113 -7.29 8.59 -2.50
N SER C 114 -6.13 8.03 -2.16
CA SER C 114 -4.88 8.80 -1.95
C SER C 114 -4.58 9.68 -3.19
N ILE C 115 -4.93 9.23 -4.40
CA ILE C 115 -4.64 10.00 -5.65
C ILE C 115 -5.52 11.26 -5.66
N LEU C 116 -6.83 11.11 -5.44
CA LEU C 116 -7.81 12.23 -5.57
C LEU C 116 -7.60 13.20 -4.40
N GLU C 117 -7.05 12.72 -3.29
CA GLU C 117 -6.74 13.56 -2.10
C GLU C 117 -5.58 14.54 -2.42
N THR C 118 -4.84 14.35 -3.51
CA THR C 118 -3.81 15.34 -3.97
C THR C 118 -4.51 16.54 -4.64
N MET C 119 -5.84 16.49 -4.79
CA MET C 119 -6.67 17.67 -5.18
C MET C 119 -7.08 18.41 -3.91
N THR C 120 -6.71 19.68 -3.76
CA THR C 120 -7.15 20.53 -2.61
C THR C 120 -8.63 20.85 -2.79
N ALA C 121 -9.34 21.07 -1.68
CA ALA C 121 -10.77 21.47 -1.66
C ALA C 121 -10.95 22.75 -2.48
N LEU C 122 -9.94 23.64 -2.47
CA LEU C 122 -10.00 24.96 -3.15
C LEU C 122 -9.98 24.79 -4.68
N ASP C 123 -9.19 23.86 -5.20
CA ASP C 123 -9.12 23.56 -6.66
C ASP C 123 -10.41 22.82 -7.07
N PHE C 124 -10.94 21.95 -6.23
CA PHE C 124 -12.22 21.24 -6.46
C PHE C 124 -13.35 22.27 -6.58
N ASN C 125 -13.38 23.22 -5.65
CA ASN C 125 -14.36 24.34 -5.59
C ASN C 125 -14.39 25.11 -6.91
N ASP C 126 -13.29 25.11 -7.69
CA ASP C 126 -13.22 25.86 -8.97
C ASP C 126 -14.02 25.18 -10.09
N PHE C 127 -14.34 23.87 -9.99
CA PHE C 127 -15.12 23.20 -11.06
C PHE C 127 -16.37 22.52 -10.51
N ARG C 128 -16.61 22.57 -9.20
CA ARG C 128 -17.73 21.86 -8.55
C ARG C 128 -19.08 22.31 -9.17
N GLU C 129 -19.22 23.59 -9.51
CA GLU C 129 -20.50 24.20 -10.00
C GLU C 129 -20.94 23.52 -11.31
N TYR C 130 -20.02 22.91 -12.07
CA TYR C 130 -20.30 22.31 -13.40
C TYR C 130 -20.84 20.88 -13.25
N LEU C 131 -20.89 20.33 -12.04
CA LEU C 131 -21.21 18.89 -11.79
C LEU C 131 -22.71 18.70 -11.52
N SER C 132 -23.38 19.68 -10.92
CA SER C 132 -24.80 19.58 -10.50
C SER C 132 -25.71 19.36 -11.71
N PRO C 133 -26.75 18.49 -11.63
CA PRO C 133 -27.08 17.71 -10.43
C PRO C 133 -26.55 16.26 -10.43
N ALA C 134 -25.49 15.95 -11.19
CA ALA C 134 -24.88 14.61 -11.24
C ALA C 134 -24.28 14.28 -9.88
N SER C 135 -24.21 12.99 -9.54
CA SER C 135 -23.63 12.50 -8.26
C SER C 135 -23.37 10.99 -8.34
N GLY C 136 -22.75 10.45 -7.28
CA GLY C 136 -22.42 9.03 -7.12
C GLY C 136 -23.66 8.18 -6.88
N PHE C 137 -24.79 8.79 -6.49
CA PHE C 137 -26.11 8.13 -6.37
C PHE C 137 -26.52 7.56 -7.73
N GLN C 138 -25.90 8.02 -8.81
CA GLN C 138 -26.20 7.62 -10.21
C GLN C 138 -25.14 6.62 -10.71
N SER C 139 -24.29 6.09 -9.83
CA SER C 139 -23.37 4.97 -10.17
C SER C 139 -24.18 3.67 -10.18
N LEU C 140 -24.60 3.25 -11.38
CA LEU C 140 -25.34 1.98 -11.62
C LEU C 140 -24.53 0.80 -11.06
N GLN C 141 -23.25 0.71 -11.40
CA GLN C 141 -22.38 -0.44 -11.02
C GLN C 141 -22.24 -0.55 -9.49
N PHE C 142 -22.08 0.57 -8.78
CA PHE C 142 -21.97 0.53 -7.30
C PHE C 142 -23.25 -0.08 -6.70
N ARG C 143 -24.43 0.31 -7.22
CA ARG C 143 -25.73 -0.23 -6.72
C ARG C 143 -25.82 -1.72 -7.06
N LEU C 144 -25.51 -2.11 -8.31
CA LEU C 144 -25.48 -3.53 -8.76
C LEU C 144 -24.58 -4.35 -7.81
N LEU C 145 -23.42 -3.83 -7.45
CA LEU C 145 -22.42 -4.51 -6.57
C LEU C 145 -23.04 -4.74 -5.18
N GLU C 146 -23.57 -3.69 -4.57
CA GLU C 146 -24.25 -3.75 -3.24
C GLU C 146 -25.36 -4.82 -3.28
N ASN C 147 -26.23 -4.75 -4.28
CA ASN C 147 -27.39 -5.65 -4.46
C ASN C 147 -26.91 -7.09 -4.62
N LYS C 148 -25.99 -7.35 -5.54
CA LYS C 148 -25.53 -8.72 -5.92
C LYS C 148 -24.82 -9.40 -4.75
N ILE C 149 -24.17 -8.64 -3.85
CA ILE C 149 -23.55 -9.20 -2.61
C ILE C 149 -24.68 -9.51 -1.63
N GLY C 150 -25.70 -8.65 -1.55
CA GLY C 150 -26.94 -8.91 -0.80
C GLY C 150 -27.23 -7.86 0.26
N VAL C 151 -27.00 -6.58 -0.03
CA VAL C 151 -27.58 -5.46 0.76
C VAL C 151 -29.08 -5.42 0.43
N LEU C 152 -29.96 -5.39 1.44
CA LEU C 152 -31.43 -5.38 1.22
C LEU C 152 -31.94 -3.93 1.26
N GLN C 153 -32.94 -3.63 0.42
CA GLN C 153 -33.47 -2.26 0.16
C GLN C 153 -34.08 -1.67 1.45
N ASN C 154 -34.72 -2.51 2.27
CA ASN C 154 -35.43 -2.07 3.51
C ASN C 154 -34.42 -1.64 4.58
N MET C 155 -33.17 -2.11 4.49
CA MET C 155 -32.10 -1.86 5.50
C MET C 155 -31.23 -0.66 5.08
N ARG C 156 -31.40 -0.16 3.86
CA ARG C 156 -30.67 1.04 3.34
C ARG C 156 -31.08 2.29 4.14
N VAL C 157 -30.11 3.16 4.44
CA VAL C 157 -30.34 4.49 5.07
C VAL C 157 -31.04 5.38 4.04
N PRO C 158 -32.23 5.94 4.36
CA PRO C 158 -33.02 6.71 3.38
C PRO C 158 -32.31 7.96 2.84
N TYR C 164 -33.24 4.80 -3.66
CA TYR C 164 -31.98 4.87 -4.46
C TYR C 164 -32.30 4.67 -5.96
N ARG C 165 -33.23 3.77 -6.30
CA ARG C 165 -33.66 3.46 -7.69
C ARG C 165 -34.32 4.67 -8.36
N ASP C 166 -34.85 5.62 -7.56
CA ASP C 166 -35.42 6.90 -8.04
C ASP C 166 -34.40 7.65 -8.92
N ASN C 167 -33.11 7.31 -8.77
CA ASN C 167 -31.98 7.98 -9.47
C ASN C 167 -31.75 7.37 -10.86
N PHE C 168 -32.55 6.35 -11.25
CA PHE C 168 -32.38 5.59 -12.52
C PHE C 168 -33.72 5.46 -13.26
N LYS C 169 -33.64 5.18 -14.57
CA LYS C 169 -34.79 5.05 -15.50
C LYS C 169 -34.49 3.95 -16.53
N GLY C 170 -35.55 3.45 -17.20
CA GLY C 170 -35.46 2.58 -18.39
C GLY C 170 -34.64 1.32 -18.13
N GLU C 171 -33.64 1.07 -19.00
CA GLU C 171 -32.81 -0.16 -19.03
C GLU C 171 -32.07 -0.33 -17.69
N GLU C 172 -31.61 0.79 -17.12
CA GLU C 172 -30.78 0.81 -15.88
C GLU C 172 -31.64 0.46 -14.67
N ASN C 173 -32.81 1.07 -14.54
CA ASN C 173 -33.79 0.75 -13.47
C ASN C 173 -34.15 -0.74 -13.58
N GLU C 174 -34.25 -1.26 -14.80
CA GLU C 174 -34.52 -2.69 -15.10
C GLU C 174 -33.38 -3.54 -14.54
N LEU C 175 -32.15 -3.33 -15.01
CA LEU C 175 -30.93 -4.08 -14.55
C LEU C 175 -30.90 -4.11 -13.02
N LEU C 176 -31.23 -2.99 -12.37
CA LEU C 176 -31.18 -2.84 -10.87
C LEU C 176 -32.27 -3.70 -10.22
N LEU C 177 -33.48 -3.76 -10.80
CA LEU C 177 -34.59 -4.59 -10.26
C LEU C 177 -34.19 -6.07 -10.35
N LYS C 178 -33.61 -6.49 -11.47
CA LYS C 178 -33.05 -7.86 -11.68
C LYS C 178 -32.02 -8.14 -10.57
N SER C 179 -31.12 -7.19 -10.29
CA SER C 179 -30.04 -7.32 -9.26
C SER C 179 -30.65 -7.50 -7.87
N GLU C 180 -31.86 -6.98 -7.63
CA GLU C 180 -32.59 -7.10 -6.35
C GLU C 180 -33.37 -8.41 -6.31
N GLN C 181 -33.93 -8.84 -7.44
CA GLN C 181 -34.83 -10.03 -7.52
C GLN C 181 -34.01 -11.32 -7.64
N GLU C 182 -32.94 -11.32 -8.46
CA GLU C 182 -32.07 -12.50 -8.66
C GLU C 182 -31.36 -12.88 -7.35
N LYS C 183 -30.93 -14.14 -7.25
CA LYS C 183 -30.26 -14.70 -6.05
C LYS C 183 -28.98 -13.90 -5.77
N THR C 184 -28.82 -13.42 -4.53
CA THR C 184 -27.63 -12.69 -4.05
C THR C 184 -26.56 -13.69 -3.63
N LEU C 185 -25.31 -13.23 -3.49
CA LEU C 185 -24.20 -14.06 -2.98
C LEU C 185 -24.51 -14.52 -1.56
N LEU C 186 -25.23 -13.69 -0.79
CA LEU C 186 -25.68 -14.06 0.59
C LEU C 186 -26.59 -15.29 0.51
N GLU C 187 -27.57 -15.29 -0.40
CA GLU C 187 -28.59 -16.37 -0.52
C GLU C 187 -27.93 -17.65 -1.04
N LEU C 188 -27.11 -17.52 -2.07
CA LEU C 188 -26.41 -18.67 -2.71
C LEU C 188 -25.46 -19.33 -1.69
N VAL C 189 -24.70 -18.54 -0.92
CA VAL C 189 -23.81 -19.03 0.16
C VAL C 189 -24.67 -19.64 1.28
N GLU C 190 -25.80 -19.01 1.61
CA GLU C 190 -26.78 -19.53 2.61
C GLU C 190 -27.17 -20.96 2.26
N ALA C 191 -27.65 -21.20 1.04
CA ALA C 191 -28.15 -22.52 0.57
C ALA C 191 -27.02 -23.56 0.64
N TRP C 192 -25.80 -23.18 0.23
CA TRP C 192 -24.60 -24.04 0.27
C TRP C 192 -24.23 -24.38 1.72
N LEU C 193 -24.33 -23.40 2.64
CA LEU C 193 -23.96 -23.61 4.07
C LEU C 193 -24.93 -24.60 4.73
N GLU C 194 -26.20 -24.62 4.29
CA GLU C 194 -27.26 -25.51 4.83
C GLU C 194 -26.94 -26.98 4.52
N ARG C 195 -26.25 -27.25 3.41
CA ARG C 195 -25.87 -28.63 2.95
C ARG C 195 -24.52 -29.05 3.54
N THR C 196 -23.90 -28.23 4.40
CA THR C 196 -22.56 -28.52 4.98
C THR C 196 -22.61 -29.89 5.64
N PRO C 197 -21.71 -30.84 5.26
CA PRO C 197 -21.66 -32.16 5.89
C PRO C 197 -21.40 -32.10 7.41
N GLY C 198 -22.08 -32.97 8.16
CA GLY C 198 -21.92 -33.13 9.62
C GLY C 198 -23.09 -32.56 10.41
N LEU C 199 -24.06 -31.93 9.74
CA LEU C 199 -25.23 -31.25 10.37
C LEU C 199 -26.38 -32.24 10.55
N GLU C 200 -26.53 -33.20 9.62
CA GLU C 200 -27.61 -34.22 9.61
C GLU C 200 -27.79 -34.80 11.02
N PRO C 201 -29.00 -34.72 11.64
CA PRO C 201 -29.20 -35.25 12.99
C PRO C 201 -28.96 -36.76 13.08
N HIS C 202 -29.33 -37.51 12.04
CA HIS C 202 -29.14 -38.98 11.93
C HIS C 202 -27.65 -39.33 11.77
N GLY C 203 -26.83 -38.37 11.34
CA GLY C 203 -25.39 -38.55 11.06
C GLY C 203 -24.49 -38.14 12.21
N PHE C 204 -23.55 -37.23 11.96
CA PHE C 204 -22.55 -36.73 12.96
C PHE C 204 -23.26 -35.94 14.05
N ASN C 205 -24.41 -35.31 13.73
CA ASN C 205 -25.28 -34.57 14.66
C ASN C 205 -24.45 -33.52 15.43
N PHE C 206 -23.91 -32.54 14.71
CA PHE C 206 -23.01 -31.48 15.24
C PHE C 206 -23.75 -30.64 16.28
N TRP C 207 -24.95 -30.17 15.93
CA TRP C 207 -25.72 -29.19 16.75
C TRP C 207 -26.13 -29.82 18.09
N GLY C 208 -26.67 -31.04 18.07
CA GLY C 208 -27.01 -31.78 19.31
C GLY C 208 -25.79 -31.95 20.19
N LYS C 209 -24.69 -32.42 19.59
CA LYS C 209 -23.39 -32.71 20.25
C LYS C 209 -22.82 -31.43 20.87
N LEU C 210 -22.90 -30.32 20.14
CA LEU C 210 -22.35 -28.99 20.56
C LEU C 210 -23.12 -28.50 21.79
N GLU C 211 -24.44 -28.61 21.78
CA GLU C 211 -25.30 -28.20 22.93
C GLU C 211 -24.92 -29.01 24.17
N LYS C 212 -24.86 -30.34 24.03
CA LYS C 212 -24.46 -31.26 25.13
C LYS C 212 -23.14 -30.76 25.71
N ASN C 213 -22.13 -30.54 24.87
CA ASN C 213 -20.72 -30.30 25.28
C ASN C 213 -20.60 -28.92 25.96
N ILE C 214 -21.33 -27.91 25.48
CA ILE C 214 -21.34 -26.54 26.08
C ILE C 214 -22.08 -26.59 27.42
N THR C 215 -23.14 -27.39 27.53
CA THR C 215 -23.94 -27.57 28.79
C THR C 215 -23.02 -28.20 29.84
N ARG C 216 -22.37 -29.33 29.51
CA ARG C 216 -21.37 -30.00 30.39
C ARG C 216 -20.23 -29.02 30.71
N GLY C 217 -19.74 -28.30 29.70
CA GLY C 217 -18.63 -27.34 29.82
C GLY C 217 -18.91 -26.30 30.90
N LEU C 218 -20.11 -25.71 30.86
CA LEU C 218 -20.52 -24.59 31.76
C LEU C 218 -20.68 -25.08 33.19
N GLU C 219 -21.46 -26.15 33.41
CA GLU C 219 -21.75 -26.69 34.76
C GLU C 219 -20.47 -27.25 35.38
N GLU C 220 -19.51 -27.67 34.56
CA GLU C 220 -18.16 -28.15 34.98
C GLU C 220 -17.32 -26.97 35.47
N GLU C 221 -17.50 -25.79 34.86
CA GLU C 221 -16.74 -24.55 35.20
C GLU C 221 -17.36 -23.91 36.45
N PHE C 222 -18.69 -23.97 36.59
CA PHE C 222 -19.43 -23.51 37.80
C PHE C 222 -18.86 -24.25 39.02
N ILE C 223 -18.80 -25.58 38.92
CA ILE C 223 -18.23 -26.49 39.96
C ILE C 223 -16.82 -26.00 40.34
N ARG C 224 -15.98 -25.72 39.33
CA ARG C 224 -14.58 -25.24 39.51
C ARG C 224 -14.59 -23.90 40.24
N ILE C 225 -15.32 -22.91 39.70
CA ILE C 225 -15.36 -21.50 40.18
C ILE C 225 -15.83 -21.45 41.64
N GLN C 226 -16.94 -22.13 41.96
CA GLN C 226 -17.62 -22.07 43.28
C GLN C 226 -16.72 -22.67 44.37
N ALA C 227 -15.81 -23.58 43.99
CA ALA C 227 -14.79 -24.18 44.89
C ALA C 227 -13.54 -23.28 44.91
N GLU C 233 -11.97 -11.15 43.11
CA GLU C 233 -11.69 -12.25 42.14
C GLU C 233 -12.90 -13.20 42.07
N LYS C 234 -13.32 -13.75 43.20
CA LYS C 234 -14.40 -14.78 43.31
C LYS C 234 -15.76 -14.17 42.97
N GLU C 235 -15.96 -12.87 43.28
CA GLU C 235 -17.24 -12.15 43.03
C GLU C 235 -17.42 -11.93 41.52
N GLU C 236 -16.41 -11.35 40.85
CA GLU C 236 -16.44 -10.95 39.42
C GLU C 236 -16.39 -12.19 38.52
N GLN C 237 -15.87 -13.32 39.02
CA GLN C 237 -15.77 -14.61 38.28
C GLN C 237 -17.15 -15.25 38.18
N VAL C 238 -18.03 -15.04 39.17
CA VAL C 238 -19.44 -15.55 39.19
C VAL C 238 -20.29 -14.73 38.21
N ALA C 239 -20.03 -13.41 38.11
CA ALA C 239 -20.75 -12.47 37.23
C ALA C 239 -20.39 -12.73 35.76
N GLU C 240 -19.08 -12.82 35.45
CA GLU C 240 -18.55 -13.04 34.08
C GLU C 240 -19.08 -14.37 33.52
N PHE C 241 -19.18 -15.41 34.37
CA PHE C 241 -19.66 -16.76 34.01
C PHE C 241 -21.13 -16.73 33.57
N GLN C 242 -21.98 -16.06 34.35
CA GLN C 242 -23.45 -16.00 34.11
C GLN C 242 -23.72 -15.20 32.82
N LYS C 243 -22.88 -14.20 32.52
CA LYS C 243 -22.92 -13.42 31.25
C LYS C 243 -22.63 -14.37 30.09
N GLN C 244 -21.53 -15.12 30.18
CA GLN C 244 -21.05 -16.09 29.16
C GLN C 244 -22.10 -17.20 28.97
N LYS C 245 -22.60 -17.79 30.05
CA LYS C 245 -23.63 -18.88 30.01
C LYS C 245 -24.85 -18.39 29.21
N GLU C 246 -25.35 -17.21 29.57
CA GLU C 246 -26.56 -16.59 28.95
C GLU C 246 -26.38 -16.52 27.43
N VAL C 247 -25.24 -15.97 26.99
CA VAL C 247 -24.93 -15.70 25.56
C VAL C 247 -24.74 -17.03 24.82
N LEU C 248 -23.90 -17.92 25.35
CA LEU C 248 -23.55 -19.22 24.68
C LEU C 248 -24.82 -20.04 24.46
N LEU C 249 -25.68 -20.18 25.47
CA LEU C 249 -26.88 -21.06 25.40
C LEU C 249 -27.96 -20.39 24.55
N SER C 250 -27.91 -19.06 24.37
CA SER C 250 -28.83 -18.29 23.49
C SER C 250 -28.64 -18.71 22.02
N LEU C 251 -27.48 -19.26 21.68
CA LEU C 251 -27.14 -19.80 20.33
C LEU C 251 -28.16 -20.89 19.93
N PHE C 252 -28.66 -21.66 20.90
CA PHE C 252 -29.51 -22.86 20.67
C PHE C 252 -30.99 -22.47 20.60
N ASP C 253 -31.31 -21.22 20.92
CA ASP C 253 -32.69 -20.65 20.83
C ASP C 253 -32.99 -20.29 19.38
N GLU C 254 -33.58 -21.22 18.61
CA GLU C 254 -33.94 -21.02 17.18
C GLU C 254 -35.04 -19.97 17.05
N LYS C 255 -35.97 -19.91 18.02
CA LYS C 255 -37.07 -18.90 18.08
C LYS C 255 -36.45 -17.50 18.09
N ARG C 256 -35.44 -17.31 18.94
CA ARG C 256 -34.68 -16.04 19.10
C ARG C 256 -33.98 -15.67 17.77
N HIS C 257 -33.39 -16.65 17.08
CA HIS C 257 -32.71 -16.45 15.78
C HIS C 257 -33.70 -15.86 14.77
N GLU C 258 -34.88 -16.50 14.64
CA GLU C 258 -35.94 -16.12 13.66
C GLU C 258 -36.45 -14.69 13.97
N HIS C 259 -36.48 -14.31 15.25
CA HIS C 259 -36.89 -12.95 15.72
C HIS C 259 -35.90 -11.92 15.20
N LEU C 260 -34.60 -12.09 15.49
CA LEU C 260 -33.50 -11.18 15.08
C LEU C 260 -33.34 -11.20 13.55
N LEU C 261 -33.64 -12.34 12.91
CA LEU C 261 -33.57 -12.55 11.45
C LEU C 261 -34.67 -11.73 10.76
N SER C 262 -35.92 -11.84 11.23
CA SER C 262 -37.09 -11.08 10.71
C SER C 262 -36.87 -9.58 10.95
N LYS C 263 -36.16 -9.23 12.02
CA LYS C 263 -35.85 -7.82 12.41
C LYS C 263 -34.57 -7.36 11.70
N GLY C 264 -34.10 -8.10 10.69
CA GLY C 264 -32.99 -7.70 9.78
C GLY C 264 -31.64 -7.66 10.46
N GLU C 265 -31.55 -8.06 11.74
CA GLU C 265 -30.33 -7.94 12.59
C GLU C 265 -29.42 -9.15 12.34
N ARG C 266 -30.00 -10.25 11.85
CA ARG C 266 -29.28 -11.43 11.28
C ARG C 266 -29.79 -11.64 9.86
N ARG C 267 -29.03 -12.37 9.04
CA ARG C 267 -29.26 -12.50 7.58
C ARG C 267 -29.32 -13.97 7.16
N LEU C 268 -28.47 -14.82 7.76
CA LEU C 268 -28.38 -16.26 7.42
C LEU C 268 -29.49 -17.02 8.15
N SER C 269 -30.07 -18.03 7.48
CA SER C 269 -30.92 -19.08 8.11
C SER C 269 -30.15 -19.66 9.30
N TYR C 270 -30.88 -20.30 10.22
CA TYR C 270 -30.33 -20.93 11.45
C TYR C 270 -29.44 -22.13 11.04
N ARG C 271 -29.85 -22.89 10.02
CA ARG C 271 -29.09 -24.06 9.53
C ARG C 271 -27.79 -23.60 8.84
N ALA C 272 -27.84 -22.53 8.04
CA ALA C 272 -26.65 -21.90 7.40
C ALA C 272 -25.65 -21.51 8.50
N LEU C 273 -26.15 -20.91 9.58
CA LEU C 273 -25.32 -20.48 10.74
C LEU C 273 -24.58 -21.68 11.33
N GLN C 274 -25.24 -22.84 11.38
CA GLN C 274 -24.66 -24.09 11.94
C GLN C 274 -23.55 -24.59 11.02
N GLY C 275 -23.79 -24.56 9.70
CA GLY C 275 -22.78 -24.87 8.66
C GLY C 275 -21.54 -24.03 8.83
N ALA C 276 -21.70 -22.71 8.94
CA ALA C 276 -20.59 -21.74 9.13
C ALA C 276 -19.76 -22.15 10.35
N LEU C 277 -20.42 -22.42 11.46
CA LEU C 277 -19.73 -22.72 12.75
C LEU C 277 -19.03 -24.08 12.65
N MET C 278 -19.64 -25.03 11.92
CA MET C 278 -19.04 -26.35 11.60
C MET C 278 -17.71 -26.13 10.86
N ILE C 279 -17.71 -25.30 9.83
CA ILE C 279 -16.50 -25.00 9.01
C ILE C 279 -15.45 -24.30 9.88
N TYR C 280 -15.86 -23.39 10.78
CA TYR C 280 -14.92 -22.65 11.67
C TYR C 280 -14.20 -23.65 12.57
N PHE C 281 -14.96 -24.51 13.25
CA PHE C 281 -14.44 -25.44 14.28
C PHE C 281 -13.61 -26.55 13.61
N TYR C 282 -14.02 -27.05 12.45
CA TYR C 282 -13.38 -28.22 11.79
C TYR C 282 -12.62 -27.78 10.52
N ARG C 283 -12.19 -26.51 10.48
CA ARG C 283 -11.56 -25.87 9.29
C ARG C 283 -10.34 -26.65 8.80
N GLU C 284 -9.59 -27.32 9.69
CA GLU C 284 -8.37 -28.06 9.32
C GLU C 284 -8.74 -29.36 8.57
N GLU C 285 -9.94 -29.91 8.76
CA GLU C 285 -10.41 -31.10 8.00
C GLU C 285 -10.30 -30.78 6.51
N PRO C 286 -9.55 -31.58 5.72
CA PRO C 286 -9.28 -31.27 4.31
C PRO C 286 -10.44 -30.63 3.53
N ARG C 287 -11.64 -31.22 3.60
CA ARG C 287 -12.82 -30.79 2.82
C ARG C 287 -13.35 -29.42 3.30
N PHE C 288 -12.91 -28.94 4.46
CA PHE C 288 -13.36 -27.65 5.05
C PHE C 288 -12.29 -26.56 4.90
N GLN C 289 -11.07 -26.90 4.45
CA GLN C 289 -9.92 -25.97 4.39
C GLN C 289 -10.24 -24.79 3.46
N VAL C 290 -10.58 -25.07 2.21
CA VAL C 290 -10.87 -24.00 1.21
C VAL C 290 -12.22 -23.34 1.54
N PRO C 291 -13.28 -24.08 1.94
CA PRO C 291 -14.48 -23.44 2.49
C PRO C 291 -14.20 -22.39 3.59
N PHE C 292 -13.28 -22.65 4.52
CA PHE C 292 -12.93 -21.70 5.60
C PHE C 292 -12.30 -20.43 4.99
N GLN C 293 -11.37 -20.63 4.04
CA GLN C 293 -10.75 -19.54 3.26
C GLN C 293 -11.86 -18.69 2.63
N LEU C 294 -12.88 -19.33 2.04
CA LEU C 294 -14.03 -18.63 1.41
C LEU C 294 -14.78 -17.78 2.44
N LEU C 295 -15.07 -18.33 3.63
CA LEU C 295 -15.81 -17.60 4.70
C LEU C 295 -14.96 -16.40 5.15
N THR C 296 -13.65 -16.59 5.30
CA THR C 296 -12.67 -15.50 5.61
C THR C 296 -12.76 -14.42 4.52
N SER C 297 -12.83 -14.79 3.23
CA SER C 297 -12.88 -13.84 2.08
C SER C 297 -14.18 -13.03 2.08
N LEU C 298 -15.32 -13.64 2.43
CA LEU C 298 -16.64 -12.96 2.47
C LEU C 298 -16.62 -11.87 3.54
N MET C 299 -15.98 -12.15 4.67
CA MET C 299 -15.77 -11.18 5.77
C MET C 299 -14.78 -10.09 5.30
N ASP C 300 -13.72 -10.46 4.57
CA ASP C 300 -12.74 -9.48 4.02
C ASP C 300 -13.44 -8.49 3.09
N ILE C 301 -14.39 -8.96 2.28
CA ILE C 301 -15.13 -8.11 1.29
C ILE C 301 -16.04 -7.12 2.03
N ASP C 302 -16.74 -7.55 3.08
CA ASP C 302 -17.57 -6.64 3.92
C ASP C 302 -16.69 -5.57 4.54
N SER C 303 -15.58 -6.00 5.15
CA SER C 303 -14.61 -5.11 5.84
C SER C 303 -14.05 -4.09 4.84
N LEU C 304 -13.69 -4.52 3.64
CA LEU C 304 -13.07 -3.64 2.62
C LEU C 304 -14.12 -2.72 1.99
N MET C 305 -15.36 -3.19 1.84
CA MET C 305 -16.49 -2.37 1.33
C MET C 305 -16.75 -1.22 2.32
N THR C 306 -16.79 -1.49 3.62
CA THR C 306 -17.02 -0.45 4.65
C THR C 306 -15.78 0.46 4.74
N LYS C 307 -14.58 -0.07 4.55
CA LYS C 307 -13.34 0.77 4.52
C LYS C 307 -13.37 1.70 3.31
N TRP C 308 -13.87 1.22 2.16
CA TRP C 308 -14.05 2.05 0.95
C TRP C 308 -14.97 3.22 1.31
N ARG C 309 -16.12 2.92 1.91
CA ARG C 309 -17.13 3.91 2.37
C ARG C 309 -16.48 4.92 3.31
N TYR C 310 -15.64 4.47 4.27
CA TYR C 310 -15.05 5.36 5.30
C TYR C 310 -13.93 6.23 4.70
N ASN C 311 -13.14 5.71 3.75
CA ASN C 311 -12.13 6.53 3.02
C ASN C 311 -12.86 7.59 2.18
N HIS C 312 -13.99 7.24 1.54
CA HIS C 312 -14.86 8.19 0.78
C HIS C 312 -15.34 9.29 1.74
N VAL C 313 -15.80 8.92 2.93
CA VAL C 313 -16.25 9.85 4.02
C VAL C 313 -15.13 10.82 4.37
N CYS C 314 -13.93 10.32 4.69
CA CYS C 314 -12.78 11.12 5.19
C CYS C 314 -12.37 12.18 4.15
N MET C 315 -12.30 11.80 2.88
CA MET C 315 -11.99 12.71 1.75
C MET C 315 -13.10 13.76 1.62
N VAL C 316 -14.37 13.33 1.58
CA VAL C 316 -15.54 14.22 1.32
C VAL C 316 -15.62 15.29 2.42
N HIS C 317 -15.25 14.95 3.66
CA HIS C 317 -15.24 15.91 4.79
C HIS C 317 -14.34 17.10 4.46
N ARG C 318 -13.14 16.86 3.93
CA ARG C 318 -12.17 17.92 3.55
C ARG C 318 -12.68 18.68 2.31
N MET C 319 -13.34 17.98 1.37
CA MET C 319 -13.79 18.59 0.10
C MET C 319 -15.01 19.49 0.34
N LEU C 320 -15.90 19.11 1.26
CA LEU C 320 -17.25 19.74 1.37
C LEU C 320 -17.47 20.44 2.73
N GLY C 321 -16.70 20.12 3.76
CA GLY C 321 -17.11 20.43 5.14
C GLY C 321 -18.53 19.94 5.38
N SER C 322 -19.46 20.84 5.68
CA SER C 322 -20.88 20.51 6.02
C SER C 322 -21.83 20.84 4.85
N LYS C 323 -21.30 21.19 3.68
CA LYS C 323 -22.12 21.50 2.48
C LYS C 323 -22.88 20.23 2.05
N ALA C 324 -24.09 20.42 1.53
CA ALA C 324 -24.93 19.36 0.95
C ALA C 324 -24.33 18.92 -0.38
N GLY C 325 -24.50 17.64 -0.72
CA GLY C 325 -23.97 17.06 -1.98
C GLY C 325 -24.81 17.45 -3.18
N THR C 326 -24.21 17.43 -4.37
CA THR C 326 -24.90 17.66 -5.68
C THR C 326 -26.00 16.60 -5.91
N GLY C 327 -25.99 15.49 -5.14
CA GLY C 327 -26.99 14.41 -5.22
C GLY C 327 -28.24 14.72 -4.43
N GLY C 328 -28.21 15.75 -3.57
CA GLY C 328 -29.35 16.16 -2.73
C GLY C 328 -29.29 15.58 -1.32
N SER C 329 -28.22 14.85 -0.98
CA SER C 329 -27.95 14.34 0.40
C SER C 329 -27.37 15.49 1.23
N SER C 330 -27.32 15.31 2.55
CA SER C 330 -26.62 16.23 3.50
C SER C 330 -25.10 16.19 3.26
N GLY C 331 -24.61 15.25 2.44
CA GLY C 331 -23.20 15.12 2.08
C GLY C 331 -22.45 14.33 3.12
N TYR C 332 -21.52 14.96 3.83
CA TYR C 332 -20.62 14.31 4.81
C TYR C 332 -21.46 13.51 5.83
N HIS C 333 -22.55 14.10 6.32
CA HIS C 333 -23.39 13.51 7.41
C HIS C 333 -24.09 12.23 6.91
N TYR C 334 -24.70 12.28 5.72
CA TYR C 334 -25.36 11.09 5.12
C TYR C 334 -24.34 9.95 4.94
N LEU C 335 -23.14 10.27 4.44
CA LEU C 335 -22.11 9.24 4.10
C LEU C 335 -21.67 8.50 5.36
N ARG C 336 -21.46 9.21 6.48
CA ARG C 336 -21.12 8.62 7.81
C ARG C 336 -22.15 7.55 8.19
N SER C 337 -23.43 7.79 7.92
CA SER C 337 -24.55 6.88 8.27
C SER C 337 -24.47 5.57 7.49
N THR C 338 -23.75 5.52 6.36
CA THR C 338 -23.58 4.29 5.53
C THR C 338 -22.44 3.43 6.09
N VAL C 339 -21.60 3.99 6.96
CA VAL C 339 -20.52 3.26 7.69
C VAL C 339 -21.16 2.61 8.91
N SER C 340 -21.96 1.56 8.70
CA SER C 340 -22.76 0.88 9.74
C SER C 340 -23.04 -0.56 9.31
N ASP C 341 -23.33 -1.43 10.28
CA ASP C 341 -23.53 -2.89 10.07
C ASP C 341 -24.84 -3.15 9.33
N ARG C 342 -25.64 -2.10 9.06
CA ARG C 342 -26.80 -2.17 8.13
C ARG C 342 -26.34 -2.71 6.78
N TYR C 343 -25.14 -2.32 6.34
CA TYR C 343 -24.57 -2.61 5.00
C TYR C 343 -23.61 -3.81 5.05
N LYS C 344 -23.43 -4.42 6.23
CA LYS C 344 -22.53 -5.58 6.46
C LYS C 344 -23.34 -6.88 6.23
N VAL C 345 -23.32 -7.38 5.00
CA VAL C 345 -24.14 -8.53 4.51
C VAL C 345 -23.81 -9.81 5.31
N PHE C 346 -22.53 -10.06 5.59
CA PHE C 346 -22.03 -11.29 6.26
C PHE C 346 -21.74 -11.00 7.73
N VAL C 347 -22.47 -10.03 8.31
CA VAL C 347 -22.42 -9.65 9.76
C VAL C 347 -22.43 -10.91 10.63
N ASP C 348 -23.19 -11.94 10.24
CA ASP C 348 -23.35 -13.21 11.01
C ASP C 348 -22.00 -13.92 11.13
N LEU C 349 -21.20 -13.92 10.06
CA LEU C 349 -19.87 -14.59 10.07
C LEU C 349 -18.96 -13.90 11.10
N PHE C 350 -19.07 -12.58 11.25
CA PHE C 350 -18.33 -11.81 12.28
C PHE C 350 -18.82 -12.22 13.67
N ASN C 351 -20.14 -12.18 13.87
CA ASN C 351 -20.78 -12.32 15.20
C ASN C 351 -20.64 -13.75 15.72
N LEU C 352 -20.33 -14.73 14.86
CA LEU C 352 -20.11 -16.13 15.29
C LEU C 352 -18.90 -16.19 16.24
N SER C 353 -18.03 -15.19 16.22
CA SER C 353 -16.87 -15.07 17.13
C SER C 353 -17.32 -14.85 18.58
N THR C 354 -18.55 -14.37 18.79
CA THR C 354 -19.23 -14.25 20.12
C THR C 354 -19.23 -15.63 20.80
N TYR C 355 -19.53 -16.70 20.05
CA TYR C 355 -19.86 -18.05 20.56
C TYR C 355 -18.65 -19.01 20.50
N LEU C 356 -17.41 -18.50 20.41
CA LEU C 356 -16.21 -19.36 20.40
C LEU C 356 -16.01 -19.95 21.82
N ILE C 357 -15.57 -21.20 21.89
CA ILE C 357 -15.50 -22.03 23.14
C ILE C 357 -14.11 -22.64 23.23
N PRO C 358 -13.64 -23.07 24.42
CA PRO C 358 -12.36 -23.79 24.52
C PRO C 358 -12.41 -25.00 23.58
N ARG C 359 -11.30 -25.31 22.91
CA ARG C 359 -11.29 -26.29 21.79
C ARG C 359 -11.61 -27.69 22.34
N HIS C 360 -11.28 -27.98 23.60
CA HIS C 360 -11.54 -29.30 24.23
C HIS C 360 -13.06 -29.54 24.34
N TRP C 361 -13.89 -28.49 24.30
CA TRP C 361 -15.37 -28.57 24.31
C TRP C 361 -15.92 -28.98 22.95
N ILE C 362 -15.17 -28.77 21.86
CA ILE C 362 -15.68 -29.00 20.47
C ILE C 362 -15.88 -30.51 20.31
N PRO C 363 -17.08 -30.96 19.86
CA PRO C 363 -17.34 -32.38 19.66
C PRO C 363 -16.19 -33.10 18.94
N LYS C 364 -15.54 -34.04 19.63
CA LYS C 364 -14.45 -34.89 19.07
C LYS C 364 -14.94 -35.52 17.77
N MET C 365 -14.05 -35.67 16.79
CA MET C 365 -14.34 -36.25 15.46
C MET C 365 -13.67 -37.63 15.37
N ASN C 366 -14.47 -38.69 15.25
CA ASN C 366 -14.02 -40.11 15.24
C ASN C 366 -13.41 -40.42 13.87
N PRO C 367 -12.69 -41.55 13.71
CA PRO C 367 -12.18 -41.95 12.38
C PRO C 367 -13.25 -42.12 11.30
N THR C 368 -14.52 -42.31 11.67
CA THR C 368 -15.68 -42.45 10.74
C THR C 368 -15.94 -41.11 10.05
N ILE C 369 -16.05 -40.02 10.83
CA ILE C 369 -16.35 -38.64 10.33
C ILE C 369 -15.10 -38.04 9.67
N HIS C 370 -13.92 -38.27 10.26
CA HIS C 370 -12.59 -37.84 9.75
C HIS C 370 -12.38 -38.30 8.31
N LYS C 371 -12.74 -39.55 7.99
CA LYS C 371 -12.57 -40.19 6.66
C LYS C 371 -13.57 -39.57 5.65
N PHE C 372 -14.75 -39.17 6.12
CA PHE C 372 -15.82 -38.53 5.30
C PHE C 372 -15.40 -37.10 4.89
N LEU C 373 -14.57 -36.44 5.71
CA LEU C 373 -14.10 -35.04 5.49
C LEU C 373 -12.67 -35.02 4.90
N GLU C 374 -12.21 -36.17 4.37
CA GLU C 374 -10.98 -36.29 3.52
C GLU C 374 -11.39 -36.13 2.06
N HIS C 375 -10.44 -35.76 1.18
CA HIS C 375 -10.68 -35.55 -0.28
C HIS C 375 -10.81 -36.91 -0.97
N GLY D 23 -30.04 18.24 -17.51
CA GLY D 23 -29.32 17.96 -16.23
C GLY D 23 -28.23 16.91 -16.43
N LEU D 24 -26.98 17.26 -16.10
CA LEU D 24 -25.80 16.36 -16.20
C LEU D 24 -26.08 15.07 -15.41
N ILE D 25 -25.73 13.93 -15.99
CA ILE D 25 -25.89 12.57 -15.37
C ILE D 25 -24.49 11.94 -15.25
N TYR D 26 -24.22 11.32 -14.11
CA TYR D 26 -22.91 10.70 -13.73
C TYR D 26 -22.33 9.96 -14.94
N GLY D 27 -23.03 8.92 -15.40
CA GLY D 27 -22.60 8.07 -16.54
C GLY D 27 -22.26 8.87 -17.77
N ASN D 28 -23.05 9.91 -18.08
CA ASN D 28 -22.81 10.78 -19.27
C ASN D 28 -21.56 11.64 -19.03
N TYR D 29 -21.43 12.20 -17.83
CA TYR D 29 -20.28 13.07 -17.45
C TYR D 29 -18.96 12.32 -17.68
N LEU D 30 -18.88 11.08 -17.20
CA LEU D 30 -17.66 10.22 -17.25
C LEU D 30 -17.59 9.43 -18.56
N HIS D 31 -18.54 9.63 -19.47
CA HIS D 31 -18.63 8.94 -20.79
C HIS D 31 -18.45 7.44 -20.58
N LEU D 32 -19.19 6.87 -19.64
CA LEU D 32 -19.14 5.42 -19.33
C LEU D 32 -19.70 4.61 -20.51
N GLU D 33 -20.45 5.23 -21.44
CA GLU D 33 -20.95 4.58 -22.68
C GLU D 33 -19.75 4.16 -23.54
N LYS D 34 -18.61 4.84 -23.41
CA LYS D 34 -17.33 4.47 -24.05
C LYS D 34 -16.50 3.58 -23.11
N VAL D 35 -16.29 4.01 -21.86
CA VAL D 35 -15.35 3.35 -20.91
C VAL D 35 -15.80 1.90 -20.64
N LEU D 36 -17.10 1.67 -20.43
CA LEU D 36 -17.66 0.37 -20.00
C LEU D 36 -18.25 -0.40 -21.19
N ASN D 37 -17.90 -0.01 -22.42
CA ASN D 37 -18.21 -0.74 -23.67
C ASN D 37 -16.93 -0.86 -24.50
N ALA D 38 -15.80 -1.11 -23.84
CA ALA D 38 -14.47 -1.22 -24.47
C ALA D 38 -13.83 -2.56 -24.10
N GLN D 39 -14.63 -3.53 -23.64
CA GLN D 39 -14.14 -4.82 -23.11
C GLN D 39 -14.56 -5.94 -24.09
N GLU D 40 -13.64 -6.31 -24.99
CA GLU D 40 -13.85 -7.37 -26.01
C GLU D 40 -12.80 -8.47 -25.79
N LEU D 41 -13.22 -9.60 -25.23
CA LEU D 41 -12.32 -10.78 -25.03
C LEU D 41 -12.05 -11.40 -26.40
N GLN D 42 -10.80 -11.38 -26.86
CA GLN D 42 -10.39 -11.99 -28.15
C GLN D 42 -10.68 -13.49 -28.12
N SER D 43 -10.53 -14.12 -26.95
CA SER D 43 -10.83 -15.56 -26.72
C SER D 43 -12.32 -15.81 -27.03
N GLU D 44 -13.22 -14.89 -26.65
CA GLU D 44 -14.68 -14.98 -26.93
C GLU D 44 -14.94 -14.74 -28.42
N THR D 45 -14.26 -13.76 -29.01
CA THR D 45 -14.35 -13.39 -30.44
C THR D 45 -13.96 -14.59 -31.32
N LYS D 46 -13.07 -15.47 -30.85
CA LYS D 46 -12.65 -16.71 -31.57
C LYS D 46 -13.39 -17.93 -31.02
N GLY D 47 -14.50 -17.73 -30.30
CA GLY D 47 -15.46 -18.78 -29.89
C GLY D 47 -14.94 -19.66 -28.77
N ASN D 48 -13.97 -19.19 -27.97
CA ASN D 48 -13.40 -19.94 -26.81
C ASN D 48 -13.16 -19.01 -25.61
N LYS D 49 -14.23 -18.48 -25.01
CA LYS D 49 -14.14 -17.41 -23.96
C LYS D 49 -13.36 -17.91 -22.75
N ILE D 50 -12.31 -17.19 -22.37
CA ILE D 50 -11.51 -17.47 -21.14
C ILE D 50 -11.78 -16.36 -20.11
N HIS D 51 -12.24 -16.75 -18.92
CA HIS D 51 -12.76 -15.86 -17.84
C HIS D 51 -11.73 -14.77 -17.49
N ASP D 52 -10.46 -15.15 -17.32
CA ASP D 52 -9.41 -14.23 -16.77
C ASP D 52 -8.95 -13.22 -17.83
N GLU D 53 -9.32 -13.38 -19.11
CA GLU D 53 -8.96 -12.39 -20.14
C GLU D 53 -9.62 -11.04 -19.79
N HIS D 54 -10.80 -11.04 -19.19
CA HIS D 54 -11.51 -9.80 -18.78
C HIS D 54 -10.63 -9.01 -17.80
N LEU D 55 -10.04 -9.67 -16.79
CA LEU D 55 -9.16 -9.04 -15.77
C LEU D 55 -7.95 -8.40 -16.45
N PHE D 56 -7.35 -9.14 -17.38
CA PHE D 56 -6.18 -8.75 -18.19
C PHE D 56 -6.47 -7.41 -18.90
N ILE D 57 -7.64 -7.33 -19.55
CA ILE D 57 -8.05 -6.15 -20.35
C ILE D 57 -8.30 -4.96 -19.40
N ILE D 58 -9.13 -5.14 -18.38
CA ILE D 58 -9.45 -4.05 -17.40
C ILE D 58 -8.15 -3.53 -16.80
N THR D 59 -7.22 -4.41 -16.39
CA THR D 59 -5.94 -4.02 -15.73
C THR D 59 -5.16 -3.09 -16.65
N HIS D 60 -5.00 -3.45 -17.93
CA HIS D 60 -4.28 -2.61 -18.93
C HIS D 60 -5.04 -1.30 -19.15
N GLN D 61 -6.37 -1.34 -19.17
CA GLN D 61 -7.19 -0.12 -19.40
C GLN D 61 -7.01 0.85 -18.23
N ALA D 62 -6.98 0.36 -16.99
CA ALA D 62 -6.75 1.19 -15.80
C ALA D 62 -5.37 1.84 -15.88
N TYR D 63 -4.32 1.06 -16.19
CA TYR D 63 -2.94 1.60 -16.37
C TYR D 63 -2.96 2.75 -17.38
N GLU D 64 -3.61 2.56 -18.52
CA GLU D 64 -3.59 3.55 -19.64
C GLU D 64 -4.34 4.82 -19.23
N LEU D 65 -5.43 4.70 -18.47
CA LEU D 65 -6.15 5.88 -17.89
C LEU D 65 -5.17 6.69 -17.03
N TRP D 66 -4.38 6.02 -16.18
CA TRP D 66 -3.43 6.68 -15.26
C TRP D 66 -2.23 7.23 -16.02
N PHE D 67 -1.74 6.54 -17.06
CA PHE D 67 -0.68 7.06 -17.95
C PHE D 67 -1.16 8.39 -18.56
N LYS D 68 -2.42 8.45 -19.00
CA LYS D 68 -3.00 9.69 -19.59
C LYS D 68 -2.97 10.81 -18.54
N GLN D 69 -3.33 10.50 -17.29
CA GLN D 69 -3.36 11.51 -16.19
C GLN D 69 -1.92 11.98 -15.91
N ILE D 70 -0.95 11.07 -15.90
CA ILE D 70 0.48 11.44 -15.65
C ILE D 70 0.92 12.39 -16.78
N LEU D 71 0.59 12.08 -18.02
CA LEU D 71 0.97 12.91 -19.20
C LEU D 71 0.35 14.31 -19.05
N TRP D 72 -0.91 14.37 -18.62
CA TRP D 72 -1.68 15.61 -18.37
C TRP D 72 -0.95 16.47 -17.34
N GLU D 73 -0.52 15.88 -16.22
CA GLU D 73 0.22 16.59 -15.15
C GLU D 73 1.58 17.03 -15.70
N LEU D 74 2.30 16.09 -16.33
CA LEU D 74 3.68 16.28 -16.83
C LEU D 74 3.71 17.37 -17.90
N ASP D 75 2.78 17.32 -18.84
CA ASP D 75 2.69 18.33 -19.94
C ASP D 75 2.38 19.71 -19.33
N SER D 76 1.49 19.79 -18.35
CA SER D 76 1.12 21.08 -17.69
C SER D 76 2.37 21.68 -17.04
N VAL D 77 3.24 20.85 -16.45
CA VAL D 77 4.46 21.29 -15.71
C VAL D 77 5.56 21.65 -16.71
N ARG D 78 5.74 20.85 -17.76
CA ARG D 78 6.65 21.19 -18.89
C ARG D 78 6.28 22.60 -19.40
N GLU D 79 4.99 22.86 -19.61
CA GLU D 79 4.50 24.17 -20.15
C GLU D 79 4.81 25.31 -19.17
N ILE D 80 4.64 25.12 -17.85
CA ILE D 80 4.93 26.15 -16.81
C ILE D 80 6.41 26.56 -16.87
N PHE D 81 7.31 25.61 -17.10
CA PHE D 81 8.76 25.88 -17.33
C PHE D 81 8.92 26.59 -18.68
N GLN D 82 8.39 26.00 -19.75
CA GLN D 82 8.64 26.40 -21.16
C GLN D 82 8.16 27.84 -21.40
N ASN D 83 6.97 28.20 -20.93
CA ASN D 83 6.35 29.53 -21.16
C ASN D 83 6.92 30.58 -20.19
N GLY D 84 7.79 30.17 -19.25
CA GLY D 84 8.51 31.08 -18.34
C GLY D 84 7.74 31.40 -17.06
N HIS D 85 6.55 30.83 -16.86
CA HIS D 85 5.74 31.07 -15.64
C HIS D 85 6.48 30.57 -14.40
N VAL D 86 7.34 29.55 -14.53
CA VAL D 86 8.14 28.99 -13.40
C VAL D 86 9.04 30.07 -12.77
N ARG D 87 9.34 31.15 -13.52
CA ARG D 87 10.19 32.28 -13.05
C ARG D 87 9.51 32.98 -11.88
N ASP D 88 8.18 33.11 -11.91
CA ASP D 88 7.38 33.68 -10.80
C ASP D 88 7.16 32.58 -9.75
N GLU D 89 7.80 32.73 -8.59
CA GLU D 89 7.96 31.67 -7.56
C GLU D 89 6.62 31.36 -6.88
N ARG D 90 5.55 32.13 -7.14
CA ARG D 90 4.18 31.81 -6.64
C ARG D 90 3.67 30.54 -7.32
N ASN D 91 4.25 30.14 -8.46
CA ASN D 91 3.82 28.93 -9.23
C ASN D 91 4.47 27.65 -8.68
N MET D 92 5.40 27.75 -7.73
CA MET D 92 6.19 26.58 -7.26
C MET D 92 5.32 25.59 -6.49
N LEU D 93 4.27 26.04 -5.77
CA LEU D 93 3.37 25.12 -5.02
C LEU D 93 2.67 24.19 -6.03
N LYS D 94 2.16 24.79 -7.11
CA LYS D 94 1.47 24.10 -8.22
C LYS D 94 2.41 23.09 -8.90
N VAL D 95 3.65 23.48 -9.19
CA VAL D 95 4.65 22.59 -9.87
C VAL D 95 4.93 21.39 -8.96
N VAL D 96 5.24 21.64 -7.68
CA VAL D 96 5.58 20.55 -6.72
C VAL D 96 4.35 19.67 -6.44
N SER D 97 3.16 20.26 -6.32
CA SER D 97 1.90 19.49 -6.06
C SER D 97 1.67 18.50 -7.20
N ARG D 98 1.82 18.97 -8.44
CA ARG D 98 1.55 18.15 -9.65
C ARG D 98 2.62 17.08 -9.81
N MET D 99 3.88 17.38 -9.52
CA MET D 99 4.99 16.40 -9.61
C MET D 99 4.85 15.35 -8.49
N HIS D 100 4.48 15.78 -7.27
CA HIS D 100 4.15 14.85 -6.16
C HIS D 100 2.95 13.96 -6.54
N ARG D 101 1.94 14.54 -7.20
CA ARG D 101 0.73 13.81 -7.66
C ARG D 101 1.14 12.68 -8.62
N VAL D 102 2.08 12.93 -9.52
CA VAL D 102 2.63 11.90 -10.46
C VAL D 102 3.21 10.76 -9.62
N SER D 103 3.97 11.09 -8.57
CA SER D 103 4.56 10.11 -7.61
C SER D 103 3.46 9.26 -6.98
N VAL D 104 2.37 9.90 -6.52
CA VAL D 104 1.25 9.21 -5.82
C VAL D 104 0.56 8.26 -6.80
N ILE D 105 0.39 8.67 -8.06
CA ILE D 105 -0.26 7.82 -9.11
C ILE D 105 0.65 6.61 -9.39
N LEU D 106 1.95 6.84 -9.61
CA LEU D 106 2.95 5.78 -9.92
C LEU D 106 2.98 4.77 -8.76
N LYS D 107 2.93 5.26 -7.52
CA LYS D 107 2.84 4.40 -6.31
C LYS D 107 1.66 3.44 -6.45
N LEU D 108 0.48 3.93 -6.86
CA LEU D 108 -0.70 3.06 -7.05
C LEU D 108 -0.44 2.06 -8.19
N LEU D 109 0.22 2.50 -9.26
CA LEU D 109 0.46 1.67 -10.46
C LEU D 109 1.42 0.53 -10.12
N VAL D 110 2.42 0.79 -9.28
CA VAL D 110 3.32 -0.26 -8.71
C VAL D 110 2.46 -1.30 -7.98
N GLN D 111 1.53 -0.85 -7.12
CA GLN D 111 0.70 -1.74 -6.26
C GLN D 111 -0.33 -2.49 -7.10
N GLN D 112 -0.75 -1.90 -8.23
CA GLN D 112 -1.84 -2.42 -9.10
C GLN D 112 -1.47 -3.80 -9.67
N PHE D 113 -0.18 -4.11 -9.81
CA PHE D 113 0.29 -5.43 -10.32
C PHE D 113 -0.22 -6.56 -9.42
N SER D 114 -0.43 -6.30 -8.13
CA SER D 114 -0.98 -7.28 -7.16
C SER D 114 -2.32 -7.84 -7.68
N ILE D 115 -3.10 -7.03 -8.40
CA ILE D 115 -4.42 -7.49 -8.94
C ILE D 115 -4.18 -8.54 -10.05
N LEU D 116 -3.33 -8.23 -11.02
CA LEU D 116 -3.13 -9.13 -12.18
C LEU D 116 -2.36 -10.37 -11.74
N GLU D 117 -1.62 -10.28 -10.63
CA GLU D 117 -0.91 -11.45 -10.04
C GLU D 117 -1.91 -12.46 -9.45
N THR D 118 -3.20 -12.13 -9.29
CA THR D 118 -4.25 -13.10 -8.85
C THR D 118 -4.66 -13.97 -10.04
N MET D 119 -4.12 -13.71 -11.23
CA MET D 119 -4.21 -14.61 -12.41
C MET D 119 -3.03 -15.58 -12.36
N THR D 120 -3.30 -16.88 -12.41
CA THR D 120 -2.24 -17.94 -12.48
C THR D 120 -1.65 -17.94 -13.89
N ALA D 121 -0.42 -18.42 -14.04
CA ALA D 121 0.23 -18.62 -15.34
C ALA D 121 -0.57 -19.65 -16.17
N LEU D 122 -1.19 -20.63 -15.51
CA LEU D 122 -1.97 -21.69 -16.19
C LEU D 122 -3.17 -21.04 -16.91
N ASP D 123 -3.87 -20.14 -16.24
CA ASP D 123 -5.11 -19.52 -16.78
C ASP D 123 -4.73 -18.50 -17.87
N PHE D 124 -3.64 -17.76 -17.67
CA PHE D 124 -3.11 -16.83 -18.69
C PHE D 124 -2.79 -17.60 -19.97
N ASN D 125 -2.16 -18.76 -19.82
CA ASN D 125 -1.79 -19.67 -20.94
C ASN D 125 -3.02 -20.02 -21.78
N ASP D 126 -4.22 -20.03 -21.21
CA ASP D 126 -5.47 -20.41 -21.92
C ASP D 126 -5.92 -19.32 -22.91
N PHE D 127 -5.46 -18.08 -22.82
CA PHE D 127 -5.89 -17.02 -23.78
C PHE D 127 -4.69 -16.31 -24.43
N ARG D 128 -3.46 -16.60 -24.01
CA ARG D 128 -2.23 -15.94 -24.51
C ARG D 128 -2.15 -16.04 -26.05
N GLU D 129 -2.64 -17.15 -26.63
CA GLU D 129 -2.52 -17.43 -28.09
C GLU D 129 -3.25 -16.35 -28.89
N TYR D 130 -4.30 -15.75 -28.35
CA TYR D 130 -5.19 -14.79 -29.05
C TYR D 130 -4.60 -13.36 -29.04
N LEU D 131 -3.42 -13.15 -28.46
CA LEU D 131 -2.84 -11.80 -28.22
C LEU D 131 -1.80 -11.47 -29.29
N SER D 132 -1.03 -12.45 -29.75
CA SER D 132 0.08 -12.25 -30.71
C SER D 132 -0.47 -11.60 -31.98
N PRO D 133 0.25 -10.64 -32.62
CA PRO D 133 1.53 -10.13 -32.15
C PRO D 133 1.43 -8.79 -31.39
N ALA D 134 0.29 -8.52 -30.73
CA ALA D 134 0.12 -7.32 -29.87
C ALA D 134 1.06 -7.41 -28.67
N SER D 135 1.51 -6.27 -28.14
CA SER D 135 2.41 -6.20 -26.96
C SER D 135 2.46 -4.80 -26.37
N GLY D 136 3.09 -4.66 -25.19
CA GLY D 136 3.31 -3.38 -24.48
C GLY D 136 4.29 -2.48 -25.22
N PHE D 137 5.06 -3.04 -26.16
CA PHE D 137 5.89 -2.26 -27.11
C PHE D 137 5.02 -1.32 -27.94
N GLN D 138 3.70 -1.56 -27.99
CA GLN D 138 2.73 -0.71 -28.76
C GLN D 138 1.94 0.24 -27.83
N SER D 139 2.34 0.40 -26.56
CA SER D 139 1.76 1.43 -25.66
C SER D 139 2.35 2.79 -26.04
N LEU D 140 1.59 3.58 -26.81
CA LEU D 140 1.96 4.96 -27.19
C LEU D 140 2.27 5.78 -25.93
N GLN D 141 1.41 5.70 -24.92
CA GLN D 141 1.47 6.60 -23.73
C GLN D 141 2.69 6.25 -22.88
N PHE D 142 3.01 4.98 -22.73
CA PHE D 142 4.20 4.57 -21.94
C PHE D 142 5.44 5.20 -22.58
N ARG D 143 5.57 5.13 -23.91
CA ARG D 143 6.72 5.71 -24.66
C ARG D 143 6.69 7.24 -24.57
N LEU D 144 5.53 7.88 -24.76
CA LEU D 144 5.37 9.35 -24.59
C LEU D 144 5.88 9.75 -23.20
N LEU D 145 5.47 9.03 -22.16
CA LEU D 145 5.84 9.30 -20.75
C LEU D 145 7.36 9.25 -20.58
N GLU D 146 7.99 8.17 -21.04
CA GLU D 146 9.46 7.99 -20.99
C GLU D 146 10.14 9.19 -21.68
N ASN D 147 9.69 9.51 -22.90
CA ASN D 147 10.31 10.56 -23.75
C ASN D 147 10.17 11.91 -23.04
N LYS D 148 8.97 12.24 -22.56
CA LYS D 148 8.65 13.58 -22.01
C LYS D 148 9.41 13.81 -20.69
N ILE D 149 9.71 12.76 -19.93
CA ILE D 149 10.54 12.88 -18.69
C ILE D 149 11.99 13.15 -19.13
N GLY D 150 12.50 12.39 -20.11
CA GLY D 150 13.79 12.65 -20.76
C GLY D 150 14.68 11.42 -20.93
N VAL D 151 14.11 10.24 -21.17
CA VAL D 151 14.91 9.03 -21.52
C VAL D 151 15.60 9.29 -22.87
N LEU D 152 16.94 9.13 -22.93
CA LEU D 152 17.73 9.21 -24.20
C LEU D 152 17.31 8.06 -25.13
N GLN D 153 17.03 8.36 -26.40
CA GLN D 153 16.72 7.33 -27.43
C GLN D 153 17.93 6.42 -27.62
N ASN D 154 19.15 6.97 -27.62
CA ASN D 154 20.41 6.22 -27.88
C ASN D 154 20.84 5.46 -26.61
N MET D 155 20.16 5.68 -25.48
CA MET D 155 20.44 4.96 -24.20
C MET D 155 19.44 3.81 -24.00
N ARG D 156 18.37 3.75 -24.81
CA ARG D 156 17.37 2.64 -24.76
C ARG D 156 18.04 1.30 -25.08
N VAL D 157 17.64 0.23 -24.41
CA VAL D 157 18.12 -1.16 -24.68
C VAL D 157 17.46 -1.66 -25.96
N PRO D 158 18.24 -2.16 -26.96
CA PRO D 158 17.65 -2.71 -28.18
C PRO D 158 17.09 -4.12 -27.94
N TYR D 159 16.15 -4.56 -28.79
CA TYR D 159 15.59 -5.95 -28.76
C TYR D 159 15.66 -6.58 -30.16
N ASN D 160 15.37 -5.84 -31.24
CA ASN D 160 15.36 -6.34 -32.64
C ASN D 160 16.24 -5.47 -33.54
N ARG D 161 17.38 -5.00 -33.01
CA ARG D 161 18.42 -4.23 -33.75
C ARG D 161 17.85 -2.91 -34.32
N ARG D 162 16.65 -2.49 -33.92
CA ARG D 162 15.95 -1.30 -34.48
C ARG D 162 15.36 -0.45 -33.35
N HIS D 163 15.04 0.80 -33.68
CA HIS D 163 14.46 1.84 -32.79
C HIS D 163 13.06 1.41 -32.34
N TYR D 164 12.71 1.68 -31.07
CA TYR D 164 11.40 1.34 -30.44
C TYR D 164 10.26 1.90 -31.30
N ARG D 165 10.50 3.01 -32.01
CA ARG D 165 9.45 3.77 -32.75
C ARG D 165 9.00 3.02 -34.02
N ASP D 166 9.74 1.99 -34.44
CA ASP D 166 9.34 1.10 -35.57
C ASP D 166 8.02 0.39 -35.23
N ASN D 167 7.66 0.32 -33.94
CA ASN D 167 6.41 -0.31 -33.46
C ASN D 167 5.20 0.60 -33.75
N PHE D 168 5.40 1.80 -34.31
CA PHE D 168 4.33 2.83 -34.48
C PHE D 168 4.34 3.38 -35.92
N LYS D 169 3.16 3.79 -36.40
CA LYS D 169 2.93 4.32 -37.78
C LYS D 169 2.03 5.57 -37.72
N GLY D 170 1.97 6.30 -38.83
CA GLY D 170 1.05 7.45 -39.02
C GLY D 170 1.23 8.49 -37.95
N GLU D 171 0.11 8.98 -37.39
CA GLU D 171 0.05 10.07 -36.38
C GLU D 171 0.78 9.66 -35.09
N GLU D 172 0.58 8.42 -34.63
CA GLU D 172 1.23 7.89 -33.40
C GLU D 172 2.75 8.03 -33.52
N ASN D 173 3.31 7.65 -34.67
CA ASN D 173 4.76 7.75 -34.97
C ASN D 173 5.17 9.22 -34.95
N GLU D 174 4.35 10.10 -35.53
CA GLU D 174 4.57 11.57 -35.57
C GLU D 174 4.59 12.11 -34.13
N LEU D 175 3.57 11.75 -33.35
CA LEU D 175 3.39 12.21 -31.94
C LEU D 175 4.62 11.82 -31.12
N LEU D 176 5.12 10.59 -31.29
CA LEU D 176 6.32 10.10 -30.58
C LEU D 176 7.55 10.90 -31.01
N LEU D 177 7.65 11.24 -32.30
CA LEU D 177 8.77 12.05 -32.83
C LEU D 177 8.79 13.42 -32.12
N LYS D 178 7.64 14.09 -32.01
CA LYS D 178 7.49 15.38 -31.29
C LYS D 178 7.91 15.21 -29.83
N SER D 179 7.51 14.11 -29.19
CA SER D 179 7.84 13.79 -27.77
C SER D 179 9.36 13.65 -27.60
N GLU D 180 10.07 13.13 -28.61
CA GLU D 180 11.55 12.98 -28.60
C GLU D 180 12.22 14.34 -28.83
N GLN D 181 11.61 15.22 -29.63
CA GLN D 181 12.23 16.47 -30.15
C GLN D 181 11.92 17.64 -29.21
N GLU D 182 10.69 17.74 -28.72
CA GLU D 182 10.23 18.81 -27.80
C GLU D 182 11.06 18.78 -26.51
N LYS D 183 11.10 19.89 -25.79
CA LYS D 183 11.87 20.03 -24.53
C LYS D 183 11.33 19.01 -23.52
N THR D 184 12.21 18.20 -22.94
CA THR D 184 11.89 17.17 -21.92
C THR D 184 11.82 17.85 -20.55
N LEU D 185 11.24 17.18 -19.57
CA LEU D 185 11.25 17.69 -18.18
C LEU D 185 12.71 17.92 -17.76
N LEU D 186 13.63 17.03 -18.12
CA LEU D 186 15.06 17.16 -17.73
C LEU D 186 15.63 18.48 -18.27
N GLU D 187 15.43 18.77 -19.56
CA GLU D 187 15.99 19.98 -20.22
C GLU D 187 15.41 21.22 -19.55
N LEU D 188 14.11 21.21 -19.26
CA LEU D 188 13.40 22.38 -18.69
C LEU D 188 13.85 22.61 -17.25
N VAL D 189 14.03 21.53 -16.48
CA VAL D 189 14.54 21.61 -15.08
C VAL D 189 15.99 22.13 -15.12
N GLU D 190 16.81 21.58 -16.02
CA GLU D 190 18.21 21.97 -16.25
C GLU D 190 18.32 23.49 -16.42
N ALA D 191 17.60 24.06 -17.40
CA ALA D 191 17.61 25.52 -17.72
C ALA D 191 17.34 26.32 -16.44
N TRP D 192 16.30 25.91 -15.71
CA TRP D 192 15.88 26.55 -14.43
C TRP D 192 16.97 26.42 -13.37
N LEU D 193 17.63 25.25 -13.27
CA LEU D 193 18.72 25.02 -12.28
C LEU D 193 19.90 25.96 -12.56
N GLU D 194 20.17 26.26 -13.83
CA GLU D 194 21.30 27.13 -14.26
C GLU D 194 21.10 28.56 -13.75
N ARG D 195 19.85 28.99 -13.58
CA ARG D 195 19.50 30.35 -13.11
C ARG D 195 19.36 30.38 -11.58
N THR D 196 19.78 29.33 -10.86
CA THR D 196 19.63 29.24 -9.39
C THR D 196 20.41 30.39 -8.76
N PRO D 197 19.76 31.27 -7.95
CA PRO D 197 20.46 32.35 -7.27
C PRO D 197 21.59 31.84 -6.36
N GLY D 198 22.74 32.52 -6.37
CA GLY D 198 23.91 32.23 -5.51
C GLY D 198 25.09 31.69 -6.30
N LEU D 199 24.91 31.36 -7.58
CA LEU D 199 25.98 30.76 -8.42
C LEU D 199 26.84 31.86 -9.06
N GLU D 200 26.37 33.11 -9.13
CA GLU D 200 27.01 34.18 -9.95
C GLU D 200 28.37 34.51 -9.33
N PRO D 201 29.47 34.42 -10.11
CA PRO D 201 30.81 34.61 -9.56
C PRO D 201 31.04 35.95 -8.85
N HIS D 202 30.36 37.01 -9.28
CA HIS D 202 30.46 38.38 -8.69
C HIS D 202 29.52 38.51 -7.49
N GLY D 203 28.54 37.61 -7.35
CA GLY D 203 27.57 37.58 -6.24
C GLY D 203 28.07 36.74 -5.08
N PHE D 204 27.26 35.78 -4.61
CA PHE D 204 27.61 34.86 -3.50
C PHE D 204 28.78 33.94 -3.90
N ASN D 205 28.89 33.61 -5.19
CA ASN D 205 30.04 32.85 -5.76
C ASN D 205 30.13 31.49 -5.06
N PHE D 206 29.03 30.71 -5.09
CA PHE D 206 28.88 29.44 -4.33
C PHE D 206 30.06 28.51 -4.66
N TRP D 207 30.32 28.33 -5.95
CA TRP D 207 31.26 27.31 -6.48
C TRP D 207 32.69 27.64 -6.02
N GLY D 208 33.10 28.91 -6.13
CA GLY D 208 34.40 29.39 -5.63
C GLY D 208 34.57 29.10 -4.16
N LYS D 209 33.63 29.53 -3.33
CA LYS D 209 33.65 29.34 -1.85
C LYS D 209 33.66 27.84 -1.52
N LEU D 210 32.91 27.02 -2.26
CA LEU D 210 32.79 25.56 -1.96
C LEU D 210 34.15 24.88 -2.17
N GLU D 211 34.82 25.16 -3.28
CA GLU D 211 36.18 24.62 -3.60
C GLU D 211 37.14 25.02 -2.47
N LYS D 212 37.16 26.30 -2.11
CA LYS D 212 38.04 26.83 -1.02
C LYS D 212 37.74 26.06 0.28
N ASN D 213 36.46 25.93 0.64
CA ASN D 213 36.05 25.33 1.94
C ASN D 213 36.41 23.83 1.97
N ILE D 214 36.29 23.13 0.83
CA ILE D 214 36.59 21.68 0.73
C ILE D 214 38.12 21.48 0.80
N THR D 215 38.89 22.31 0.11
CA THR D 215 40.39 22.30 0.17
C THR D 215 40.81 22.42 1.63
N ARG D 216 40.35 23.46 2.33
CA ARG D 216 40.64 23.69 3.78
C ARG D 216 40.17 22.47 4.58
N GLY D 217 38.92 22.04 4.39
CA GLY D 217 38.35 20.87 5.10
C GLY D 217 39.25 19.67 5.00
N LEU D 218 39.73 19.35 3.79
CA LEU D 218 40.59 18.18 3.50
C LEU D 218 41.97 18.37 4.16
N GLU D 219 42.57 19.56 4.05
CA GLU D 219 43.89 19.87 4.66
C GLU D 219 43.82 19.63 6.17
N GLU D 220 42.81 20.18 6.85
CA GLU D 220 42.63 20.06 8.32
C GLU D 220 42.42 18.59 8.68
N GLU D 221 41.71 17.86 7.81
CA GLU D 221 41.43 16.40 7.95
C GLU D 221 42.76 15.64 7.80
N PHE D 222 43.58 15.96 6.80
CA PHE D 222 44.93 15.36 6.62
C PHE D 222 45.76 15.56 7.89
N ILE D 223 45.87 16.81 8.36
CA ILE D 223 46.69 17.20 9.56
C ILE D 223 46.25 16.33 10.74
N ARG D 224 44.94 16.09 10.89
CA ARG D 224 44.38 15.27 11.99
C ARG D 224 44.87 13.83 11.87
N ILE D 225 44.93 13.29 10.65
CA ILE D 225 45.39 11.89 10.37
C ILE D 225 46.91 11.81 10.56
N GLN D 226 47.67 12.74 9.98
CA GLN D 226 49.14 12.89 10.15
C GLN D 226 49.50 12.76 11.65
N ALA D 227 48.65 13.28 12.54
CA ALA D 227 48.92 13.46 13.98
C ALA D 227 48.73 12.16 14.78
N LYS D 228 47.97 11.20 14.26
CA LYS D 228 47.71 9.89 14.93
C LYS D 228 48.99 9.03 14.89
N GLU D 229 49.12 8.06 15.81
CA GLU D 229 50.27 7.14 15.92
C GLU D 229 50.16 6.05 14.85
N GLU D 230 51.29 5.70 14.20
CA GLU D 230 51.39 4.70 13.10
C GLU D 230 50.70 3.40 13.53
N SER D 231 49.65 2.99 12.80
CA SER D 231 48.90 1.73 13.02
C SER D 231 48.14 1.36 11.74
N GLU D 232 47.43 0.23 11.74
CA GLU D 232 46.49 -0.17 10.66
C GLU D 232 45.41 0.90 10.53
N GLU D 233 44.90 1.40 11.65
CA GLU D 233 43.83 2.44 11.74
C GLU D 233 44.21 3.66 10.89
N LYS D 234 45.47 4.11 10.97
CA LYS D 234 46.00 5.27 10.20
C LYS D 234 46.01 4.95 8.69
N GLU D 235 46.51 3.76 8.33
CA GLU D 235 46.62 3.29 6.92
C GLU D 235 45.21 3.21 6.30
N GLU D 236 44.23 2.74 7.08
CA GLU D 236 42.79 2.75 6.72
C GLU D 236 42.35 4.19 6.45
N GLN D 237 42.55 5.08 7.43
CA GLN D 237 42.16 6.52 7.36
C GLN D 237 42.90 7.21 6.21
N VAL D 238 44.20 6.96 6.03
CA VAL D 238 45.02 7.55 4.93
C VAL D 238 44.44 7.13 3.58
N ALA D 239 44.09 5.85 3.43
CA ALA D 239 43.49 5.26 2.20
C ALA D 239 42.08 5.84 1.99
N GLU D 240 41.20 5.68 2.97
CA GLU D 240 39.80 6.22 3.01
C GLU D 240 39.83 7.72 2.69
N PHE D 241 40.81 8.45 3.24
CA PHE D 241 40.95 9.93 3.08
C PHE D 241 41.31 10.26 1.63
N GLN D 242 42.37 9.67 1.09
CA GLN D 242 42.91 10.01 -0.26
C GLN D 242 41.88 9.64 -1.33
N LYS D 243 41.00 8.68 -1.05
CA LYS D 243 39.85 8.30 -1.92
C LYS D 243 38.81 9.43 -1.88
N GLN D 244 38.32 9.78 -0.69
CA GLN D 244 37.36 10.89 -0.47
C GLN D 244 37.91 12.17 -1.13
N LYS D 245 39.20 12.45 -0.93
CA LYS D 245 39.92 13.61 -1.52
C LYS D 245 39.78 13.61 -3.05
N GLU D 246 40.12 12.49 -3.71
CA GLU D 246 40.07 12.34 -5.19
C GLU D 246 38.66 12.67 -5.69
N VAL D 247 37.65 12.04 -5.10
CA VAL D 247 36.22 12.14 -5.51
C VAL D 247 35.75 13.59 -5.36
N LEU D 248 35.87 14.16 -4.16
CA LEU D 248 35.41 15.55 -3.84
C LEU D 248 36.06 16.54 -4.79
N LEU D 249 37.38 16.51 -4.93
CA LEU D 249 38.13 17.46 -5.81
C LEU D 249 37.71 17.25 -7.27
N SER D 250 37.32 16.03 -7.64
CA SER D 250 36.81 15.67 -9.00
C SER D 250 35.57 16.50 -9.36
N LEU D 251 34.73 16.86 -8.37
CA LEU D 251 33.51 17.67 -8.59
C LEU D 251 33.87 18.97 -9.32
N PHE D 252 35.09 19.48 -9.12
CA PHE D 252 35.54 20.80 -9.64
C PHE D 252 36.21 20.65 -11.02
N ASP D 253 36.35 19.41 -11.51
CA ASP D 253 36.93 19.10 -12.85
C ASP D 253 35.81 19.19 -13.90
N GLU D 254 35.63 20.35 -14.52
CA GLU D 254 34.55 20.62 -15.49
C GLU D 254 34.73 19.77 -16.75
N LYS D 255 35.98 19.44 -17.10
CA LYS D 255 36.30 18.67 -18.34
C LYS D 255 35.91 17.20 -18.11
N ARG D 256 36.11 16.68 -16.91
CA ARG D 256 35.67 15.30 -16.53
C ARG D 256 34.14 15.23 -16.67
N HIS D 257 33.42 16.24 -16.20
CA HIS D 257 31.94 16.33 -16.32
C HIS D 257 31.52 16.31 -17.79
N GLU D 258 32.18 17.11 -18.63
CA GLU D 258 31.85 17.22 -20.08
C GLU D 258 32.02 15.85 -20.75
N HIS D 259 33.10 15.14 -20.44
CA HIS D 259 33.38 13.76 -20.95
C HIS D 259 32.21 12.85 -20.57
N LEU D 260 31.89 12.77 -19.27
CA LEU D 260 30.81 11.88 -18.74
C LEU D 260 29.45 12.30 -19.30
N LEU D 261 29.26 13.58 -19.62
CA LEU D 261 28.01 14.12 -20.22
C LEU D 261 27.84 13.56 -21.64
N SER D 262 28.90 13.56 -22.45
CA SER D 262 28.90 13.07 -23.86
C SER D 262 28.70 11.54 -23.89
N LYS D 263 29.25 10.82 -22.91
CA LYS D 263 29.04 9.35 -22.74
C LYS D 263 27.60 9.06 -22.27
N GLY D 264 26.91 10.05 -21.69
CA GLY D 264 25.53 9.92 -21.19
C GLY D 264 25.49 9.40 -19.76
N GLU D 265 26.64 9.37 -19.09
CA GLU D 265 26.80 8.92 -17.68
C GLU D 265 26.27 10.02 -16.74
N ARG D 266 26.29 11.27 -17.22
CA ARG D 266 25.63 12.45 -16.61
C ARG D 266 24.65 13.02 -17.62
N ARG D 267 23.66 13.77 -17.16
CA ARG D 267 22.56 14.31 -18.01
C ARG D 267 22.49 15.83 -17.87
N LEU D 268 22.75 16.37 -16.68
CA LEU D 268 22.67 17.83 -16.38
C LEU D 268 23.96 18.53 -16.83
N SER D 269 23.84 19.74 -17.39
CA SER D 269 24.97 20.69 -17.61
C SER D 269 25.68 20.92 -16.28
N TYR D 270 26.94 21.37 -16.33
CA TYR D 270 27.80 21.57 -15.14
C TYR D 270 27.19 22.64 -14.23
N ARG D 271 26.63 23.70 -14.80
CA ARG D 271 26.03 24.84 -14.04
C ARG D 271 24.72 24.40 -13.38
N ALA D 272 23.93 23.54 -14.05
CA ALA D 272 22.67 22.98 -13.50
C ALA D 272 22.99 22.13 -12.26
N LEU D 273 24.03 21.31 -12.36
CA LEU D 273 24.57 20.48 -11.25
C LEU D 273 24.90 21.37 -10.05
N GLN D 274 25.55 22.52 -10.29
CA GLN D 274 25.90 23.51 -9.25
C GLN D 274 24.62 24.01 -8.58
N GLY D 275 23.62 24.43 -9.38
CA GLY D 275 22.30 24.86 -8.90
C GLY D 275 21.65 23.84 -7.98
N ALA D 276 21.65 22.57 -8.37
CA ALA D 276 21.02 21.47 -7.61
C ALA D 276 21.71 21.33 -6.25
N LEU D 277 23.04 21.43 -6.23
CA LEU D 277 23.86 21.28 -5.00
C LEU D 277 23.65 22.53 -4.11
N MET D 278 23.48 23.71 -4.72
CA MET D 278 23.11 24.96 -4.00
C MET D 278 21.80 24.70 -3.24
N ILE D 279 20.77 24.17 -3.92
CA ILE D 279 19.42 23.91 -3.34
C ILE D 279 19.54 22.85 -2.24
N TYR D 280 20.38 21.82 -2.41
CA TYR D 280 20.60 20.76 -1.40
C TYR D 280 21.16 21.38 -0.11
N PHE D 281 22.27 22.12 -0.23
CA PHE D 281 23.01 22.64 0.93
C PHE D 281 22.19 23.72 1.65
N TYR D 282 21.47 24.57 0.91
CA TYR D 282 20.73 25.73 1.48
C TYR D 282 19.20 25.51 1.42
N ARG D 283 18.76 24.24 1.37
CA ARG D 283 17.32 23.85 1.22
C ARG D 283 16.44 24.58 2.24
N GLU D 284 16.93 24.87 3.44
CA GLU D 284 16.13 25.47 4.55
C GLU D 284 15.87 26.96 4.30
N GLU D 285 16.69 27.64 3.50
CA GLU D 285 16.44 29.04 3.08
C GLU D 285 15.07 29.09 2.44
N PRO D 286 14.17 30.02 2.84
CA PRO D 286 12.78 29.99 2.38
C PRO D 286 12.60 29.82 0.87
N ARG D 287 13.42 30.49 0.05
CA ARG D 287 13.30 30.45 -1.42
C ARG D 287 13.75 29.09 -1.97
N PHE D 288 14.47 28.27 -1.20
CA PHE D 288 14.97 26.95 -1.68
C PHE D 288 14.13 25.80 -1.11
N GLN D 289 13.13 26.09 -0.27
CA GLN D 289 12.33 25.04 0.44
C GLN D 289 11.53 24.21 -0.57
N VAL D 290 10.68 24.85 -1.38
CA VAL D 290 9.80 24.15 -2.37
C VAL D 290 10.65 23.63 -3.52
N PRO D 291 11.67 24.38 -4.03
CA PRO D 291 12.64 23.81 -4.97
C PRO D 291 13.32 22.52 -4.50
N PHE D 292 13.74 22.43 -3.24
CA PHE D 292 14.30 21.17 -2.67
C PHE D 292 13.25 20.05 -2.71
N GLN D 293 11.98 20.38 -2.42
CA GLN D 293 10.85 19.39 -2.51
C GLN D 293 10.72 18.91 -3.96
N LEU D 294 10.85 19.82 -4.93
CA LEU D 294 10.76 19.46 -6.38
C LEU D 294 11.87 18.46 -6.72
N LEU D 295 13.12 18.74 -6.37
CA LEU D 295 14.28 17.88 -6.71
C LEU D 295 14.08 16.49 -6.08
N THR D 296 13.53 16.44 -4.86
CA THR D 296 13.20 15.20 -4.12
C THR D 296 12.11 14.44 -4.92
N SER D 297 11.09 15.15 -5.41
CA SER D 297 9.97 14.58 -6.21
C SER D 297 10.49 13.97 -7.52
N LEU D 298 11.50 14.59 -8.14
CA LEU D 298 12.06 14.15 -9.44
C LEU D 298 12.76 12.81 -9.23
N MET D 299 13.54 12.69 -8.16
CA MET D 299 14.19 11.40 -7.79
C MET D 299 13.10 10.36 -7.46
N ASP D 300 12.02 10.74 -6.79
CA ASP D 300 10.90 9.82 -6.43
C ASP D 300 10.32 9.22 -7.71
N ILE D 301 10.11 10.06 -8.73
CA ILE D 301 9.53 9.63 -10.02
C ILE D 301 10.48 8.64 -10.71
N ASP D 302 11.78 8.94 -10.77
CA ASP D 302 12.80 7.99 -11.32
C ASP D 302 12.69 6.66 -10.57
N SER D 303 12.62 6.72 -9.23
CA SER D 303 12.62 5.54 -8.33
C SER D 303 11.34 4.72 -8.55
N LEU D 304 10.20 5.39 -8.74
CA LEU D 304 8.89 4.71 -8.88
C LEU D 304 8.74 4.12 -10.29
N MET D 305 9.32 4.77 -11.31
CA MET D 305 9.34 4.24 -12.69
C MET D 305 10.17 2.95 -12.72
N THR D 306 11.36 2.94 -12.13
CA THR D 306 12.21 1.72 -12.11
C THR D 306 11.51 0.62 -11.28
N LYS D 307 10.84 0.98 -10.17
CA LYS D 307 10.05 0.02 -9.36
C LYS D 307 8.87 -0.53 -10.18
N TRP D 308 8.17 0.31 -10.96
CA TRP D 308 7.12 -0.18 -11.90
C TRP D 308 7.74 -1.26 -12.80
N ARG D 309 8.90 -0.98 -13.39
CA ARG D 309 9.57 -1.91 -14.34
C ARG D 309 9.85 -3.23 -13.62
N TYR D 310 10.39 -3.18 -12.39
CA TYR D 310 10.78 -4.42 -11.66
C TYR D 310 9.55 -5.21 -11.20
N ASN D 311 8.46 -4.56 -10.79
CA ASN D 311 7.19 -5.26 -10.46
C ASN D 311 6.72 -5.98 -11.73
N HIS D 312 6.71 -5.29 -12.88
CA HIS D 312 6.40 -5.87 -14.22
C HIS D 312 7.28 -7.12 -14.44
N VAL D 313 8.60 -6.98 -14.28
CA VAL D 313 9.60 -8.09 -14.42
C VAL D 313 9.19 -9.28 -13.54
N CYS D 314 8.93 -9.06 -12.25
CA CYS D 314 8.71 -10.17 -11.28
C CYS D 314 7.45 -10.96 -11.68
N MET D 315 6.37 -10.25 -12.03
CA MET D 315 5.10 -10.86 -12.49
C MET D 315 5.35 -11.65 -13.78
N VAL D 316 6.04 -11.04 -14.76
CA VAL D 316 6.25 -11.64 -16.12
C VAL D 316 7.06 -12.94 -15.95
N HIS D 317 8.00 -13.00 -15.01
CA HIS D 317 8.78 -14.25 -14.77
C HIS D 317 7.81 -15.40 -14.49
N ARG D 318 6.78 -15.20 -13.67
CA ARG D 318 5.84 -16.29 -13.30
C ARG D 318 4.89 -16.58 -14.47
N MET D 319 4.55 -15.57 -15.28
CA MET D 319 3.62 -15.72 -16.41
C MET D 319 4.28 -16.49 -17.56
N LEU D 320 5.54 -16.20 -17.90
CA LEU D 320 6.20 -16.69 -19.14
C LEU D 320 7.35 -17.65 -18.85
N GLY D 321 7.91 -17.63 -17.64
CA GLY D 321 9.25 -18.20 -17.40
C GLY D 321 10.24 -17.62 -18.40
N SER D 322 10.86 -18.47 -19.21
CA SER D 322 11.86 -18.04 -20.23
C SER D 322 11.25 -18.04 -21.64
N LYS D 323 9.92 -18.08 -21.78
CA LYS D 323 9.24 -17.95 -23.10
C LYS D 323 9.50 -16.55 -23.68
N ALA D 324 9.67 -16.47 -25.00
CA ALA D 324 9.80 -15.22 -25.77
C ALA D 324 8.46 -14.47 -25.75
N GLY D 325 8.51 -13.13 -25.78
CA GLY D 325 7.31 -12.27 -25.70
C GLY D 325 6.60 -12.12 -27.03
N THR D 326 5.28 -11.91 -27.01
CA THR D 326 4.43 -11.64 -28.19
C THR D 326 4.98 -10.43 -28.96
N GLY D 327 5.72 -9.54 -28.29
CA GLY D 327 6.29 -8.31 -28.89
C GLY D 327 7.58 -8.55 -29.66
N GLY D 328 8.16 -9.75 -29.58
CA GLY D 328 9.39 -10.12 -30.32
C GLY D 328 10.63 -10.03 -29.44
N SER D 329 10.50 -9.66 -28.16
CA SER D 329 11.64 -9.63 -27.21
C SER D 329 11.88 -11.03 -26.65
N SER D 330 12.98 -11.20 -25.90
CA SER D 330 13.32 -12.45 -25.17
C SER D 330 12.36 -12.66 -23.99
N GLY D 331 11.57 -11.64 -23.64
CA GLY D 331 10.58 -11.67 -22.56
C GLY D 331 11.17 -11.21 -21.25
N TYR D 332 11.15 -12.08 -20.24
CA TYR D 332 11.67 -11.82 -18.87
C TYR D 332 13.08 -11.25 -18.94
N HIS D 333 13.98 -11.90 -19.69
CA HIS D 333 15.41 -11.52 -19.81
C HIS D 333 15.55 -10.08 -20.32
N TYR D 334 14.81 -9.71 -21.37
CA TYR D 334 14.82 -8.33 -21.92
C TYR D 334 14.37 -7.33 -20.84
N LEU D 335 13.25 -7.62 -20.17
CA LEU D 335 12.63 -6.70 -19.17
C LEU D 335 13.62 -6.44 -18.02
N ARG D 336 14.36 -7.46 -17.56
CA ARG D 336 15.39 -7.28 -16.50
C ARG D 336 16.41 -6.23 -16.92
N SER D 337 16.73 -6.16 -18.23
CA SER D 337 17.77 -5.27 -18.78
C SER D 337 17.28 -3.81 -18.80
N THR D 338 15.96 -3.55 -18.70
CA THR D 338 15.39 -2.17 -18.61
C THR D 338 15.41 -1.65 -17.16
N VAL D 339 15.71 -2.51 -16.18
CA VAL D 339 15.87 -2.14 -14.75
C VAL D 339 17.33 -1.72 -14.58
N SER D 340 17.61 -0.47 -14.92
CA SER D 340 18.96 0.02 -15.28
C SER D 340 19.00 1.55 -15.21
N ASP D 341 20.17 2.11 -14.86
CA ASP D 341 20.36 3.58 -14.75
C ASP D 341 20.35 4.22 -16.15
N ARG D 342 20.32 3.41 -17.22
CA ARG D 342 20.04 3.88 -18.61
C ARG D 342 18.73 4.67 -18.66
N TYR D 343 17.75 4.30 -17.83
CA TYR D 343 16.36 4.83 -17.82
C TYR D 343 16.16 5.83 -16.66
N LYS D 344 17.20 6.03 -15.84
CA LYS D 344 17.18 6.96 -14.68
C LYS D 344 17.59 8.35 -15.17
N VAL D 345 16.59 9.18 -15.49
CA VAL D 345 16.75 10.50 -16.16
C VAL D 345 17.48 11.47 -15.22
N PHE D 346 17.10 11.50 -13.93
CA PHE D 346 17.68 12.42 -12.91
C PHE D 346 18.74 11.70 -12.09
N VAL D 347 19.51 10.80 -12.74
CA VAL D 347 20.64 10.06 -12.11
C VAL D 347 21.60 11.04 -11.44
N ASP D 348 21.78 12.25 -11.97
CA ASP D 348 22.73 13.24 -11.40
C ASP D 348 22.26 13.67 -10.01
N LEU D 349 20.93 13.73 -9.77
CA LEU D 349 20.37 14.17 -8.48
C LEU D 349 20.70 13.14 -7.39
N PHE D 350 20.64 11.85 -7.74
CA PHE D 350 21.07 10.73 -6.86
C PHE D 350 22.58 10.84 -6.61
N ASN D 351 23.37 11.04 -7.67
CA ASN D 351 24.85 10.89 -7.65
C ASN D 351 25.48 12.09 -6.93
N LEU D 352 24.76 13.21 -6.79
CA LEU D 352 25.20 14.37 -5.98
C LEU D 352 25.44 13.96 -4.52
N SER D 353 24.72 12.95 -4.00
CA SER D 353 24.90 12.44 -2.62
C SER D 353 26.35 11.94 -2.43
N THR D 354 27.06 11.62 -3.53
CA THR D 354 28.50 11.26 -3.53
C THR D 354 29.34 12.37 -2.86
N TYR D 355 28.96 13.64 -3.06
CA TYR D 355 29.78 14.84 -2.75
C TYR D 355 29.30 15.57 -1.49
N LEU D 356 28.46 14.94 -0.67
CA LEU D 356 28.01 15.54 0.61
C LEU D 356 29.21 15.67 1.54
N ILE D 357 29.30 16.81 2.25
CA ILE D 357 30.46 17.21 3.08
C ILE D 357 29.95 17.53 4.48
N PRO D 358 30.82 17.57 5.52
CA PRO D 358 30.40 18.02 6.85
C PRO D 358 29.70 19.38 6.79
N ARG D 359 28.69 19.55 7.66
CA ARG D 359 27.80 20.73 7.72
C ARG D 359 28.67 22.01 7.81
N HIS D 360 29.71 22.00 8.64
CA HIS D 360 30.52 23.22 8.94
C HIS D 360 31.44 23.58 7.76
N TRP D 361 31.63 22.69 6.77
CA TRP D 361 32.38 22.99 5.52
C TRP D 361 31.54 23.85 4.56
N ILE D 362 30.21 23.82 4.67
CA ILE D 362 29.32 24.50 3.68
C ILE D 362 29.53 26.00 3.80
N PRO D 363 29.79 26.72 2.69
CA PRO D 363 30.01 28.16 2.75
C PRO D 363 28.90 28.86 3.54
N LYS D 364 29.30 29.74 4.47
CA LYS D 364 28.38 30.49 5.36
C LYS D 364 27.61 31.52 4.51
N MET D 365 26.37 31.79 4.91
CA MET D 365 25.51 32.87 4.34
C MET D 365 25.54 34.06 5.29
N ASN D 366 26.01 35.22 4.80
CA ASN D 366 25.94 36.53 5.51
C ASN D 366 24.47 36.96 5.54
N PRO D 367 24.11 37.99 6.36
CA PRO D 367 22.73 38.49 6.38
C PRO D 367 22.17 39.02 5.04
N THR D 368 23.02 39.42 4.08
CA THR D 368 22.60 39.97 2.76
C THR D 368 22.00 38.86 1.88
N ILE D 369 22.72 37.75 1.73
CA ILE D 369 22.29 36.58 0.89
C ILE D 369 21.13 35.87 1.60
N HIS D 370 21.15 35.80 2.93
CA HIS D 370 20.01 35.34 3.78
C HIS D 370 18.75 36.14 3.43
N LYS D 371 18.88 37.47 3.26
CA LYS D 371 17.76 38.39 2.98
C LYS D 371 17.26 38.22 1.53
N PHE D 372 18.16 37.97 0.58
CA PHE D 372 17.84 37.78 -0.86
C PHE D 372 17.17 36.41 -1.08
N LEU D 373 17.39 35.44 -0.18
CA LEU D 373 16.79 34.08 -0.24
C LEU D 373 15.60 33.96 0.73
N GLU D 374 15.08 35.09 1.21
CA GLU D 374 13.77 35.20 1.93
C GLU D 374 12.70 35.66 0.92
N HIS D 375 11.44 35.31 1.16
CA HIS D 375 10.29 35.63 0.28
C HIS D 375 9.94 37.12 0.40
CHA HEM E . -8.60 -0.90 22.53
CHB HEM E . -9.35 -5.49 21.12
CHC HEM E . -5.26 -5.30 18.45
CHD HEM E . -4.31 -0.94 20.35
C1A HEM E . -9.15 -2.16 22.35
C2A HEM E . -10.35 -2.59 22.96
C3A HEM E . -10.56 -3.88 22.58
C4A HEM E . -9.49 -4.25 21.72
CMA HEM E . -11.74 -4.75 22.96
CAA HEM E . -11.24 -1.79 23.88
CBA HEM E . -10.70 -1.89 25.31
CGA HEM E . -11.02 -3.24 25.91
O1A HEM E . -10.17 -4.17 25.94
O2A HEM E . -12.17 -3.45 26.39
C1B HEM E . -8.29 -5.81 20.26
C2B HEM E . -8.18 -7.09 19.62
C3B HEM E . -7.05 -7.05 18.84
C4B HEM E . -6.45 -5.71 19.06
CMB HEM E . -9.16 -8.24 19.74
CAB HEM E . -6.43 -8.11 18.02
CBB HEM E . -6.78 -9.40 18.05
C1C HEM E . -4.62 -4.09 18.73
C2C HEM E . -3.36 -3.70 18.28
C3C HEM E . -3.08 -2.45 18.81
C4C HEM E . -4.18 -2.10 19.63
CMC HEM E . -2.45 -4.48 17.35
CAC HEM E . -1.78 -1.78 18.59
CBC HEM E . -1.26 -0.87 19.39
C1D HEM E . -5.43 -0.61 21.08
C2D HEM E . -5.54 0.70 21.75
C3D HEM E . -6.73 0.71 22.35
C4D HEM E . -7.36 -0.58 22.03
CMD HEM E . -4.53 1.83 21.79
CAD HEM E . -7.33 1.84 23.14
CBD HEM E . -8.12 2.61 22.05
CGD HEM E . -9.12 3.64 22.52
O1D HEM E . -9.49 3.69 23.72
O2D HEM E . -9.60 4.44 21.69
NA HEM E . -8.63 -3.20 21.59
NB HEM E . -7.25 -5.03 19.90
NC HEM E . -5.10 -3.13 19.57
ND HEM E . -6.53 -1.35 21.28
FE HEM E . -6.91 -3.07 20.59
C CMO F . -5.84 -3.71 21.99
O CMO F . -5.23 -3.75 22.94
N TRP G . -8.61 -6.37 24.68
CA TRP G . -8.43 -7.53 23.77
C TRP G . -9.65 -8.46 23.88
O TRP G . -10.66 -8.06 24.46
CB TRP G . -7.12 -8.28 24.07
CG TRP G . -5.90 -7.57 23.57
CD1 TRP G . -5.71 -7.02 22.33
CD2 TRP G . -4.67 -7.37 24.28
NE1 TRP G . -4.45 -6.50 22.23
CE2 TRP G . -3.79 -6.70 23.40
CE3 TRP G . -4.22 -7.71 25.56
CZ2 TRP G . -2.49 -6.35 23.78
CZ3 TRP G . -2.93 -7.36 25.93
CH2 TRP G . -2.08 -6.69 25.05
OXT TRP G . -9.63 -9.59 23.38
N TRP H . 6.73 33.37 11.12
CA TRP H . 5.99 34.53 11.73
C TRP H . 5.51 34.16 13.13
O TRP H . 4.96 35.01 13.83
CB TRP H . 4.82 34.97 10.84
CG TRP H . 3.69 33.99 10.71
CD1 TRP H . 2.84 33.59 11.69
CD2 TRP H . 3.27 33.31 9.51
NE1 TRP H . 1.92 32.70 11.18
CE2 TRP H . 2.16 32.52 9.85
CE3 TRP H . 3.72 33.31 8.18
CZ2 TRP H . 1.49 31.72 8.92
CZ3 TRP H . 3.05 32.52 7.26
CH2 TRP H . 1.96 31.74 7.63
OXT TRP H . 5.67 33.02 13.59
CHA HEM I . 23.31 -3.76 3.25
CHB HEM I . 23.19 1.07 3.15
CHC HEM I . 18.86 0.95 5.38
CHD HEM I . 19.26 -3.83 5.91
C1A HEM I . 23.62 -2.45 3.02
C2A HEM I . 24.79 -2.02 2.36
C3A HEM I . 24.76 -0.66 2.33
C4A HEM I . 23.58 -0.24 2.97
CMA HEM I . 25.82 0.24 1.71
CAA HEM I . 25.88 -2.90 1.79
CBA HEM I . 26.92 -3.24 2.87
CGA HEM I . 27.77 -2.05 3.27
O1A HEM I . 28.77 -1.72 2.57
O2A HEM I . 27.46 -1.39 4.29
C1B HEM I . 21.98 1.43 3.75
C2B HEM I . 21.56 2.79 3.88
C3B HEM I . 20.32 2.79 4.48
C4B HEM I . 20.03 1.37 4.75
CMB HEM I . 22.32 4.00 3.39
CAB HEM I . 19.44 3.89 4.91
CBB HEM I . 19.81 5.17 4.96
C1C HEM I . 18.58 -0.36 5.73
C2C HEM I . 17.49 -0.79 6.48
C3C HEM I . 17.59 -2.15 6.62
C4C HEM I . 18.79 -2.55 5.98
CMC HEM I . 16.37 0.06 7.03
CAC HEM I . 16.63 -2.95 7.43
CBC HEM I . 16.92 -4.12 8.00
C1D HEM I . 20.41 -4.16 5.21
C2D HEM I . 20.81 -5.55 5.06
C3D HEM I . 21.94 -5.54 4.32
C4D HEM I . 22.19 -4.14 4.01
CMD HEM I . 20.11 -6.77 5.62
CAD HEM I . 22.74 -6.73 3.85
CBD HEM I . 22.20 -6.96 2.41
CGD HEM I . 22.91 -7.96 1.53
O1D HEM I . 22.31 -8.50 0.57
O2D HEM I . 24.10 -8.25 1.72
NA HEM I . 22.89 -1.34 3.40
NB HEM I . 21.05 0.63 4.29
NC HEM I . 19.38 -1.44 5.44
ND HEM I . 21.26 -3.34 4.57
FE HEM I . 21.17 -1.47 4.41
C CMO J . 22.06 -1.34 6.07
O CMO J . 22.32 -1.85 7.05
N TRP K . 25.94 0.87 5.61
CA TRP K . 25.29 2.22 5.69
C TRP K . 26.13 3.24 4.93
O TRP K . 25.91 4.46 5.00
CB TRP K . 25.10 2.61 7.15
CG TRP K . 23.99 1.87 7.82
CD1 TRP K . 22.76 1.60 7.29
CD2 TRP K . 23.98 1.30 9.14
NE1 TRP K . 22.00 0.91 8.20
CE2 TRP K . 22.73 0.71 9.34
CE3 TRP K . 24.92 1.22 10.18
CZ2 TRP K . 22.37 0.06 10.52
CZ3 TRP K . 24.58 0.59 11.35
CH2 TRP K . 23.32 0.02 11.51
OXT TRP K . 27.05 2.86 4.21
N TRP L . 0.54 -35.88 1.96
CA TRP L . 1.33 -36.98 1.35
C TRP L . 2.82 -36.86 1.72
O TRP L . 3.25 -35.86 2.30
CB TRP L . 1.14 -36.99 -0.17
CG TRP L . 1.74 -35.83 -0.91
CD1 TRP L . 3.07 -35.56 -1.05
CD2 TRP L . 1.02 -34.82 -1.64
NE1 TRP L . 3.23 -34.44 -1.83
CE2 TRP L . 2.00 -33.96 -2.20
CE3 TRP L . -0.32 -34.54 -1.87
CZ2 TRP L . 1.66 -32.86 -2.98
CZ3 TRP L . -0.66 -33.45 -2.65
CH2 TRP L . 0.32 -32.62 -3.19
OXT TRP L . 3.59 -37.76 1.45
CHA HEM M . -21.83 9.49 -2.80
CHB HEM M . -19.10 13.49 -2.71
CHC HEM M . -15.45 11.10 -4.92
CHD HEM M . -18.45 7.31 -5.49
C1A HEM M . -21.37 10.78 -2.58
C2A HEM M . -22.11 11.77 -1.90
C3A HEM M . -21.36 12.89 -1.87
C4A HEM M . -20.13 12.61 -2.54
CMA HEM M . -21.74 14.21 -1.25
CAA HEM M . -23.51 11.61 -1.34
CBA HEM M . -24.50 11.85 -2.49
CGA HEM M . -24.60 13.32 -2.83
O1A HEM M . -25.24 14.11 -2.07
O2A HEM M . -24.05 13.79 -3.87
C1B HEM M . -17.87 13.17 -3.31
C2B HEM M . -16.79 14.10 -3.39
C3B HEM M . -15.73 13.44 -3.99
C4B HEM M . -16.22 12.07 -4.29
CMB HEM M . -16.83 15.51 -2.89
CAB HEM M . -14.39 13.94 -4.39
CBB HEM M . -14.02 15.22 -4.40
C1C HEM M . -15.95 9.84 -5.29
C2C HEM M . -15.28 8.87 -6.05
C3C HEM M . -16.12 7.78 -6.21
C4C HEM M . -17.34 8.13 -5.57
CMC HEM M . -13.87 8.95 -6.59
CAC HEM M . -15.75 6.62 -7.05
CBC HEM M . -16.66 5.90 -7.71
C1D HEM M . -19.59 7.64 -4.78
C2D HEM M . -20.69 6.67 -4.65
C3D HEM M . -21.61 7.29 -3.92
C4D HEM M . -21.08 8.61 -3.57
CMD HEM M . -20.78 5.27 -5.21
CAD HEM M . -22.91 6.70 -3.46
CBD HEM M . -22.55 6.12 -2.08
CGD HEM M . -23.72 5.69 -1.23
O1D HEM M . -23.52 4.99 -0.22
O2D HEM M . -24.90 6.02 -1.52
NA HEM M . -20.15 11.31 -2.97
NB HEM M . -17.50 11.99 -3.84
NC HEM M . -17.20 9.36 -5.00
ND HEM M . -19.87 8.78 -4.14
FE HEM M . -18.74 10.30 -3.97
C CMO N . -19.34 10.79 -5.67
O CMO N . -19.98 10.68 -6.60
N TRP O . -21.52 14.89 -5.25
CA TRP O . -20.23 15.64 -5.26
C TRP O . -20.39 16.97 -4.51
O TRP O . -19.49 17.83 -4.49
CB TRP O . -19.75 15.85 -6.70
CG TRP O . -19.25 14.61 -7.35
CD1 TRP O . -18.36 13.72 -6.82
CD2 TRP O . -19.56 14.13 -8.68
NE1 TRP O . -18.11 12.72 -7.72
CE2 TRP O . -18.82 12.94 -8.87
CE3 TRP O . -20.38 14.59 -9.72
CZ2 TRP O . -18.87 12.21 -10.06
CZ3 TRP O . -20.44 13.86 -10.89
CH2 TRP O . -19.70 12.70 -11.05
OXT TRP O . -21.44 17.21 -3.90
N TRP P . -20.07 -30.02 -2.02
CA TRP P . -21.31 -30.54 -1.37
C TRP P . -22.50 -29.64 -1.74
O TRP P . -22.39 -28.58 -2.36
CB TRP P . -21.14 -30.64 0.15
CG TRP P . -21.00 -29.33 0.86
CD1 TRP P . -21.94 -28.35 0.97
CD2 TRP P . -19.85 -28.86 1.59
NE1 TRP P . -21.47 -27.31 1.72
CE2 TRP P . -20.19 -27.58 2.11
CE3 TRP P . -18.58 -29.38 1.87
CZ2 TRP P . -19.30 -26.84 2.88
CZ3 TRP P . -17.70 -28.63 2.62
CH2 TRP P . -18.06 -27.38 3.12
OXT TRP P . -23.63 -29.96 -1.39
CHA HEM Q . 6.66 -5.15 -22.14
CHB HEM Q . 4.76 -9.41 -20.81
CHC HEM Q . 1.39 -7.08 -18.16
CHD HEM Q . 2.96 -2.89 -19.99
C1A HEM Q . 6.42 -6.50 -21.98
C2A HEM Q . 7.18 -7.50 -22.58
C3A HEM Q . 6.66 -8.70 -22.22
C4A HEM Q . 5.55 -8.43 -21.38
CMA HEM Q . 7.16 -10.06 -22.61
CAA HEM Q . 8.38 -7.32 -23.49
CBA HEM Q . 7.90 -7.12 -24.93
CGA HEM Q . 7.40 -8.39 -25.57
O1A HEM Q . 8.21 -9.19 -26.10
O2A HEM Q . 6.16 -8.65 -25.58
C1B HEM Q . 3.67 -9.12 -19.96
C2B HEM Q . 2.90 -10.15 -19.34
C3B HEM Q . 1.95 -9.51 -18.57
C4B HEM Q . 2.18 -8.07 -18.77
CMB HEM Q . 3.10 -11.66 -19.49
CAB HEM Q . 0.85 -10.05 -17.76
CBB HEM Q . 0.41 -11.29 -17.79
C1C HEM Q . 1.50 -5.72 -18.42
C2C HEM Q . 0.65 -4.72 -17.91
C3C HEM Q . 1.10 -3.52 -18.43
C4C HEM Q . 2.21 -3.80 -19.29
CMC HEM Q . -0.52 -4.91 -16.98
CAC HEM Q . 0.41 -2.23 -18.18
CBC HEM Q . 0.54 -1.15 -18.95
C1D HEM Q . 4.10 -3.20 -20.71
C2D HEM Q . 4.91 -2.16 -21.34
C3D HEM Q . 5.93 -2.78 -21.94
C4D HEM Q . 5.76 -4.21 -21.64
CMD HEM Q . 4.69 -0.66 -21.38
CAD HEM Q . 7.08 -2.13 -22.68
CBD HEM Q . 8.15 -1.97 -21.55
CGD HEM Q . 9.57 -1.62 -21.96
O1D HEM Q . 10.42 -1.28 -21.11
O2D HEM Q . 9.95 -1.69 -23.14
NA HEM Q . 5.40 -7.08 -21.24
NB HEM Q . 3.22 -7.92 -19.60
NC HEM Q . 2.43 -5.15 -19.23
ND HEM Q . 4.65 -4.42 -20.91
FE HEM Q . 3.99 -6.05 -20.25
C CMO R . 2.71 -6.09 -21.87
O CMO R . 2.08 -5.45 -22.54
N TRP S . 3.60 -9.70 -24.36
CA TRP S . 2.82 -10.62 -23.47
C TRP S . 3.31 -12.06 -23.64
O TRP S . 4.37 -12.27 -24.25
CB TRP S . 1.33 -10.52 -23.78
CG TRP S . 0.70 -9.23 -23.35
CD1 TRP S . 0.82 -8.62 -22.13
CD2 TRP S . -0.18 -8.40 -24.12
NE1 TRP S . 0.07 -7.48 -22.09
CE2 TRP S . -0.56 -7.31 -23.30
CE3 TRP S . -0.70 -8.48 -25.41
CZ2 TRP S . -1.42 -6.31 -23.74
CZ3 TRP S . -1.54 -7.47 -25.85
CH2 TRP S . -1.90 -6.41 -25.03
OXT TRP S . 2.67 -12.99 -23.16
N TRP T . 12.58 32.19 -10.10
CA TRP T . 13.88 32.69 -10.66
C TRP T . 14.07 32.20 -12.09
O TRP T . 15.01 32.61 -12.76
CB TRP T . 15.07 32.30 -9.76
CG TRP T . 15.39 30.84 -9.70
CD1 TRP T . 15.84 30.04 -10.71
CD2 TRP T . 15.34 29.99 -8.53
NE1 TRP T . 16.05 28.77 -10.26
CE2 TRP T . 15.76 28.71 -8.92
CE3 TRP T . 14.97 30.21 -7.19
CZ2 TRP T . 15.81 27.64 -8.03
CZ3 TRP T . 15.03 29.16 -6.31
CH2 TRP T . 15.45 27.89 -6.72
OXT TRP T . 13.30 31.38 -12.59
#